data_3G5N
#
_entry.id   3G5N
#
_cell.length_a   86.696
_cell.length_b   152.526
_cell.length_c   181.903
_cell.angle_alpha   90.00
_cell.angle_beta   90.00
_cell.angle_gamma   90.00
#
_symmetry.space_group_name_H-M   'P 21 21 21'
#
loop_
_entity.id
_entity.type
_entity.pdbx_description
1 polymer 'Cytochrome P450 2B4'
2 non-polymer 'PROTOPORPHYRIN IX CONTAINING FE'
3 non-polymer 1-(biphenyl-4-ylmethyl)-1H-imidazole
4 non-polymer 5-CYCLOHEXYL-1-PENTYL-BETA-D-MALTOSIDE
5 water water
#
_entity_poly.entity_id   1
_entity_poly.type   'polypeptide(L)'
_entity_poly.pdbx_seq_one_letter_code
;MAKKTSSKGKLPPGPSPLPVLGNLLQMDRKGLLRSFLRLREKYGDVFTVYLGSRPVVVLCGTDAIREALVDQAEAFSGRG
KIAVVDPIFQGYGVIFANGERWRALRRFSLATMRDFGMGKRSVEERIQEEARCLVEELRKSKGALLDNTLLFHSITSNII
CSIVFGKRFDYKDPVFLRLLDLFFQSFSLISSFSSQVFELFSGFLKYFPGTHRQIYRNLQEINTFIGQSVEKHRATLDPS
NPRDFIDVYLLRMEKDKSDPSSEFHHQNLILTVLSLFFAGTETTSTTLRYGFLLMLKYPHVTERVQKEIEQVIGSHRPPA
LDDRAKMPYTDAVIHEIQRLGDLIPFGVPHTVTKDTQFRGYVIPKNTEVFPVLSSALHDPRYFETPNTFNPGHFLDANGA
LKRNEGFMPFSLGKRICLGEGIARTELFLFFTTILQNFSIASPVPPEDIDLTPRESGVGNVPPSYQIRFLARHHHH
;
_entity_poly.pdbx_strand_id   A,B,C,D
#
# COMPACT_ATOMS: atom_id res chain seq x y z
N LYS A 8 -2.88 -25.06 -6.08
CA LYS A 8 -3.30 -24.76 -4.70
C LYS A 8 -4.07 -23.38 -4.75
N GLY A 9 -3.41 -22.31 -4.30
CA GLY A 9 -3.73 -20.93 -4.63
C GLY A 9 -2.92 -20.13 -5.67
N LYS A 10 -3.00 -20.52 -6.93
CA LYS A 10 -2.41 -19.77 -8.03
C LYS A 10 -3.35 -18.68 -8.54
N LEU A 11 -2.82 -17.70 -9.26
CA LEU A 11 -3.74 -16.68 -9.83
C LEU A 11 -4.47 -17.29 -11.03
N PRO A 12 -5.57 -16.64 -11.49
CA PRO A 12 -6.27 -17.20 -12.64
C PRO A 12 -5.39 -17.18 -13.89
N PRO A 13 -5.52 -18.20 -14.75
CA PRO A 13 -4.71 -18.35 -15.97
C PRO A 13 -5.17 -17.34 -17.02
N GLY A 14 -4.35 -17.11 -18.02
CA GLY A 14 -4.69 -16.19 -19.07
C GLY A 14 -3.59 -16.12 -20.12
N PRO A 15 -3.82 -15.38 -21.20
CA PRO A 15 -2.81 -15.13 -22.24
C PRO A 15 -1.69 -14.20 -21.76
N SER A 16 -0.46 -14.49 -22.18
CA SER A 16 0.71 -13.72 -21.78
C SER A 16 0.69 -12.33 -22.33
N PRO A 17 0.84 -11.33 -21.46
CA PRO A 17 0.66 -9.96 -21.90
C PRO A 17 1.93 -9.40 -22.48
N LEU A 18 1.80 -8.46 -23.39
CA LEU A 18 2.96 -7.73 -23.95
C LEU A 18 3.25 -6.50 -23.11
N PRO A 19 4.53 -6.08 -23.06
CA PRO A 19 4.82 -4.79 -22.41
C PRO A 19 4.04 -3.66 -23.08
N VAL A 20 3.47 -2.77 -22.24
CA VAL A 20 2.68 -1.65 -22.70
C VAL A 20 1.30 -2.06 -23.17
N LEU A 21 1.24 -2.90 -24.19
CA LEU A 21 -0.05 -3.25 -24.81
C LEU A 21 -0.89 -4.27 -23.99
N GLY A 22 -0.28 -5.06 -23.11
CA GLY A 22 -1.07 -6.02 -22.34
C GLY A 22 -1.57 -7.02 -23.36
N ASN A 23 -2.88 -7.34 -23.35
CA ASN A 23 -3.35 -8.41 -24.24
C ASN A 23 -4.09 -7.81 -25.40
N LEU A 24 -3.92 -6.52 -25.63
CA LEU A 24 -4.65 -5.82 -26.73
C LEU A 24 -4.58 -6.46 -28.11
N LEU A 25 -3.44 -7.00 -28.49
CA LEU A 25 -3.32 -7.67 -29.79
C LEU A 25 -4.03 -9.01 -29.85
N GLN A 26 -4.34 -9.63 -28.70
CA GLN A 26 -5.16 -10.85 -28.59
C GLN A 26 -6.68 -10.61 -28.69
N MET A 27 -7.12 -9.51 -29.28
CA MET A 27 -8.55 -9.25 -29.53
C MET A 27 -8.89 -9.52 -30.98
N ASP A 28 -10.06 -10.09 -31.28
CA ASP A 28 -10.52 -10.39 -32.66
C ASP A 28 -10.90 -9.14 -33.43
N ARG A 29 -10.77 -9.18 -34.75
CA ARG A 29 -11.43 -8.20 -35.60
C ARG A 29 -12.95 -8.28 -35.36
N LYS A 30 -13.38 -9.38 -34.72
CA LYS A 30 -14.79 -9.72 -34.53
C LYS A 30 -15.41 -9.12 -33.24
N GLY A 31 -14.68 -8.26 -32.53
CA GLY A 31 -15.18 -7.55 -31.34
C GLY A 31 -14.73 -8.09 -29.99
N LEU A 32 -14.89 -7.30 -28.94
CA LEU A 32 -14.46 -7.71 -27.59
C LEU A 32 -15.22 -8.88 -27.02
N LEU A 33 -16.52 -8.94 -27.25
CA LEU A 33 -17.26 -10.01 -26.69
C LEU A 33 -16.77 -11.37 -27.25
N ARG A 34 -16.59 -11.49 -28.58
CA ARG A 34 -16.11 -12.73 -29.15
C ARG A 34 -14.72 -13.08 -28.67
N SER A 35 -13.88 -12.05 -28.55
CA SER A 35 -12.53 -12.19 -28.00
C SER A 35 -12.56 -12.82 -26.61
N PHE A 36 -13.42 -12.30 -25.75
CA PHE A 36 -13.61 -12.91 -24.45
C PHE A 36 -14.15 -14.33 -24.52
N LEU A 37 -15.04 -14.61 -25.46
CA LEU A 37 -15.57 -15.98 -25.54
C LEU A 37 -14.49 -16.97 -25.99
N ARG A 38 -13.61 -16.53 -26.88
CA ARG A 38 -12.48 -17.33 -27.35
C ARG A 38 -11.53 -17.64 -26.19
N LEU A 39 -11.12 -16.64 -25.43
CA LEU A 39 -10.31 -16.83 -24.23
C LEU A 39 -10.94 -17.82 -23.27
N ARG A 40 -12.25 -17.68 -23.07
CA ARG A 40 -12.97 -18.61 -22.21
C ARG A 40 -12.83 -20.07 -22.61
N GLU A 41 -13.00 -20.34 -23.90
CA GLU A 41 -12.78 -21.68 -24.44
C GLU A 41 -11.41 -22.19 -24.05
N LYS A 42 -10.39 -21.34 -24.23
CA LYS A 42 -9.02 -21.69 -23.95
C LYS A 42 -8.67 -21.82 -22.44
N TYR A 43 -9.20 -20.97 -21.59
CA TYR A 43 -8.73 -20.86 -20.20
C TYR A 43 -9.80 -21.19 -19.17
N GLY A 44 -11.05 -21.04 -19.56
CA GLY A 44 -12.14 -21.46 -18.71
C GLY A 44 -12.95 -20.29 -18.17
N ASP A 45 -13.72 -20.52 -17.12
CA ASP A 45 -14.67 -19.51 -16.70
C ASP A 45 -14.04 -18.34 -15.92
N VAL A 46 -12.90 -18.55 -15.29
CA VAL A 46 -12.17 -17.49 -14.60
C VAL A 46 -10.73 -17.34 -15.19
N PHE A 47 -10.47 -16.22 -15.84
CA PHE A 47 -9.19 -15.99 -16.49
C PHE A 47 -8.74 -14.52 -16.40
N THR A 48 -7.45 -14.28 -16.57
CA THR A 48 -6.86 -13.01 -16.30
C THR A 48 -6.39 -12.43 -17.63
N VAL A 49 -6.73 -11.17 -17.84
CA VAL A 49 -6.48 -10.48 -19.09
C VAL A 49 -5.82 -9.14 -18.70
N TYR A 50 -4.97 -8.55 -19.55
CA TYR A 50 -4.22 -7.37 -19.09
C TYR A 50 -4.64 -6.13 -19.89
N LEU A 51 -5.09 -5.07 -19.22
CA LEU A 51 -5.39 -3.80 -19.94
C LEU A 51 -4.24 -2.82 -19.64
N GLY A 52 -3.45 -2.50 -20.62
CA GLY A 52 -2.17 -1.92 -20.28
C GLY A 52 -1.36 -2.90 -19.41
N SER A 53 -0.85 -2.44 -18.26
CA SER A 53 -0.09 -3.31 -17.36
C SER A 53 -0.93 -3.83 -16.17
N ARG A 54 -2.23 -3.53 -16.21
CA ARG A 54 -3.16 -3.85 -15.16
C ARG A 54 -3.89 -5.18 -15.43
N PRO A 55 -3.79 -6.10 -14.48
CA PRO A 55 -4.51 -7.35 -14.59
C PRO A 55 -6.00 -7.05 -14.35
N VAL A 56 -6.90 -7.65 -15.12
CA VAL A 56 -8.29 -7.80 -14.71
C VAL A 56 -8.72 -9.25 -14.85
N VAL A 57 -9.36 -9.74 -13.79
CA VAL A 57 -9.90 -11.10 -13.78
C VAL A 57 -11.32 -11.01 -14.32
N VAL A 58 -11.60 -11.87 -15.29
CA VAL A 58 -12.84 -11.95 -16.04
C VAL A 58 -13.64 -13.18 -15.57
N LEU A 59 -14.93 -12.99 -15.30
CA LEU A 59 -15.79 -14.04 -14.80
C LEU A 59 -16.80 -14.42 -15.91
N CYS A 60 -16.85 -15.70 -16.31
CA CYS A 60 -17.81 -16.16 -17.33
C CYS A 60 -18.72 -17.33 -16.91
N GLY A 61 -19.94 -17.27 -17.45
CA GLY A 61 -20.97 -18.24 -17.17
C GLY A 61 -21.82 -17.82 -15.99
N THR A 62 -23.08 -18.25 -16.02
CA THR A 62 -23.99 -18.17 -14.89
C THR A 62 -23.41 -18.58 -13.54
N ASP A 63 -22.78 -19.74 -13.50
CA ASP A 63 -22.30 -20.31 -12.24
C ASP A 63 -21.18 -19.50 -11.59
N ALA A 64 -20.10 -19.18 -12.37
CA ALA A 64 -19.03 -18.33 -11.86
C ALA A 64 -19.58 -16.93 -11.40
N ILE A 65 -20.46 -16.32 -12.19
CA ILE A 65 -20.85 -14.97 -11.85
C ILE A 65 -21.67 -14.97 -10.59
N ARG A 66 -22.58 -15.92 -10.49
CA ARG A 66 -23.36 -16.10 -9.27
C ARG A 66 -22.51 -16.48 -8.03
N GLU A 67 -21.50 -17.37 -8.16
CA GLU A 67 -20.60 -17.73 -7.04
C GLU A 67 -19.84 -16.48 -6.56
N ALA A 68 -19.42 -15.62 -7.50
CA ALA A 68 -18.82 -14.33 -7.10
C ALA A 68 -19.81 -13.28 -6.55
N LEU A 69 -20.78 -12.83 -7.33
CA LEU A 69 -21.58 -11.69 -6.84
C LEU A 69 -22.54 -12.08 -5.73
N VAL A 70 -22.87 -13.36 -5.65
CA VAL A 70 -23.85 -13.77 -4.66
C VAL A 70 -23.21 -14.50 -3.46
N ASP A 71 -22.48 -15.58 -3.69
CA ASP A 71 -21.96 -16.40 -2.59
C ASP A 71 -20.80 -15.73 -1.86
N GLN A 72 -20.06 -14.89 -2.58
CA GLN A 72 -19.02 -14.08 -2.00
C GLN A 72 -19.29 -12.59 -2.16
N ALA A 73 -20.55 -12.22 -1.92
CA ALA A 73 -21.10 -10.93 -2.26
C ALA A 73 -20.24 -9.77 -1.83
N GLU A 74 -19.77 -9.83 -0.61
CA GLU A 74 -19.01 -8.75 -0.04
C GLU A 74 -17.62 -8.57 -0.63
N ALA A 75 -16.92 -9.69 -0.77
CA ALA A 75 -15.59 -9.72 -1.39
C ALA A 75 -15.55 -9.11 -2.82
N PHE A 76 -16.65 -9.27 -3.59
CA PHE A 76 -16.70 -8.85 -5.01
C PHE A 76 -17.52 -7.56 -5.20
N SER A 77 -17.56 -6.71 -4.18
CA SER A 77 -18.47 -5.60 -4.15
C SER A 77 -17.78 -4.24 -4.26
N GLY A 78 -16.45 -4.26 -4.45
CA GLY A 78 -15.72 -3.01 -4.48
C GLY A 78 -15.96 -2.12 -5.69
N ARG A 79 -15.70 -0.84 -5.56
CA ARG A 79 -15.79 0.08 -6.67
C ARG A 79 -14.42 0.34 -7.28
N GLY A 80 -14.33 1.08 -8.37
CA GLY A 80 -13.03 1.23 -8.99
C GLY A 80 -12.37 2.45 -8.36
N LYS A 81 -11.08 2.63 -8.61
CA LYS A 81 -10.27 3.69 -7.99
C LYS A 81 -10.79 5.14 -8.13
N ILE A 82 -11.38 5.44 -9.28
CA ILE A 82 -12.02 6.73 -9.51
C ILE A 82 -13.03 7.13 -8.40
N ALA A 83 -13.68 6.14 -7.77
CA ALA A 83 -14.75 6.34 -6.82
C ALA A 83 -14.26 6.20 -5.38
N VAL A 84 -12.96 6.00 -5.21
CA VAL A 84 -12.37 5.83 -3.89
C VAL A 84 -11.70 7.11 -3.37
N VAL A 85 -12.11 7.54 -2.19
CA VAL A 85 -11.63 8.73 -1.53
C VAL A 85 -10.28 8.55 -0.94
N ASP A 86 -9.40 9.51 -1.11
CA ASP A 86 -8.11 9.44 -0.50
C ASP A 86 -8.21 10.24 0.76
N PRO A 87 -8.00 9.64 1.90
CA PRO A 87 -8.29 10.34 3.15
C PRO A 87 -7.19 11.29 3.55
N ILE A 88 -6.00 11.07 3.01
CA ILE A 88 -5.00 12.11 3.01
C ILE A 88 -5.40 13.49 2.48
N PHE A 89 -6.24 13.50 1.45
CA PHE A 89 -6.64 14.76 0.82
C PHE A 89 -7.94 15.19 1.45
N GLN A 90 -8.86 14.25 1.73
CA GLN A 90 -10.22 14.64 2.09
C GLN A 90 -10.63 14.32 3.51
N GLY A 91 -9.76 13.60 4.20
CA GLY A 91 -10.12 13.06 5.49
C GLY A 91 -11.09 11.86 5.39
N TYR A 92 -11.37 11.18 6.52
CA TYR A 92 -12.47 10.23 6.61
C TYR A 92 -13.63 11.08 7.02
N GLY A 93 -14.84 10.67 6.80
CA GLY A 93 -15.85 11.65 7.15
C GLY A 93 -16.59 11.82 5.85
N VAL A 94 -15.92 12.25 4.78
CA VAL A 94 -16.65 12.34 3.54
C VAL A 94 -16.91 10.87 3.22
N ILE A 95 -15.94 10.05 3.58
CA ILE A 95 -16.05 8.60 3.33
C ILE A 95 -17.26 7.91 4.01
N PHE A 96 -17.38 8.10 5.32
CA PHE A 96 -18.57 7.61 6.02
C PHE A 96 -19.89 8.28 5.67
N ALA A 97 -19.87 9.62 5.51
CA ALA A 97 -21.00 10.35 5.02
C ALA A 97 -21.50 9.66 3.70
N ASN A 98 -20.59 9.35 2.76
CA ASN A 98 -21.05 8.77 1.51
C ASN A 98 -21.69 7.44 1.75
N GLY A 99 -21.08 6.65 2.61
CA GLY A 99 -21.68 5.40 3.03
C GLY A 99 -23.12 5.56 3.51
N GLU A 100 -23.30 6.48 4.44
CA GLU A 100 -24.59 6.70 5.03
C GLU A 100 -25.48 7.17 3.93
N ARG A 101 -24.94 7.99 3.06
CA ARG A 101 -25.65 8.45 1.90
C ARG A 101 -26.00 7.32 0.95
N TRP A 102 -25.11 6.39 0.70
CA TRP A 102 -25.48 5.31 -0.19
C TRP A 102 -26.59 4.51 0.40
N ARG A 103 -26.48 4.21 1.67
CA ARG A 103 -27.45 3.37 2.33
C ARG A 103 -28.82 3.99 2.37
N ALA A 104 -28.85 5.29 2.59
CA ALA A 104 -30.11 5.97 2.62
C ALA A 104 -30.79 5.91 1.28
N LEU A 105 -30.03 6.12 0.24
CA LEU A 105 -30.59 6.11 -1.08
C LEU A 105 -31.11 4.74 -1.39
N ARG A 106 -30.34 3.75 -1.02
CA ARG A 106 -30.69 2.41 -1.33
C ARG A 106 -32.01 2.11 -0.67
N ARG A 107 -32.21 2.67 0.52
CA ARG A 107 -33.40 2.38 1.33
C ARG A 107 -34.67 3.01 0.73
N PHE A 108 -34.62 4.31 0.49
CA PHE A 108 -35.70 5.06 -0.16
C PHE A 108 -36.15 4.45 -1.49
N SER A 109 -35.28 3.76 -2.18
CA SER A 109 -35.64 3.18 -3.45
C SER A 109 -36.39 1.89 -3.27
N LEU A 110 -36.21 1.25 -2.13
CA LEU A 110 -36.82 -0.03 -1.89
C LEU A 110 -38.29 0.03 -1.52
N ALA A 111 -38.88 1.20 -1.59
CA ALA A 111 -40.31 1.27 -1.36
C ALA A 111 -40.87 0.51 -2.54
N THR A 112 -42.01 -0.13 -2.34
CA THR A 112 -42.61 -0.96 -3.35
C THR A 112 -43.24 -0.10 -4.43
N MET A 113 -43.77 -0.76 -5.45
CA MET A 113 -44.37 -0.05 -6.57
C MET A 113 -45.67 0.64 -6.28
N ARG A 114 -46.51 0.09 -5.42
CA ARG A 114 -47.73 0.79 -5.05
C ARG A 114 -47.49 1.40 -3.68
N ASP A 115 -47.38 2.72 -3.64
CA ASP A 115 -47.09 3.44 -2.41
C ASP A 115 -46.05 2.67 -1.62
N LYS A 120 -47.24 10.85 -2.59
CA LYS A 120 -48.71 10.92 -2.61
C LYS A 120 -49.36 9.71 -3.29
N ARG A 121 -48.90 9.36 -4.49
CA ARG A 121 -49.42 8.23 -5.24
C ARG A 121 -48.30 7.29 -5.73
N SER A 122 -48.65 6.05 -6.02
CA SER A 122 -47.70 5.00 -6.34
C SER A 122 -46.97 5.13 -7.67
N VAL A 123 -45.83 4.46 -7.75
CA VAL A 123 -45.04 4.43 -8.97
C VAL A 123 -45.80 3.78 -10.09
N GLU A 124 -46.57 2.75 -9.79
CA GLU A 124 -47.35 2.09 -10.80
C GLU A 124 -48.31 3.07 -11.37
N GLU A 125 -48.89 3.88 -10.52
CA GLU A 125 -49.86 4.82 -10.97
C GLU A 125 -49.25 5.83 -11.89
N ARG A 126 -48.06 6.27 -11.55
CA ARG A 126 -47.37 7.22 -12.39
C ARG A 126 -47.05 6.63 -13.74
N ILE A 127 -46.63 5.38 -13.76
CA ILE A 127 -46.37 4.73 -15.02
C ILE A 127 -47.63 4.56 -15.84
N GLN A 128 -48.71 4.23 -15.17
CA GLN A 128 -49.97 4.04 -15.85
C GLN A 128 -50.41 5.33 -16.48
N GLU A 129 -50.24 6.42 -15.76
CA GLU A 129 -50.62 7.69 -16.27
C GLU A 129 -49.80 8.01 -17.46
N GLU A 130 -48.53 7.71 -17.36
CA GLU A 130 -47.61 8.03 -18.41
C GLU A 130 -47.94 7.24 -19.66
N ALA A 131 -48.37 6.00 -19.49
CA ALA A 131 -48.71 5.15 -20.63
C ALA A 131 -49.90 5.75 -21.39
N ARG A 132 -50.84 6.30 -20.65
CA ARG A 132 -51.96 6.97 -21.27
C ARG A 132 -51.55 8.20 -22.06
N CYS A 133 -50.75 9.08 -21.47
CA CYS A 133 -50.21 10.21 -22.25
C CYS A 133 -49.44 9.70 -23.47
N LEU A 134 -48.73 8.59 -23.33
CA LEU A 134 -48.08 7.96 -24.50
C LEU A 134 -49.06 7.51 -25.60
N VAL A 135 -50.05 6.69 -25.24
CA VAL A 135 -51.05 6.23 -26.18
C VAL A 135 -51.56 7.43 -27.03
N GLU A 136 -51.89 8.51 -26.34
CA GLU A 136 -52.43 9.69 -26.97
C GLU A 136 -51.45 10.22 -27.95
N GLU A 137 -50.20 10.32 -27.57
CA GLU A 137 -49.15 10.76 -28.51
C GLU A 137 -49.05 9.90 -29.75
N LEU A 138 -49.20 8.59 -29.59
CA LEU A 138 -49.08 7.68 -30.71
C LEU A 138 -50.24 7.82 -31.70
N ARG A 139 -51.46 8.07 -31.21
CA ARG A 139 -52.56 8.51 -32.07
C ARG A 139 -52.20 9.80 -32.83
N LYS A 140 -51.75 10.86 -32.13
CA LYS A 140 -51.40 12.09 -32.83
C LYS A 140 -50.44 11.81 -33.99
N SER A 141 -49.71 10.71 -33.97
CA SER A 141 -48.76 10.44 -35.07
C SER A 141 -49.50 9.89 -36.28
N LYS A 142 -50.79 9.59 -36.08
CA LYS A 142 -51.65 9.04 -37.11
C LYS A 142 -50.93 8.00 -37.97
N GLY A 143 -50.28 7.04 -37.33
CA GLY A 143 -49.75 5.89 -38.04
C GLY A 143 -48.55 6.14 -38.95
N ALA A 144 -47.99 7.33 -38.82
CA ALA A 144 -46.79 7.68 -39.58
C ALA A 144 -45.56 6.85 -39.13
N LEU A 145 -44.57 6.81 -39.99
CA LEU A 145 -43.29 6.20 -39.73
C LEU A 145 -42.39 7.08 -38.88
N LEU A 146 -42.00 6.59 -37.72
CA LEU A 146 -41.21 7.37 -36.81
C LEU A 146 -39.99 6.58 -36.31
N ASP A 147 -39.05 7.30 -35.69
CA ASP A 147 -37.98 6.73 -34.87
C ASP A 147 -38.43 6.95 -33.41
N ASN A 148 -38.65 5.87 -32.67
CA ASN A 148 -39.12 5.94 -31.26
C ASN A 148 -38.10 6.27 -30.17
N THR A 149 -36.87 6.57 -30.54
CA THR A 149 -35.84 6.83 -29.55
C THR A 149 -36.25 7.94 -28.60
N LEU A 150 -36.58 9.09 -29.16
CA LEU A 150 -36.94 10.25 -28.37
C LEU A 150 -38.17 9.98 -27.57
N LEU A 151 -39.18 9.38 -28.19
CA LEU A 151 -40.41 9.04 -27.48
C LEU A 151 -40.14 8.13 -26.26
N PHE A 152 -39.32 7.10 -26.47
CA PHE A 152 -39.02 6.19 -25.36
C PHE A 152 -38.17 6.85 -24.27
N HIS A 153 -37.26 7.75 -24.63
CA HIS A 153 -36.52 8.48 -23.61
C HIS A 153 -37.46 9.36 -22.79
N SER A 154 -38.44 9.93 -23.50
CA SER A 154 -39.40 10.81 -22.88
C SER A 154 -40.27 10.09 -21.87
N ILE A 155 -40.83 8.95 -22.28
CA ILE A 155 -41.78 8.29 -21.42
C ILE A 155 -41.12 7.77 -20.16
N THR A 156 -39.92 7.18 -20.30
CA THR A 156 -39.18 6.66 -19.13
C THR A 156 -38.59 7.79 -18.25
N SER A 157 -38.14 8.87 -18.86
CA SER A 157 -37.61 10.01 -18.12
C SER A 157 -38.64 10.58 -17.20
N ASN A 158 -39.87 10.69 -17.73
CA ASN A 158 -40.97 11.25 -16.96
C ASN A 158 -41.28 10.51 -15.68
N ILE A 159 -41.13 9.18 -15.71
CA ILE A 159 -41.33 8.44 -14.48
C ILE A 159 -40.38 8.99 -13.40
N ILE A 160 -39.10 9.19 -13.76
CA ILE A 160 -38.13 9.74 -12.82
C ILE A 160 -38.48 11.15 -12.41
N CYS A 161 -38.80 12.02 -13.38
CA CYS A 161 -39.31 13.35 -13.03
C CYS A 161 -40.49 13.38 -12.03
N SER A 162 -41.53 12.59 -12.30
CA SER A 162 -42.62 12.44 -11.36
C SER A 162 -42.15 12.02 -9.96
N ILE A 163 -41.32 10.98 -9.87
CA ILE A 163 -40.78 10.53 -8.59
C ILE A 163 -39.92 11.59 -7.84
N VAL A 164 -39.23 12.44 -8.59
CA VAL A 164 -38.22 13.28 -7.95
C VAL A 164 -38.85 14.64 -7.70
N PHE A 165 -39.47 15.16 -8.73
CA PHE A 165 -40.02 16.51 -8.62
C PHE A 165 -41.46 16.53 -8.18
N GLY A 166 -42.03 15.35 -7.99
CA GLY A 166 -43.42 15.22 -7.58
C GLY A 166 -44.44 15.17 -8.72
N LYS A 167 -44.12 15.72 -9.89
CA LYS A 167 -45.07 15.68 -10.97
C LYS A 167 -44.38 15.47 -12.30
N ARG A 168 -45.03 14.81 -13.25
CA ARG A 168 -44.51 14.59 -14.61
C ARG A 168 -44.43 15.88 -15.43
N PHE A 169 -43.73 15.85 -16.55
CA PHE A 169 -43.55 17.05 -17.37
C PHE A 169 -44.37 16.86 -18.61
N ASP A 170 -44.59 17.95 -19.34
CA ASP A 170 -45.27 17.85 -20.61
C ASP A 170 -44.23 17.56 -21.70
N TYR A 171 -44.56 16.65 -22.62
CA TYR A 171 -43.60 16.20 -23.65
C TYR A 171 -42.95 17.31 -24.44
N LYS A 172 -43.54 18.49 -24.45
CA LYS A 172 -42.89 19.60 -25.16
C LYS A 172 -42.47 20.77 -24.23
N ASP A 173 -42.61 20.57 -22.92
CA ASP A 173 -42.14 21.55 -21.90
C ASP A 173 -40.64 21.84 -22.06
N PRO A 174 -40.27 23.11 -22.22
CA PRO A 174 -38.88 23.33 -22.65
C PRO A 174 -37.85 23.05 -21.56
N VAL A 175 -38.27 22.82 -20.31
CA VAL A 175 -37.34 22.40 -19.26
C VAL A 175 -37.02 20.93 -19.51
N PHE A 176 -38.08 20.17 -19.74
CA PHE A 176 -37.98 18.73 -19.98
C PHE A 176 -37.16 18.44 -21.26
N LEU A 177 -37.30 19.28 -22.27
CA LEU A 177 -36.53 19.06 -23.48
C LEU A 177 -35.07 19.34 -23.17
N ARG A 178 -34.82 20.29 -22.27
CA ARG A 178 -33.45 20.70 -21.97
C ARG A 178 -32.86 19.58 -21.14
N LEU A 179 -33.68 19.02 -20.28
CA LEU A 179 -33.13 17.98 -19.47
C LEU A 179 -32.90 16.70 -20.28
N LEU A 180 -33.78 16.42 -21.25
CA LEU A 180 -33.53 15.31 -22.15
C LEU A 180 -32.20 15.49 -22.83
N ASP A 181 -31.83 16.74 -23.04
CA ASP A 181 -30.62 17.01 -23.82
C ASP A 181 -29.32 16.83 -23.02
N LEU A 182 -29.34 17.38 -21.81
CA LEU A 182 -28.28 17.20 -20.84
C LEU A 182 -27.96 15.72 -20.67
N PHE A 183 -28.97 14.96 -20.25
CA PHE A 183 -28.74 13.57 -19.89
C PHE A 183 -28.62 12.57 -21.01
N PHE A 184 -29.30 12.76 -22.12
CA PHE A 184 -29.37 11.70 -23.13
C PHE A 184 -28.65 11.94 -24.45
N GLN A 185 -28.36 13.19 -24.68
CA GLN A 185 -27.72 13.66 -25.87
C GLN A 185 -26.29 13.15 -26.00
N SER A 186 -26.04 12.44 -27.08
CA SER A 186 -24.73 11.91 -27.38
C SER A 186 -23.72 12.99 -27.72
N PHE A 187 -22.48 12.72 -27.39
CA PHE A 187 -21.36 13.48 -27.93
C PHE A 187 -20.26 12.49 -28.13
N SER A 188 -19.27 12.82 -28.93
CA SER A 188 -18.27 11.80 -29.14
C SER A 188 -16.84 12.25 -28.89
N LEU A 189 -16.00 11.28 -28.56
CA LEU A 189 -14.59 11.55 -28.30
C LEU A 189 -13.79 10.82 -29.35
N ILE A 190 -12.91 11.58 -30.00
CA ILE A 190 -12.20 11.05 -31.15
C ILE A 190 -10.83 10.55 -30.78
N SER A 191 -10.49 9.33 -31.18
CA SER A 191 -9.23 8.73 -30.87
C SER A 191 -8.61 8.10 -32.14
N SER A 192 -7.35 7.71 -32.06
CA SER A 192 -6.65 7.02 -33.12
C SER A 192 -5.89 5.90 -32.47
N PHE A 193 -5.46 4.89 -33.17
CA PHE A 193 -4.76 3.82 -32.45
C PHE A 193 -3.43 4.31 -31.93
N SER A 194 -2.73 5.16 -32.68
CA SER A 194 -1.40 5.59 -32.20
C SER A 194 -1.55 6.38 -30.88
N SER A 195 -2.56 7.24 -30.80
CA SER A 195 -2.83 7.92 -29.54
C SER A 195 -3.16 6.96 -28.37
N GLN A 196 -4.01 5.98 -28.62
CA GLN A 196 -4.27 4.95 -27.62
C GLN A 196 -3.03 4.18 -27.13
N VAL A 197 -2.12 3.79 -28.03
CA VAL A 197 -0.92 3.09 -27.61
C VAL A 197 -0.09 4.05 -26.72
N PHE A 198 -0.09 5.32 -27.07
CA PHE A 198 0.65 6.32 -26.26
C PHE A 198 0.02 6.53 -24.86
N GLU A 199 -1.30 6.49 -24.81
CA GLU A 199 -1.98 6.62 -23.55
C GLU A 199 -1.53 5.46 -22.65
N LEU A 200 -1.57 4.23 -23.19
CA LEU A 200 -1.17 3.02 -22.46
C LEU A 200 0.24 3.20 -21.94
N PHE A 201 1.09 3.82 -22.75
CA PHE A 201 2.51 4.03 -22.41
C PHE A 201 2.66 5.11 -21.29
N SER A 202 1.84 6.14 -21.42
CA SER A 202 1.70 7.20 -20.46
C SER A 202 1.27 6.70 -19.08
N GLY A 203 0.29 5.79 -19.05
CA GLY A 203 -0.34 5.39 -17.81
C GLY A 203 -1.66 6.10 -17.62
N PHE A 204 -1.98 7.03 -18.52
CA PHE A 204 -3.20 7.85 -18.43
C PHE A 204 -4.06 7.82 -19.70
N LEU A 205 -5.38 7.79 -19.55
CA LEU A 205 -6.32 7.84 -20.68
C LEU A 205 -6.63 9.29 -21.01
N LYS A 206 -6.82 9.66 -22.25
CA LYS A 206 -7.28 11.00 -22.59
C LYS A 206 -8.67 11.31 -22.10
N TYR A 207 -9.55 10.32 -22.17
CA TYR A 207 -10.96 10.48 -21.81
C TYR A 207 -11.30 10.43 -20.36
N PHE A 208 -12.01 11.44 -19.92
CA PHE A 208 -12.53 11.43 -18.60
C PHE A 208 -13.78 12.19 -18.69
N PRO A 209 -14.75 11.84 -17.89
CA PRO A 209 -16.02 12.57 -17.86
C PRO A 209 -15.87 14.08 -17.82
N GLY A 210 -16.68 14.80 -18.61
CA GLY A 210 -16.60 16.26 -18.74
C GLY A 210 -15.54 16.88 -19.65
N THR A 211 -14.87 16.09 -20.50
CA THR A 211 -13.89 16.70 -21.41
C THR A 211 -14.62 17.28 -22.60
N HIS A 212 -15.89 16.90 -22.74
CA HIS A 212 -16.71 17.38 -23.85
C HIS A 212 -17.58 18.59 -23.47
N ARG A 213 -17.29 19.73 -24.09
CA ARG A 213 -17.85 21.03 -23.72
C ARG A 213 -19.38 21.03 -23.77
N GLN A 214 -19.92 20.10 -24.56
CA GLN A 214 -21.36 19.99 -24.80
C GLN A 214 -22.19 19.79 -23.55
N ILE A 215 -21.64 19.03 -22.60
CA ILE A 215 -22.22 18.76 -21.30
C ILE A 215 -22.73 20.00 -20.58
N TYR A 216 -22.06 21.13 -20.77
CA TYR A 216 -22.31 22.32 -19.94
C TYR A 216 -23.35 23.25 -20.55
N ARG A 217 -23.60 22.99 -21.83
CA ARG A 217 -24.69 23.57 -22.62
C ARG A 217 -25.94 23.71 -21.76
N ASN A 218 -26.36 22.65 -21.08
CA ASN A 218 -27.65 22.68 -20.39
C ASN A 218 -27.57 22.56 -18.88
N LEU A 219 -26.36 22.52 -18.34
CA LEU A 219 -26.16 22.09 -16.97
C LEU A 219 -26.66 23.07 -15.95
N GLN A 220 -26.29 24.34 -16.14
CA GLN A 220 -26.67 25.39 -15.21
C GLN A 220 -28.19 25.65 -15.24
N GLU A 221 -28.81 25.60 -16.42
CA GLU A 221 -30.28 25.75 -16.52
C GLU A 221 -30.99 24.64 -15.71
N ILE A 222 -30.49 23.40 -15.84
CA ILE A 222 -31.02 22.25 -15.10
C ILE A 222 -30.80 22.45 -13.61
N ASN A 223 -29.59 22.77 -13.22
CA ASN A 223 -29.29 23.14 -11.83
C ASN A 223 -30.24 24.16 -11.20
N THR A 224 -30.43 25.27 -11.93
CA THR A 224 -31.32 26.32 -11.49
C THR A 224 -32.72 25.76 -11.28
N PHE A 225 -33.19 25.00 -12.26
CA PHE A 225 -34.52 24.44 -12.17
C PHE A 225 -34.67 23.65 -10.88
N ILE A 226 -33.59 22.94 -10.52
CA ILE A 226 -33.59 22.11 -9.31
C ILE A 226 -33.66 23.00 -8.07
N GLY A 227 -32.85 24.06 -8.04
CA GLY A 227 -32.97 25.07 -7.01
C GLY A 227 -34.40 25.53 -6.76
N GLN A 228 -35.04 25.97 -7.81
CA GLN A 228 -36.34 26.54 -7.65
C GLN A 228 -37.25 25.50 -7.12
N SER A 229 -37.12 24.30 -7.62
CA SER A 229 -38.01 23.25 -7.21
C SER A 229 -37.83 22.94 -5.76
N VAL A 230 -36.59 22.96 -5.32
CA VAL A 230 -36.36 22.65 -3.94
C VAL A 230 -37.04 23.67 -3.06
N GLU A 231 -36.90 24.93 -3.42
CA GLU A 231 -37.48 26.00 -2.65
C GLU A 231 -38.96 25.91 -2.64
N LYS A 232 -39.52 25.66 -3.80
CA LYS A 232 -40.93 25.62 -3.95
C LYS A 232 -41.41 24.49 -3.08
N HIS A 233 -40.64 23.44 -3.06
CA HIS A 233 -40.92 22.30 -2.23
C HIS A 233 -40.82 22.63 -0.77
N ARG A 234 -39.81 23.41 -0.44
CA ARG A 234 -39.57 23.74 0.94
C ARG A 234 -40.79 24.45 1.44
N ALA A 235 -41.29 25.35 0.63
CA ALA A 235 -42.46 26.10 0.99
C ALA A 235 -43.63 25.19 1.29
N THR A 236 -43.81 24.18 0.49
CA THR A 236 -45.02 23.37 0.59
C THR A 236 -45.07 22.11 1.47
N LEU A 237 -43.97 21.72 2.12
CA LEU A 237 -43.98 20.43 2.81
C LEU A 237 -44.87 20.27 4.01
N ASP A 238 -45.63 19.19 4.02
CA ASP A 238 -46.55 18.88 5.10
C ASP A 238 -46.29 17.51 5.68
N PRO A 239 -45.04 17.10 5.75
CA PRO A 239 -44.78 15.76 6.25
C PRO A 239 -45.52 15.86 7.53
N SER A 240 -46.32 14.87 7.89
CA SER A 240 -46.39 13.66 7.14
C SER A 240 -47.29 13.77 5.96
N ASN A 241 -46.80 14.47 4.96
CA ASN A 241 -47.36 14.47 3.63
C ASN A 241 -46.22 14.80 2.68
N PRO A 242 -45.32 13.85 2.46
CA PRO A 242 -44.17 14.11 1.62
C PRO A 242 -44.41 13.53 0.27
N ARG A 243 -44.50 14.44 -0.67
CA ARG A 243 -44.83 14.18 -2.05
C ARG A 243 -43.86 13.39 -2.89
N ASP A 244 -42.56 13.55 -2.67
CA ASP A 244 -41.61 12.98 -3.63
C ASP A 244 -40.19 12.93 -3.06
N PHE A 245 -39.23 12.67 -3.92
CA PHE A 245 -37.84 12.53 -3.50
C PHE A 245 -37.35 13.88 -3.01
N ILE A 246 -37.65 14.96 -3.72
CA ILE A 246 -37.13 16.27 -3.30
C ILE A 246 -37.38 16.52 -1.83
N ASP A 247 -38.60 16.30 -1.35
CA ASP A 247 -38.80 16.64 0.05
C ASP A 247 -38.46 15.53 1.03
N VAL A 248 -38.30 14.30 0.53
CA VAL A 248 -37.58 13.29 1.30
C VAL A 248 -36.15 13.77 1.58
N TYR A 249 -35.53 14.36 0.59
CA TYR A 249 -34.21 14.83 0.78
C TYR A 249 -34.29 15.97 1.76
N LEU A 250 -35.22 16.88 1.55
CA LEU A 250 -35.29 18.04 2.44
C LEU A 250 -35.56 17.60 3.84
N LEU A 251 -36.42 16.61 4.00
CA LEU A 251 -36.73 16.13 5.32
C LEU A 251 -35.52 15.56 6.02
N ARG A 252 -34.71 14.76 5.33
CA ARG A 252 -33.54 14.24 5.98
C ARG A 252 -32.59 15.36 6.34
N MET A 253 -32.45 16.33 5.46
CA MET A 253 -31.53 17.42 5.74
C MET A 253 -31.98 18.15 7.00
N GLU A 254 -33.29 18.29 7.14
CA GLU A 254 -33.89 19.05 8.23
C GLU A 254 -33.53 18.49 9.57
N LYS A 255 -33.42 17.17 9.64
CA LYS A 255 -33.03 16.56 10.88
C LYS A 255 -31.67 17.19 11.16
N ASP A 256 -30.87 17.35 10.12
CA ASP A 256 -29.58 17.99 10.29
C ASP A 256 -29.76 19.40 10.86
N PHE A 264 -22.45 23.04 -4.05
CA PHE A 264 -22.61 22.55 -2.69
C PHE A 264 -23.20 21.17 -2.70
N HIS A 265 -23.34 20.64 -1.50
CA HIS A 265 -23.81 19.30 -1.36
C HIS A 265 -25.29 19.52 -1.42
N HIS A 266 -25.76 20.72 -1.08
CA HIS A 266 -27.17 21.01 -1.12
C HIS A 266 -28.13 20.66 -2.27
N GLN A 267 -27.90 21.29 -3.41
CA GLN A 267 -28.76 21.10 -4.56
C GLN A 267 -27.93 20.14 -5.40
N ASN A 268 -26.64 20.08 -5.15
CA ASN A 268 -25.85 19.17 -5.95
C ASN A 268 -26.14 17.69 -5.74
N LEU A 269 -26.54 17.30 -4.53
CA LEU A 269 -26.84 15.89 -4.29
C LEU A 269 -27.98 15.43 -5.15
N ILE A 270 -28.93 16.31 -5.40
CA ILE A 270 -30.03 15.99 -6.29
C ILE A 270 -29.59 15.80 -7.75
N LEU A 271 -28.69 16.65 -8.25
CA LEU A 271 -28.19 16.54 -9.62
C LEU A 271 -27.61 15.16 -9.77
N THR A 272 -26.86 14.74 -8.74
CA THR A 272 -26.11 13.51 -8.80
C THR A 272 -27.04 12.29 -8.82
N VAL A 273 -27.96 12.20 -7.85
CA VAL A 273 -29.00 11.20 -7.89
C VAL A 273 -29.81 11.18 -9.22
N LEU A 274 -30.26 12.34 -9.67
CA LEU A 274 -31.01 12.42 -10.91
C LEU A 274 -30.22 11.76 -12.04
N SER A 275 -28.94 12.17 -12.17
CA SER A 275 -27.99 11.58 -13.13
C SER A 275 -27.90 10.02 -13.08
N LEU A 276 -27.67 9.50 -11.90
CA LEU A 276 -27.73 8.09 -11.70
C LEU A 276 -29.08 7.50 -12.20
N PHE A 277 -30.23 8.02 -11.75
CA PHE A 277 -31.49 7.50 -12.28
C PHE A 277 -31.71 7.58 -13.83
N PHE A 278 -31.22 8.64 -14.44
CA PHE A 278 -31.32 8.74 -15.86
C PHE A 278 -30.40 7.75 -16.59
N ALA A 279 -29.22 7.46 -16.02
CA ALA A 279 -28.39 6.40 -16.61
C ALA A 279 -29.10 5.01 -16.69
N GLY A 280 -29.79 4.62 -15.63
CA GLY A 280 -30.62 3.40 -15.67
C GLY A 280 -31.85 3.53 -16.58
N THR A 281 -32.38 4.75 -16.62
CA THR A 281 -33.52 5.06 -17.47
C THR A 281 -33.19 4.89 -18.95
N GLU A 282 -32.05 5.47 -19.36
CA GLU A 282 -31.53 5.24 -20.72
C GLU A 282 -31.55 3.70 -21.07
N THR A 283 -31.19 2.85 -20.12
CA THR A 283 -31.10 1.45 -20.42
C THR A 283 -32.50 0.95 -20.52
N THR A 284 -33.35 1.39 -19.58
CA THR A 284 -34.78 1.06 -19.74
C THR A 284 -35.41 1.48 -21.11
N SER A 285 -35.23 2.74 -21.52
CA SER A 285 -35.68 3.17 -22.82
C SER A 285 -35.12 2.38 -24.00
N THR A 286 -33.84 2.03 -23.95
CA THR A 286 -33.21 1.28 -25.03
C THR A 286 -33.70 -0.15 -25.07
N THR A 287 -34.13 -0.62 -23.92
CA THR A 287 -34.75 -1.95 -23.87
C THR A 287 -36.07 -1.98 -24.65
N LEU A 288 -36.91 -0.98 -24.42
CA LEU A 288 -38.17 -0.87 -25.16
C LEU A 288 -37.89 -0.75 -26.63
N ARG A 289 -36.90 0.07 -26.94
CA ARG A 289 -36.61 0.37 -28.31
C ARG A 289 -36.15 -0.90 -28.96
N TYR A 290 -35.33 -1.68 -28.28
CA TYR A 290 -34.91 -3.02 -28.78
C TYR A 290 -36.04 -4.04 -28.81
N GLY A 291 -36.90 -3.97 -27.80
CA GLY A 291 -38.09 -4.79 -27.76
C GLY A 291 -38.94 -4.69 -29.03
N PHE A 292 -39.25 -3.46 -29.42
CA PHE A 292 -40.11 -3.26 -30.61
C PHE A 292 -39.47 -3.68 -31.95
N LEU A 293 -38.16 -3.53 -32.09
CA LEU A 293 -37.44 -4.10 -33.21
C LEU A 293 -37.56 -5.63 -33.34
N LEU A 294 -37.47 -6.35 -32.23
CA LEU A 294 -37.72 -7.79 -32.14
C LEU A 294 -39.13 -8.12 -32.57
N MET A 295 -40.07 -7.32 -32.09
CA MET A 295 -41.45 -7.57 -32.37
C MET A 295 -41.87 -7.31 -33.85
N LEU A 296 -41.21 -6.35 -34.54
CA LEU A 296 -41.27 -6.26 -35.99
C LEU A 296 -40.77 -7.54 -36.63
N LYS A 297 -39.73 -8.15 -36.08
CA LYS A 297 -39.14 -9.30 -36.72
C LYS A 297 -39.95 -10.60 -36.52
N TYR A 298 -40.72 -10.63 -35.45
CA TYR A 298 -41.52 -11.80 -35.07
C TYR A 298 -43.03 -11.49 -34.85
N PRO A 299 -43.74 -11.14 -35.94
CA PRO A 299 -45.16 -10.76 -35.87
C PRO A 299 -46.02 -11.75 -35.12
N HIS A 300 -45.74 -13.04 -35.30
CA HIS A 300 -46.51 -14.05 -34.58
C HIS A 300 -46.42 -13.90 -33.07
N VAL A 301 -45.30 -13.36 -32.57
CA VAL A 301 -45.15 -13.15 -31.11
C VAL A 301 -45.94 -11.96 -30.66
N THR A 302 -45.85 -10.85 -31.41
CA THR A 302 -46.72 -9.69 -31.22
C THR A 302 -48.18 -10.07 -31.08
N GLU A 303 -48.62 -10.99 -31.96
CA GLU A 303 -49.97 -11.55 -31.90
C GLU A 303 -50.29 -12.33 -30.63
N ARG A 304 -49.44 -13.27 -30.24
CA ARG A 304 -49.76 -14.02 -29.01
C ARG A 304 -49.82 -13.12 -27.80
N VAL A 305 -48.97 -12.10 -27.79
CA VAL A 305 -49.03 -11.08 -26.78
C VAL A 305 -50.35 -10.29 -26.86
N GLN A 306 -50.74 -9.92 -28.08
CA GLN A 306 -52.02 -9.22 -28.27
C GLN A 306 -53.21 -10.04 -27.77
N LYS A 307 -53.16 -11.35 -28.09
CA LYS A 307 -54.18 -12.32 -27.61
C LYS A 307 -54.17 -12.51 -26.09
N GLU A 308 -53.00 -12.49 -25.45
CA GLU A 308 -52.95 -12.71 -23.99
C GLU A 308 -53.42 -11.45 -23.26
N ILE A 309 -53.17 -10.30 -23.90
CA ILE A 309 -53.75 -9.05 -23.44
C ILE A 309 -55.29 -9.06 -23.56
N GLU A 310 -55.81 -9.52 -24.72
CA GLU A 310 -57.25 -9.80 -24.87
C GLU A 310 -57.84 -10.69 -23.78
N GLN A 311 -57.24 -11.86 -23.58
CA GLN A 311 -57.75 -12.85 -22.62
C GLN A 311 -57.73 -12.34 -21.21
N VAL A 312 -56.81 -11.43 -20.90
CA VAL A 312 -56.55 -11.14 -19.50
C VAL A 312 -56.99 -9.73 -19.06
N ILE A 313 -56.80 -8.76 -19.95
CA ILE A 313 -57.04 -7.36 -19.63
C ILE A 313 -58.26 -6.89 -20.42
N GLY A 314 -58.44 -7.47 -21.60
CA GLY A 314 -59.49 -7.07 -22.50
C GLY A 314 -59.12 -5.79 -23.20
N SER A 315 -60.02 -5.23 -23.99
CA SER A 315 -59.71 -4.00 -24.70
C SER A 315 -60.25 -2.80 -23.93
N HIS A 316 -60.79 -3.02 -22.75
CA HIS A 316 -61.39 -1.92 -21.98
C HIS A 316 -60.65 -1.20 -20.83
N ARG A 317 -60.00 -1.86 -19.88
CA ARG A 317 -59.11 -1.17 -18.91
C ARG A 317 -57.65 -0.98 -19.33
N PRO A 318 -56.93 -0.09 -18.63
CA PRO A 318 -55.48 -0.03 -18.86
C PRO A 318 -54.84 -1.23 -18.14
N PRO A 319 -53.74 -1.77 -18.71
CA PRO A 319 -53.03 -2.84 -18.01
C PRO A 319 -52.56 -2.32 -16.66
N ALA A 320 -52.57 -3.20 -15.66
CA ALA A 320 -51.97 -2.94 -14.35
C ALA A 320 -50.89 -3.98 -13.96
N LEU A 321 -50.06 -3.65 -12.99
CA LEU A 321 -48.98 -4.56 -12.61
C LEU A 321 -49.49 -5.96 -12.22
N ASP A 322 -50.64 -6.05 -11.54
CA ASP A 322 -51.16 -7.32 -11.06
C ASP A 322 -51.44 -8.25 -12.24
N ASP A 323 -51.54 -7.66 -13.44
CA ASP A 323 -51.80 -8.42 -14.65
C ASP A 323 -50.68 -9.33 -15.06
N ARG A 324 -49.45 -8.96 -14.65
CA ARG A 324 -48.24 -9.64 -15.12
C ARG A 324 -48.23 -11.08 -14.63
N ALA A 325 -48.67 -11.28 -13.39
CA ALA A 325 -48.70 -12.64 -12.86
C ALA A 325 -49.62 -13.54 -13.71
N LYS A 326 -50.60 -12.96 -14.37
CA LYS A 326 -51.58 -13.74 -15.11
C LYS A 326 -51.27 -13.79 -16.60
N MET A 327 -50.05 -13.39 -16.96
CA MET A 327 -49.64 -13.34 -18.37
C MET A 327 -48.24 -13.94 -18.57
N PRO A 328 -48.09 -15.23 -18.32
CA PRO A 328 -46.73 -15.76 -18.35
C PRO A 328 -46.08 -15.64 -19.74
N TYR A 329 -46.86 -15.66 -20.82
CA TYR A 329 -46.25 -15.53 -22.13
C TYR A 329 -45.72 -14.10 -22.38
N THR A 330 -46.42 -13.06 -21.93
CA THR A 330 -45.93 -11.73 -22.14
C THR A 330 -44.68 -11.54 -21.30
N ASP A 331 -44.74 -12.02 -20.06
CA ASP A 331 -43.62 -11.97 -19.10
C ASP A 331 -42.40 -12.67 -19.69
N ALA A 332 -42.58 -13.88 -20.20
CA ALA A 332 -41.45 -14.63 -20.76
C ALA A 332 -40.85 -13.88 -21.95
N VAL A 333 -41.74 -13.22 -22.71
CA VAL A 333 -41.34 -12.49 -23.88
C VAL A 333 -40.48 -11.27 -23.51
N ILE A 334 -40.82 -10.63 -22.40
CA ILE A 334 -40.07 -9.48 -21.91
C ILE A 334 -38.69 -9.94 -21.37
N HIS A 335 -38.65 -11.05 -20.62
CA HIS A 335 -37.40 -11.64 -20.15
C HIS A 335 -36.44 -11.86 -21.32
N GLU A 336 -36.95 -12.56 -22.33
CA GLU A 336 -36.26 -12.82 -23.57
C GLU A 336 -35.79 -11.53 -24.32
N ILE A 337 -36.60 -10.47 -24.28
CA ILE A 337 -36.19 -9.20 -24.83
C ILE A 337 -34.97 -8.69 -24.07
N GLN A 338 -34.94 -8.84 -22.76
CA GLN A 338 -33.86 -8.31 -21.97
C GLN A 338 -32.59 -9.18 -22.14
N ARG A 339 -32.78 -10.50 -22.19
CA ARG A 339 -31.69 -11.45 -22.40
C ARG A 339 -30.94 -11.24 -23.73
N LEU A 340 -31.64 -11.19 -24.86
CA LEU A 340 -31.00 -10.92 -26.13
C LEU A 340 -30.56 -9.47 -26.35
N GLY A 341 -31.29 -8.56 -25.73
CA GLY A 341 -30.86 -7.18 -25.71
C GLY A 341 -29.48 -6.97 -25.12
N ASP A 342 -29.21 -7.63 -23.99
CA ASP A 342 -27.83 -7.75 -23.52
C ASP A 342 -27.13 -6.35 -23.51
N LEU A 343 -27.81 -5.37 -22.94
CA LEU A 343 -27.38 -3.99 -23.15
C LEU A 343 -26.14 -3.63 -22.33
N ILE A 344 -25.84 -4.40 -21.32
CA ILE A 344 -24.67 -4.23 -20.47
C ILE A 344 -23.85 -5.52 -20.47
N PRO A 345 -23.21 -5.85 -21.62
CA PRO A 345 -22.62 -7.22 -21.76
C PRO A 345 -21.47 -7.51 -20.83
N PHE A 346 -20.72 -6.51 -20.37
CA PHE A 346 -19.60 -6.75 -19.46
C PHE A 346 -19.95 -6.48 -18.06
N GLY A 347 -21.24 -6.26 -17.77
CA GLY A 347 -21.63 -5.85 -16.44
C GLY A 347 -20.93 -4.55 -16.10
N VAL A 348 -20.95 -4.20 -14.82
CA VAL A 348 -20.19 -3.10 -14.32
C VAL A 348 -18.96 -3.73 -13.64
N PRO A 349 -17.75 -3.36 -14.09
CA PRO A 349 -16.52 -3.78 -13.40
C PRO A 349 -16.58 -3.49 -11.93
N HIS A 350 -16.13 -4.44 -11.11
CA HIS A 350 -15.94 -4.18 -9.72
C HIS A 350 -14.51 -4.42 -9.30
N THR A 351 -14.36 -4.38 -7.98
CA THR A 351 -13.06 -4.50 -7.39
C THR A 351 -13.19 -5.49 -6.21
N VAL A 352 -12.19 -6.33 -6.01
CA VAL A 352 -12.24 -7.30 -4.95
C VAL A 352 -11.78 -6.62 -3.62
N THR A 353 -12.56 -6.76 -2.56
CA THR A 353 -12.20 -6.01 -1.37
C THR A 353 -11.15 -6.69 -0.47
N LYS A 354 -10.74 -7.91 -0.79
CA LYS A 354 -9.85 -8.67 0.07
C LYS A 354 -9.26 -9.83 -0.71
N ASP A 355 -8.12 -10.37 -0.26
CA ASP A 355 -7.57 -11.57 -0.86
C ASP A 355 -8.66 -12.64 -0.78
N THR A 356 -9.01 -13.20 -1.95
CA THR A 356 -10.22 -14.02 -2.10
C THR A 356 -9.94 -15.36 -2.74
N GLN A 357 -10.44 -16.42 -2.13
CA GLN A 357 -10.30 -17.70 -2.81
C GLN A 357 -11.48 -17.84 -3.75
N PHE A 358 -11.21 -18.16 -4.99
CA PHE A 358 -12.28 -18.33 -5.93
C PHE A 358 -12.00 -19.46 -6.91
N ARG A 359 -12.83 -20.51 -6.88
CA ARG A 359 -12.65 -21.66 -7.79
C ARG A 359 -11.24 -22.26 -7.90
N GLY A 360 -10.55 -22.32 -6.77
CA GLY A 360 -9.21 -22.86 -6.82
C GLY A 360 -8.13 -21.85 -7.13
N TYR A 361 -8.51 -20.59 -7.27
CA TYR A 361 -7.51 -19.58 -7.46
C TYR A 361 -7.65 -18.57 -6.39
N VAL A 362 -6.72 -17.64 -6.43
CA VAL A 362 -6.78 -16.49 -5.58
C VAL A 362 -6.89 -15.23 -6.40
N ILE A 363 -7.73 -14.33 -5.95
CA ILE A 363 -7.79 -13.01 -6.53
C ILE A 363 -7.34 -12.05 -5.40
N PRO A 364 -6.20 -11.39 -5.60
CA PRO A 364 -5.67 -10.50 -4.54
C PRO A 364 -6.57 -9.29 -4.27
N LYS A 365 -6.62 -8.80 -3.04
CA LYS A 365 -7.27 -7.50 -2.73
C LYS A 365 -7.11 -6.45 -3.82
N ASN A 366 -8.19 -5.76 -4.13
CA ASN A 366 -8.15 -4.67 -5.10
C ASN A 366 -8.03 -5.04 -6.58
N THR A 367 -8.00 -6.32 -6.92
CA THR A 367 -7.98 -6.69 -8.30
C THR A 367 -9.29 -6.30 -8.93
N GLU A 368 -9.22 -5.69 -10.12
CA GLU A 368 -10.42 -5.42 -10.90
C GLU A 368 -11.03 -6.70 -11.51
N VAL A 369 -12.34 -6.77 -11.49
CA VAL A 369 -13.13 -7.90 -11.93
C VAL A 369 -14.21 -7.46 -12.95
N PHE A 370 -14.27 -8.12 -14.12
CA PHE A 370 -15.42 -8.02 -15.06
C PHE A 370 -16.38 -9.20 -14.89
N PRO A 371 -17.59 -8.97 -14.38
CA PRO A 371 -18.57 -10.08 -14.38
C PRO A 371 -19.24 -10.01 -15.72
N VAL A 372 -18.91 -10.89 -16.67
CA VAL A 372 -19.39 -10.73 -18.07
C VAL A 372 -20.82 -11.20 -18.22
N LEU A 373 -21.78 -10.32 -17.96
CA LEU A 373 -23.18 -10.72 -17.86
C LEU A 373 -23.67 -11.28 -19.18
N SER A 374 -23.16 -10.76 -20.32
CA SER A 374 -23.50 -11.39 -21.59
C SER A 374 -23.34 -12.94 -21.54
N SER A 375 -22.37 -13.42 -20.78
CA SER A 375 -21.99 -14.82 -20.87
C SER A 375 -22.90 -15.71 -20.05
N ALA A 376 -23.59 -15.10 -19.09
CA ALA A 376 -24.71 -15.73 -18.39
C ALA A 376 -25.99 -15.63 -19.23
N LEU A 377 -26.25 -14.47 -19.86
CA LEU A 377 -27.42 -14.29 -20.66
C LEU A 377 -27.44 -15.19 -21.89
N HIS A 378 -26.27 -15.67 -22.28
CA HIS A 378 -26.18 -16.58 -23.42
C HIS A 378 -25.56 -17.91 -23.03
N ASP A 379 -25.71 -18.27 -21.75
CA ASP A 379 -25.10 -19.51 -21.24
C ASP A 379 -25.80 -20.78 -21.79
N PRO A 380 -25.11 -21.57 -22.63
CA PRO A 380 -25.73 -22.76 -23.22
C PRO A 380 -26.16 -23.74 -22.14
N ARG A 381 -25.66 -23.56 -20.94
CA ARG A 381 -26.03 -24.49 -19.87
C ARG A 381 -27.33 -24.11 -19.24
N TYR A 382 -27.81 -22.93 -19.53
CA TYR A 382 -29.11 -22.47 -18.97
C TYR A 382 -30.17 -22.13 -20.01
N PHE A 383 -29.77 -21.84 -21.26
CA PHE A 383 -30.72 -21.53 -22.33
C PHE A 383 -30.51 -22.50 -23.50
N GLU A 384 -31.57 -23.18 -23.89
CA GLU A 384 -31.55 -24.08 -25.02
C GLU A 384 -31.05 -23.46 -26.31
N THR A 385 -31.48 -22.24 -26.60
CA THR A 385 -31.08 -21.57 -27.85
C THR A 385 -30.57 -20.18 -27.52
N PRO A 386 -29.32 -20.11 -27.00
CA PRO A 386 -28.75 -18.87 -26.46
C PRO A 386 -28.86 -17.73 -27.44
N ASN A 387 -28.81 -17.97 -28.76
CA ASN A 387 -28.72 -16.89 -29.71
C ASN A 387 -29.97 -16.67 -30.54
N THR A 388 -31.07 -17.29 -30.11
CA THR A 388 -32.33 -17.28 -30.84
C THR A 388 -33.48 -16.85 -29.95
N PHE A 389 -34.33 -15.94 -30.38
CA PHE A 389 -35.43 -15.50 -29.54
C PHE A 389 -36.26 -16.73 -29.21
N ASN A 390 -36.55 -16.96 -27.95
CA ASN A 390 -37.19 -18.23 -27.51
C ASN A 390 -37.88 -18.19 -26.14
N PRO A 391 -39.14 -17.69 -26.11
CA PRO A 391 -39.87 -17.43 -24.85
C PRO A 391 -39.93 -18.66 -24.00
N GLY A 392 -39.66 -19.79 -24.65
CA GLY A 392 -39.64 -21.06 -23.97
C GLY A 392 -38.60 -21.14 -22.87
N HIS A 393 -37.52 -20.36 -22.97
CA HIS A 393 -36.50 -20.31 -21.93
C HIS A 393 -37.13 -20.01 -20.55
N PHE A 394 -38.27 -19.34 -20.51
CA PHE A 394 -38.86 -18.87 -19.26
C PHE A 394 -40.24 -19.51 -19.03
N LEU A 395 -40.60 -20.47 -19.89
CA LEU A 395 -41.88 -21.15 -19.77
C LEU A 395 -41.65 -22.62 -19.55
N ASP A 396 -42.36 -23.19 -18.58
CA ASP A 396 -42.41 -24.67 -18.43
C ASP A 396 -43.35 -25.45 -19.40
N ALA A 397 -43.56 -26.73 -19.10
CA ALA A 397 -44.44 -27.59 -19.94
C ALA A 397 -45.90 -27.09 -20.06
N ASN A 398 -46.49 -26.70 -18.92
CA ASN A 398 -47.85 -26.16 -18.90
C ASN A 398 -48.02 -24.71 -19.31
N GLY A 399 -46.99 -24.13 -19.94
CA GLY A 399 -46.97 -22.71 -20.31
C GLY A 399 -46.96 -21.71 -19.13
N ALA A 400 -46.59 -22.17 -17.93
CA ALA A 400 -46.35 -21.29 -16.77
C ALA A 400 -44.89 -20.67 -16.69
N LEU A 401 -44.75 -19.54 -16.01
CA LEU A 401 -43.47 -18.88 -15.95
C LEU A 401 -42.56 -19.70 -15.10
N LYS A 402 -41.31 -19.84 -15.49
CA LYS A 402 -40.36 -20.51 -14.64
C LYS A 402 -39.12 -19.68 -14.52
N ARG A 403 -38.44 -19.77 -13.39
CA ARG A 403 -37.19 -19.07 -13.22
C ARG A 403 -36.12 -19.69 -14.04
N ASN A 404 -35.23 -18.88 -14.54
CA ASN A 404 -34.03 -19.34 -15.17
C ASN A 404 -32.86 -18.68 -14.48
N GLU A 405 -31.92 -19.47 -14.04
CA GLU A 405 -30.74 -18.99 -13.31
C GLU A 405 -29.77 -18.09 -14.15
N GLY A 406 -29.68 -18.33 -15.45
CA GLY A 406 -28.84 -17.52 -16.27
C GLY A 406 -29.41 -16.14 -16.54
N PHE A 407 -30.61 -15.85 -16.06
CA PHE A 407 -31.22 -14.54 -16.35
C PHE A 407 -30.75 -13.48 -15.38
N MET A 408 -29.80 -12.65 -15.78
CA MET A 408 -29.26 -11.68 -14.82
C MET A 408 -28.89 -10.35 -15.43
N PRO A 409 -29.79 -9.72 -16.20
CA PRO A 409 -29.48 -8.46 -16.89
C PRO A 409 -29.35 -7.22 -15.93
N PHE A 410 -29.86 -7.33 -14.72
CA PHE A 410 -29.70 -6.29 -13.67
C PHE A 410 -28.52 -6.66 -12.75
N SER A 411 -27.77 -7.70 -13.12
CA SER A 411 -26.71 -8.21 -12.29
C SER A 411 -27.29 -8.85 -11.05
N LEU A 412 -26.43 -9.03 -10.05
CA LEU A 412 -26.76 -9.87 -8.89
C LEU A 412 -26.08 -9.35 -7.64
N GLY A 413 -26.64 -9.68 -6.50
CA GLY A 413 -25.85 -9.55 -5.32
C GLY A 413 -25.97 -8.19 -4.68
N LYS A 414 -24.88 -7.76 -4.08
CA LYS A 414 -24.96 -6.66 -3.15
C LYS A 414 -25.24 -5.38 -3.90
N ARG A 415 -24.80 -5.30 -5.15
CA ARG A 415 -25.05 -4.09 -5.91
C ARG A 415 -26.01 -4.27 -7.07
N ILE A 416 -26.96 -5.22 -6.92
CA ILE A 416 -27.95 -5.48 -8.00
C ILE A 416 -28.54 -4.13 -8.36
N CYS A 417 -28.85 -3.92 -9.62
CA CYS A 417 -29.50 -2.67 -10.08
C CYS A 417 -30.47 -2.08 -9.05
N LEU A 418 -30.23 -0.87 -8.61
CA LEU A 418 -31.16 -0.24 -7.71
C LEU A 418 -32.54 -0.06 -8.38
N GLY A 419 -32.55 0.03 -9.72
CA GLY A 419 -33.76 0.28 -10.46
C GLY A 419 -34.51 -0.95 -10.94
N GLU A 420 -34.08 -2.16 -10.59
CA GLU A 420 -34.72 -3.34 -11.15
C GLU A 420 -36.26 -3.27 -11.12
N GLY A 421 -36.83 -2.88 -9.99
CA GLY A 421 -38.26 -2.90 -9.84
C GLY A 421 -38.96 -1.88 -10.73
N ILE A 422 -38.55 -0.63 -10.61
CA ILE A 422 -39.02 0.47 -11.47
C ILE A 422 -38.89 0.07 -12.94
N ALA A 423 -37.74 -0.45 -13.35
CA ALA A 423 -37.49 -0.80 -14.74
C ALA A 423 -38.36 -1.97 -15.23
N ARG A 424 -38.46 -3.03 -14.43
CA ARG A 424 -39.23 -4.16 -14.90
C ARG A 424 -40.69 -3.70 -15.03
N THR A 425 -41.09 -2.79 -14.15
CA THR A 425 -42.47 -2.34 -14.10
C THR A 425 -42.73 -1.44 -15.30
N GLU A 426 -41.80 -0.56 -15.65
CA GLU A 426 -41.95 0.26 -16.85
C GLU A 426 -42.03 -0.61 -18.07
N LEU A 427 -41.30 -1.72 -18.09
CA LEU A 427 -41.24 -2.54 -19.30
C LEU A 427 -42.54 -3.27 -19.51
N PHE A 428 -43.18 -3.66 -18.42
CA PHE A 428 -44.43 -4.34 -18.54
C PHE A 428 -45.59 -3.40 -18.92
N LEU A 429 -45.82 -2.37 -18.13
CA LEU A 429 -46.87 -1.40 -18.45
C LEU A 429 -46.70 -0.70 -19.80
N PHE A 430 -45.54 -0.19 -20.15
CA PHE A 430 -45.41 0.44 -21.46
C PHE A 430 -45.60 -0.56 -22.57
N PHE A 431 -45.04 -1.72 -22.41
CA PHE A 431 -45.12 -2.72 -23.45
C PHE A 431 -46.50 -3.26 -23.74
N THR A 432 -47.24 -3.61 -22.72
CA THR A 432 -48.60 -4.05 -22.86
C THR A 432 -49.55 -2.96 -23.30
N THR A 433 -49.39 -1.78 -22.73
CA THR A 433 -50.28 -0.70 -23.03
C THR A 433 -50.14 -0.33 -24.47
N ILE A 434 -48.94 -0.34 -24.96
CA ILE A 434 -48.77 -0.01 -26.34
C ILE A 434 -49.40 -1.00 -27.26
N LEU A 435 -49.25 -2.26 -26.96
CA LEU A 435 -49.72 -3.27 -27.88
C LEU A 435 -51.20 -3.56 -27.68
N GLN A 436 -51.78 -3.13 -26.57
CA GLN A 436 -53.22 -3.21 -26.37
C GLN A 436 -53.94 -2.19 -27.29
N ASN A 437 -53.27 -1.07 -27.57
CA ASN A 437 -53.85 0.03 -28.31
C ASN A 437 -53.34 0.20 -29.74
N PHE A 438 -52.32 -0.55 -30.13
CA PHE A 438 -51.68 -0.35 -31.42
C PHE A 438 -51.12 -1.63 -31.97
N SER A 439 -50.86 -1.63 -33.26
CA SER A 439 -50.15 -2.73 -33.84
C SER A 439 -49.05 -2.05 -34.59
N ILE A 440 -48.13 -2.83 -35.14
CA ILE A 440 -46.90 -2.22 -35.58
C ILE A 440 -46.53 -2.67 -36.97
N ALA A 441 -45.83 -1.83 -37.70
CA ALA A 441 -45.43 -2.23 -39.02
C ALA A 441 -44.22 -1.46 -39.42
N SER A 442 -43.55 -1.93 -40.47
CA SER A 442 -42.43 -1.19 -41.00
C SER A 442 -42.09 -1.56 -42.42
N PRO A 443 -41.30 -0.75 -43.08
CA PRO A 443 -40.97 -1.08 -44.45
C PRO A 443 -40.29 -2.43 -44.59
N VAL A 444 -39.40 -2.78 -43.69
CA VAL A 444 -38.65 -4.01 -43.82
C VAL A 444 -39.40 -5.28 -43.48
N PRO A 445 -39.22 -6.30 -44.28
CA PRO A 445 -39.85 -7.58 -44.02
C PRO A 445 -39.21 -8.22 -42.82
N PRO A 446 -39.95 -9.00 -42.08
CA PRO A 446 -39.45 -9.58 -40.86
C PRO A 446 -38.19 -10.41 -41.07
N GLU A 447 -38.12 -11.16 -42.14
CA GLU A 447 -36.99 -12.02 -42.37
C GLU A 447 -35.79 -11.13 -42.42
N ASP A 448 -35.98 -9.95 -42.98
CA ASP A 448 -34.88 -9.02 -43.20
C ASP A 448 -34.51 -8.07 -42.07
N ILE A 449 -35.24 -8.11 -40.97
CA ILE A 449 -34.90 -7.28 -39.85
C ILE A 449 -33.59 -7.79 -39.29
N ASP A 450 -32.66 -6.91 -38.98
CA ASP A 450 -31.38 -7.38 -38.48
C ASP A 450 -31.15 -6.88 -37.03
N LEU A 451 -31.13 -7.80 -36.08
CA LEU A 451 -31.03 -7.40 -34.70
C LEU A 451 -29.61 -7.23 -34.15
N THR A 452 -28.62 -7.34 -35.01
CA THR A 452 -27.24 -7.13 -34.56
C THR A 452 -26.87 -5.63 -34.34
N PRO A 453 -26.35 -5.41 -33.14
CA PRO A 453 -25.98 -4.12 -32.60
C PRO A 453 -24.89 -3.48 -33.39
N ARG A 454 -24.96 -2.19 -33.55
CA ARG A 454 -23.96 -1.53 -34.35
C ARG A 454 -22.48 -1.53 -33.91
N GLU A 455 -22.15 -1.32 -32.64
CA GLU A 455 -20.72 -1.25 -32.32
C GLU A 455 -19.97 -2.40 -31.64
N SER A 456 -20.51 -2.94 -30.55
CA SER A 456 -19.84 -4.03 -29.87
C SER A 456 -18.80 -3.66 -28.83
N GLY A 457 -18.74 -2.40 -28.43
CA GLY A 457 -17.74 -1.94 -27.49
C GLY A 457 -18.17 -1.63 -26.08
N VAL A 458 -18.58 -2.62 -25.33
CA VAL A 458 -18.98 -2.36 -23.96
C VAL A 458 -20.44 -2.00 -23.96
N GLY A 459 -21.05 -2.06 -25.11
CA GLY A 459 -22.45 -1.75 -25.22
C GLY A 459 -22.99 -2.55 -26.35
N ASN A 460 -24.30 -2.69 -26.41
CA ASN A 460 -24.88 -3.40 -27.50
C ASN A 460 -26.01 -2.55 -27.96
N VAL A 461 -25.71 -1.41 -28.55
CA VAL A 461 -26.74 -0.51 -29.02
C VAL A 461 -27.47 -1.09 -30.19
N PRO A 462 -28.78 -1.15 -30.10
CA PRO A 462 -29.62 -1.65 -31.20
C PRO A 462 -29.50 -0.72 -32.41
N PRO A 463 -29.60 -1.26 -33.64
CA PRO A 463 -29.54 -0.42 -34.85
C PRO A 463 -30.73 0.52 -34.86
N SER A 464 -30.64 1.71 -35.40
CA SER A 464 -31.85 2.55 -35.48
C SER A 464 -32.77 2.04 -36.61
N TYR A 465 -34.06 2.26 -36.44
CA TYR A 465 -35.00 1.70 -37.38
C TYR A 465 -36.25 2.57 -37.41
N GLN A 466 -37.14 2.33 -38.37
CA GLN A 466 -38.43 3.02 -38.39
C GLN A 466 -39.55 2.04 -38.13
N ILE A 467 -40.61 2.56 -37.51
CA ILE A 467 -41.77 1.77 -37.17
C ILE A 467 -43.05 2.66 -37.24
N ARG A 468 -44.16 2.01 -37.51
CA ARG A 468 -45.43 2.65 -37.57
C ARG A 468 -46.26 2.11 -36.45
N PHE A 469 -46.97 2.96 -35.74
CA PHE A 469 -47.89 2.47 -34.75
C PHE A 469 -49.28 2.73 -35.27
N LEU A 470 -50.01 1.66 -35.52
CA LEU A 470 -51.35 1.72 -36.09
C LEU A 470 -52.42 1.50 -35.06
N ALA A 471 -53.31 2.46 -34.90
CA ALA A 471 -54.33 2.35 -33.89
C ALA A 471 -55.19 1.17 -34.16
N ARG A 472 -55.44 0.37 -33.14
CA ARG A 472 -56.21 -0.82 -33.30
C ARG A 472 -57.69 -0.66 -33.60
N HIS A 473 -58.33 0.31 -32.98
CA HIS A 473 -59.75 0.48 -33.24
C HIS A 473 -60.60 -0.75 -32.89
N HIS A 474 -60.31 -1.33 -31.72
CA HIS A 474 -61.09 -2.42 -31.15
C HIS A 474 -62.02 -3.15 -32.09
N GLY B 9 3.97 22.68 5.26
CA GLY B 9 3.42 21.37 4.98
C GLY B 9 1.92 21.09 4.69
N LYS B 10 1.14 22.04 4.19
CA LYS B 10 -0.26 21.79 3.82
C LYS B 10 -0.36 21.30 2.34
N LEU B 11 -1.46 20.65 1.98
CA LEU B 11 -1.61 20.17 0.59
C LEU B 11 -2.05 21.38 -0.18
N PRO B 12 -1.92 21.34 -1.52
CA PRO B 12 -2.31 22.51 -2.30
C PRO B 12 -3.79 22.80 -2.13
N PRO B 13 -4.15 24.10 -2.09
CA PRO B 13 -5.55 24.57 -1.99
C PRO B 13 -6.36 24.24 -3.25
N GLY B 14 -7.68 24.23 -3.17
CA GLY B 14 -8.46 24.12 -4.38
C GLY B 14 -9.93 24.21 -3.98
N PRO B 15 -10.84 24.16 -4.96
CA PRO B 15 -12.29 24.15 -4.74
C PRO B 15 -12.72 22.82 -4.04
N SER B 16 -13.70 22.94 -3.15
CA SER B 16 -14.32 21.78 -2.48
C SER B 16 -15.04 20.78 -3.37
N PRO B 17 -14.67 19.51 -3.29
CA PRO B 17 -15.25 18.56 -4.23
C PRO B 17 -16.57 18.02 -3.71
N LEU B 18 -17.48 17.77 -4.64
CA LEU B 18 -18.68 17.05 -4.31
C LEU B 18 -18.43 15.54 -4.28
N PRO B 19 -19.25 14.82 -3.50
CA PRO B 19 -19.20 13.36 -3.56
C PRO B 19 -19.51 12.90 -4.97
N VAL B 20 -18.71 11.97 -5.47
CA VAL B 20 -18.91 11.37 -6.79
C VAL B 20 -18.49 12.26 -7.93
N LEU B 21 -19.06 13.46 -8.02
CA LEU B 21 -18.73 14.37 -9.14
C LEU B 21 -17.38 15.09 -8.96
N GLY B 22 -16.87 15.24 -7.72
CA GLY B 22 -15.60 15.94 -7.54
C GLY B 22 -15.78 17.42 -7.88
N ASN B 23 -14.94 18.01 -8.73
CA ASN B 23 -15.16 19.41 -9.10
C ASN B 23 -15.74 19.57 -10.51
N LEU B 24 -16.31 18.51 -11.07
CA LEU B 24 -16.93 18.56 -12.41
C LEU B 24 -17.88 19.73 -12.64
N LEU B 25 -18.73 20.04 -11.67
CA LEU B 25 -19.66 21.15 -11.82
C LEU B 25 -18.97 22.51 -11.80
N GLN B 26 -17.75 22.55 -11.27
CA GLN B 26 -16.88 23.75 -11.31
C GLN B 26 -16.20 24.02 -12.68
N MET B 27 -16.64 23.36 -13.77
CA MET B 27 -16.12 23.67 -15.11
C MET B 27 -17.07 24.65 -15.88
N ASP B 28 -16.53 25.52 -16.70
CA ASP B 28 -17.29 26.39 -17.56
C ASP B 28 -17.87 25.79 -18.80
N ARG B 29 -18.87 26.46 -19.33
CA ARG B 29 -19.41 26.20 -20.63
C ARG B 29 -18.32 26.62 -21.56
N LYS B 30 -17.42 27.42 -21.02
CA LYS B 30 -16.33 28.02 -21.75
C LYS B 30 -15.10 27.15 -21.95
N GLY B 31 -15.10 25.94 -21.42
CA GLY B 31 -14.02 25.01 -21.66
C GLY B 31 -13.05 24.70 -20.55
N LEU B 32 -12.42 23.55 -20.64
CA LEU B 32 -11.56 23.09 -19.59
C LEU B 32 -10.43 24.03 -19.38
N LEU B 33 -9.85 24.48 -20.47
CA LEU B 33 -8.69 25.31 -20.34
C LEU B 33 -9.01 26.58 -19.62
N ARG B 34 -10.11 27.22 -19.96
CA ARG B 34 -10.49 28.41 -19.23
C ARG B 34 -10.91 28.18 -17.82
N SER B 35 -11.52 27.04 -17.56
CA SER B 35 -11.97 26.71 -16.24
C SER B 35 -10.79 26.64 -15.30
N PHE B 36 -9.72 26.04 -15.76
CA PHE B 36 -8.54 25.94 -14.95
C PHE B 36 -7.96 27.31 -14.72
N LEU B 37 -7.99 28.14 -15.74
CA LEU B 37 -7.47 29.50 -15.59
C LEU B 37 -8.25 30.29 -14.57
N ARG B 38 -9.54 30.12 -14.54
CA ARG B 38 -10.33 30.78 -13.53
C ARG B 38 -9.92 30.24 -12.18
N LEU B 39 -9.66 28.96 -12.11
CA LEU B 39 -9.24 28.39 -10.85
C LEU B 39 -7.91 28.90 -10.39
N ARG B 40 -6.97 28.97 -11.30
CA ARG B 40 -5.65 29.56 -11.05
C ARG B 40 -5.72 31.00 -10.48
N GLU B 41 -6.60 31.85 -11.05
CA GLU B 41 -6.76 33.20 -10.56
C GLU B 41 -7.09 33.15 -9.07
N LYS B 42 -7.97 32.20 -8.72
CA LYS B 42 -8.53 32.05 -7.38
C LYS B 42 -7.54 31.49 -6.40
N TYR B 43 -6.79 30.47 -6.81
CA TYR B 43 -6.01 29.67 -5.85
C TYR B 43 -4.50 29.77 -6.06
N GLY B 44 -4.04 30.19 -7.23
CA GLY B 44 -2.61 30.35 -7.50
C GLY B 44 -2.04 29.33 -8.48
N ASP B 45 -0.72 29.26 -8.59
CA ASP B 45 -0.11 28.39 -9.63
C ASP B 45 -0.16 26.87 -9.35
N VAL B 46 -0.28 26.49 -8.08
CA VAL B 46 -0.40 25.09 -7.66
C VAL B 46 -1.71 24.90 -6.88
N PHE B 47 -2.64 24.17 -7.49
CA PHE B 47 -3.94 23.91 -6.87
C PHE B 47 -4.38 22.48 -7.07
N THR B 48 -5.33 22.06 -6.24
CA THR B 48 -5.88 20.71 -6.23
C THR B 48 -7.29 20.69 -6.74
N VAL B 49 -7.51 19.82 -7.71
CA VAL B 49 -8.77 19.63 -8.38
C VAL B 49 -9.18 18.11 -8.26
N TYR B 50 -10.47 17.78 -8.15
CA TYR B 50 -10.85 16.40 -7.98
C TYR B 50 -11.48 15.87 -9.25
N LEU B 51 -10.98 14.77 -9.81
CA LEU B 51 -11.70 14.08 -10.88
C LEU B 51 -12.27 12.82 -10.29
N GLY B 52 -13.58 12.75 -10.17
CA GLY B 52 -14.18 11.70 -9.37
C GLY B 52 -13.86 11.92 -7.91
N SER B 53 -13.21 10.92 -7.30
CA SER B 53 -12.80 11.06 -5.89
C SER B 53 -11.29 11.24 -5.75
N ARG B 54 -10.66 11.32 -6.91
CA ARG B 54 -9.21 11.42 -7.00
C ARG B 54 -8.70 12.87 -7.04
N PRO B 55 -7.81 13.20 -6.13
CA PRO B 55 -7.08 14.48 -6.25
C PRO B 55 -6.10 14.44 -7.39
N VAL B 56 -6.07 15.50 -8.20
CA VAL B 56 -4.96 15.84 -9.08
C VAL B 56 -4.47 17.25 -8.84
N VAL B 57 -3.15 17.40 -8.72
CA VAL B 57 -2.49 18.68 -8.44
C VAL B 57 -2.11 19.21 -9.82
N VAL B 58 -2.52 20.43 -10.08
CA VAL B 58 -2.38 21.15 -11.34
C VAL B 58 -1.29 22.24 -11.17
N LEU B 59 -0.33 22.21 -12.08
CA LEU B 59 0.74 23.14 -12.11
C LEU B 59 0.51 24.20 -13.23
N CYS B 60 0.52 25.48 -12.88
CA CYS B 60 0.36 26.55 -13.88
C CYS B 60 1.46 27.60 -13.93
N GLY B 61 1.75 28.03 -15.15
CA GLY B 61 2.77 29.03 -15.39
C GLY B 61 4.16 28.44 -15.59
N THR B 62 4.97 29.12 -16.37
CA THR B 62 6.33 28.74 -16.70
C THR B 62 7.16 28.46 -15.47
N ASP B 63 7.04 29.28 -14.45
CA ASP B 63 7.84 29.04 -13.25
C ASP B 63 7.56 27.75 -12.48
N ALA B 64 6.28 27.47 -12.22
CA ALA B 64 5.91 26.28 -11.49
C ALA B 64 6.21 25.05 -12.33
N ILE B 65 5.89 25.09 -13.61
CA ILE B 65 6.11 23.90 -14.43
C ILE B 65 7.62 23.61 -14.50
N ARG B 66 8.44 24.64 -14.60
CA ARG B 66 9.88 24.45 -14.65
C ARG B 66 10.43 24.04 -13.29
N GLU B 67 9.95 24.64 -12.19
CA GLU B 67 10.41 24.15 -10.87
C GLU B 67 10.06 22.67 -10.62
N ALA B 68 8.91 22.20 -11.10
CA ALA B 68 8.57 20.79 -10.95
C ALA B 68 9.35 19.90 -11.95
N LEU B 69 9.17 20.09 -13.25
CA LEU B 69 9.70 19.14 -14.23
C LEU B 69 11.23 19.14 -14.35
N VAL B 70 11.85 20.30 -14.06
CA VAL B 70 13.27 20.45 -14.18
C VAL B 70 13.99 20.41 -12.83
N ASP B 71 13.66 21.30 -11.92
CA ASP B 71 14.38 21.34 -10.65
C ASP B 71 14.10 20.16 -9.76
N GLN B 72 12.93 19.52 -9.87
CA GLN B 72 12.65 18.27 -9.09
C GLN B 72 12.34 17.14 -10.06
N ALA B 73 13.11 17.13 -11.12
CA ALA B 73 12.83 16.30 -12.29
C ALA B 73 12.40 14.91 -11.89
N GLU B 74 13.14 14.31 -10.97
CA GLU B 74 12.93 12.91 -10.65
C GLU B 74 11.62 12.64 -9.90
N ALA B 75 11.34 13.49 -8.90
CA ALA B 75 10.12 13.40 -8.13
C ALA B 75 8.85 13.50 -8.97
N PHE B 76 8.88 14.31 -10.04
CA PHE B 76 7.72 14.59 -10.92
C PHE B 76 7.74 13.73 -12.21
N SER B 77 8.43 12.60 -12.17
CA SER B 77 8.69 11.82 -13.37
C SER B 77 7.88 10.53 -13.52
N GLY B 78 6.96 10.28 -12.58
CA GLY B 78 6.23 9.01 -12.58
C GLY B 78 5.20 8.87 -13.64
N ARG B 79 4.83 7.65 -13.99
CA ARG B 79 3.80 7.38 -14.98
C ARG B 79 2.48 7.01 -14.33
N GLY B 80 1.37 7.02 -15.04
CA GLY B 80 0.07 6.70 -14.47
C GLY B 80 -0.01 5.21 -14.14
N LYS B 81 -0.96 4.86 -13.24
CA LYS B 81 -1.26 3.50 -12.83
C LYS B 81 -1.46 2.48 -13.97
N ILE B 82 -2.03 2.89 -15.08
CA ILE B 82 -2.21 1.97 -16.22
C ILE B 82 -0.86 1.40 -16.77
N ALA B 83 0.24 2.10 -16.51
CA ALA B 83 1.56 1.75 -17.03
C ALA B 83 2.42 1.16 -15.96
N VAL B 84 1.84 0.88 -14.80
CA VAL B 84 2.63 0.32 -13.71
C VAL B 84 2.40 -1.19 -13.56
N VAL B 85 3.47 -1.98 -13.71
CA VAL B 85 3.27 -3.44 -13.61
C VAL B 85 3.11 -3.87 -12.20
N ASP B 86 2.25 -4.88 -12.01
CA ASP B 86 1.97 -5.44 -10.70
C ASP B 86 2.81 -6.70 -10.52
N PRO B 87 3.82 -6.63 -9.65
CA PRO B 87 4.78 -7.75 -9.58
C PRO B 87 4.09 -8.96 -8.99
N ILE B 88 3.00 -8.81 -8.25
CA ILE B 88 2.23 -9.98 -7.80
C ILE B 88 1.71 -10.86 -8.96
N PHE B 89 1.45 -10.26 -10.11
CA PHE B 89 0.86 -10.95 -11.25
C PHE B 89 1.95 -11.29 -12.26
N GLN B 90 2.93 -10.40 -12.40
CA GLN B 90 3.96 -10.57 -13.44
C GLN B 90 5.42 -10.74 -13.00
N GLY B 91 5.66 -10.62 -11.69
CA GLY B 91 7.01 -10.62 -11.13
C GLY B 91 7.74 -9.35 -11.50
N TYR B 92 8.93 -9.16 -10.90
CA TYR B 92 9.84 -8.09 -11.21
C TYR B 92 10.50 -8.74 -12.37
N GLY B 93 11.27 -8.04 -13.15
CA GLY B 93 11.78 -8.83 -14.26
C GLY B 93 11.30 -8.30 -15.58
N VAL B 94 9.97 -8.29 -15.73
CA VAL B 94 9.42 -7.53 -16.81
C VAL B 94 9.63 -6.05 -16.45
N ILE B 95 9.53 -5.73 -15.16
CA ILE B 95 9.74 -4.36 -14.72
C ILE B 95 11.11 -3.81 -15.11
N PHE B 96 12.17 -4.57 -14.78
CA PHE B 96 13.57 -4.18 -15.04
C PHE B 96 13.90 -4.18 -16.54
N ALA B 97 13.40 -5.20 -17.23
CA ALA B 97 13.52 -5.30 -18.67
C ALA B 97 12.88 -4.05 -19.37
N ASN B 98 11.65 -3.71 -19.07
CA ASN B 98 11.12 -2.45 -19.59
C ASN B 98 11.98 -1.24 -19.30
N GLY B 99 12.58 -1.15 -18.09
CA GLY B 99 13.52 -0.07 -17.80
C GLY B 99 14.72 -0.04 -18.77
N GLU B 100 15.28 -1.21 -19.03
CA GLU B 100 16.40 -1.39 -19.95
C GLU B 100 15.99 -1.05 -21.38
N ARG B 101 14.91 -1.65 -21.84
CA ARG B 101 14.35 -1.31 -23.15
C ARG B 101 14.16 0.21 -23.29
N TRP B 102 13.47 0.81 -22.35
CA TRP B 102 13.23 2.24 -22.42
C TRP B 102 14.55 2.99 -22.58
N ARG B 103 15.54 2.65 -21.77
CA ARG B 103 16.81 3.38 -21.86
C ARG B 103 17.52 3.12 -23.20
N ALA B 104 17.49 1.89 -23.69
CA ALA B 104 18.03 1.61 -25.00
C ALA B 104 17.38 2.50 -26.05
N LEU B 105 16.07 2.66 -25.98
CA LEU B 105 15.36 3.46 -26.98
C LEU B 105 15.69 4.93 -26.80
N ARG B 106 15.60 5.42 -25.57
CA ARG B 106 16.00 6.77 -25.19
C ARG B 106 17.38 7.11 -25.78
N ARG B 107 18.28 6.12 -25.73
CA ARG B 107 19.67 6.26 -26.22
C ARG B 107 19.78 6.30 -27.75
N PHE B 108 19.32 5.26 -28.41
CA PHE B 108 19.37 5.21 -29.84
C PHE B 108 18.69 6.40 -30.46
N SER B 109 17.63 6.90 -29.85
CA SER B 109 16.96 8.03 -30.41
C SER B 109 17.85 9.26 -30.42
N LEU B 110 18.60 9.49 -29.36
CA LEU B 110 19.50 10.63 -29.32
C LEU B 110 20.61 10.47 -30.33
N ALA B 111 21.09 9.24 -30.44
CA ALA B 111 22.18 8.91 -31.34
C ALA B 111 21.83 9.14 -32.78
N THR B 112 20.63 8.76 -33.16
CA THR B 112 20.23 8.95 -34.54
C THR B 112 20.22 10.44 -34.85
N MET B 113 19.80 11.27 -33.92
CA MET B 113 19.79 12.69 -34.22
C MET B 113 21.19 13.20 -34.48
N ARG B 114 22.16 12.73 -33.72
CA ARG B 114 23.57 13.11 -33.91
C ARG B 114 24.19 12.69 -35.25
N ASP B 115 23.89 11.46 -35.67
CA ASP B 115 24.39 10.81 -36.90
C ASP B 115 24.75 11.71 -38.06
N LYS B 120 23.74 5.13 -43.17
CA LYS B 120 24.29 5.55 -44.44
C LYS B 120 23.71 6.88 -44.83
N ARG B 121 22.59 7.24 -44.24
CA ARG B 121 21.99 8.54 -44.49
C ARG B 121 21.56 9.19 -43.19
N SER B 122 21.77 10.49 -43.07
CA SER B 122 21.42 11.22 -41.88
C SER B 122 19.92 11.41 -41.84
N VAL B 123 19.39 11.75 -40.67
CA VAL B 123 17.97 11.97 -40.60
C VAL B 123 17.60 13.15 -41.46
N GLU B 124 18.41 14.20 -41.43
CA GLU B 124 18.17 15.43 -42.20
C GLU B 124 18.14 15.17 -43.68
N GLU B 125 18.99 14.28 -44.13
CA GLU B 125 18.98 13.87 -45.53
C GLU B 125 17.67 13.21 -45.88
N ARG B 126 17.15 12.40 -44.95
CA ARG B 126 15.93 11.64 -45.23
C ARG B 126 14.71 12.59 -45.29
N ILE B 127 14.74 13.64 -44.44
CA ILE B 127 13.70 14.64 -44.44
C ILE B 127 13.83 15.47 -45.69
N GLN B 128 15.07 15.85 -46.06
CA GLN B 128 15.31 16.56 -47.34
C GLN B 128 14.74 15.78 -48.53
N GLU B 129 15.13 14.50 -48.64
CA GLU B 129 14.57 13.68 -49.70
C GLU B 129 13.03 13.78 -49.69
N GLU B 130 12.44 13.70 -48.50
CA GLU B 130 11.00 13.62 -48.42
C GLU B 130 10.37 14.94 -48.83
N ALA B 131 11.07 16.04 -48.53
CA ALA B 131 10.61 17.37 -48.91
C ALA B 131 10.56 17.47 -50.43
N ARG B 132 11.62 16.99 -51.09
CA ARG B 132 11.62 16.88 -52.55
C ARG B 132 10.34 16.13 -53.05
N CYS B 133 10.15 14.88 -52.62
CA CYS B 133 9.03 14.10 -53.10
C CYS B 133 7.73 14.87 -52.84
N LEU B 134 7.72 15.65 -51.77
CA LEU B 134 6.52 16.46 -51.45
C LEU B 134 6.31 17.57 -52.47
N VAL B 135 7.36 18.38 -52.73
CA VAL B 135 7.33 19.46 -53.72
C VAL B 135 6.71 18.96 -55.04
N GLU B 136 7.26 17.85 -55.55
CA GLU B 136 6.71 17.14 -56.72
C GLU B 136 5.20 16.92 -56.62
N GLU B 137 4.75 16.34 -55.52
CA GLU B 137 3.33 16.06 -55.33
C GLU B 137 2.50 17.31 -55.40
N LEU B 138 3.07 18.41 -54.95
CA LEU B 138 2.34 19.66 -54.83
C LEU B 138 2.13 20.30 -56.20
N ARG B 139 3.13 20.12 -57.06
CA ARG B 139 3.03 20.40 -58.50
C ARG B 139 1.94 19.54 -59.18
N LYS B 140 1.97 18.23 -58.99
CA LYS B 140 0.91 17.40 -59.59
C LYS B 140 -0.51 17.89 -59.19
N SER B 141 -0.65 18.63 -58.09
CA SER B 141 -1.94 19.16 -57.67
C SER B 141 -2.30 20.36 -58.55
N LYS B 142 -1.31 20.85 -59.29
CA LYS B 142 -1.49 21.98 -60.20
C LYS B 142 -2.36 23.08 -59.57
N GLY B 143 -2.01 23.48 -58.34
CA GLY B 143 -2.62 24.60 -57.64
C GLY B 143 -4.08 24.45 -57.24
N ALA B 144 -4.56 23.21 -57.28
CA ALA B 144 -5.94 22.93 -56.92
C ALA B 144 -6.15 23.09 -55.41
N LEU B 145 -7.41 23.36 -55.02
CA LEU B 145 -7.80 23.46 -53.62
C LEU B 145 -7.81 22.08 -52.95
N LEU B 146 -7.01 21.90 -51.89
CA LEU B 146 -6.94 20.61 -51.21
C LEU B 146 -7.05 20.79 -49.70
N ASP B 147 -7.32 19.68 -49.00
CA ASP B 147 -7.14 19.54 -47.54
C ASP B 147 -5.79 18.82 -47.27
N ASN B 148 -4.86 19.50 -46.60
CA ASN B 148 -3.49 18.95 -46.51
C ASN B 148 -3.29 17.90 -45.40
N THR B 149 -4.39 17.44 -44.81
CA THR B 149 -4.29 16.57 -43.63
C THR B 149 -3.51 15.34 -44.02
N LEU B 150 -4.01 14.68 -45.09
CA LEU B 150 -3.45 13.43 -45.53
C LEU B 150 -2.04 13.59 -45.99
N LEU B 151 -1.80 14.66 -46.76
CA LEU B 151 -0.45 14.93 -47.27
C LEU B 151 0.57 15.10 -46.10
N PHE B 152 0.14 15.84 -45.07
CA PHE B 152 1.05 16.11 -43.97
C PHE B 152 1.27 14.90 -43.07
N HIS B 153 0.29 14.00 -43.01
CA HIS B 153 0.46 12.75 -42.27
C HIS B 153 1.47 11.91 -43.05
N SER B 154 1.30 11.91 -44.36
CA SER B 154 2.16 11.09 -45.23
C SER B 154 3.64 11.47 -45.13
N ILE B 155 3.91 12.79 -45.23
CA ILE B 155 5.28 13.25 -45.33
C ILE B 155 5.99 13.02 -44.00
N THR B 156 5.26 13.16 -42.87
CA THR B 156 5.94 13.03 -41.57
C THR B 156 6.04 11.53 -41.25
N SER B 157 5.00 10.76 -41.58
CA SER B 157 5.05 9.30 -41.39
C SER B 157 6.24 8.67 -42.06
N ASN B 158 6.48 9.06 -43.32
CA ASN B 158 7.60 8.51 -44.06
C ASN B 158 8.94 8.69 -43.39
N ILE B 159 9.11 9.82 -42.71
CA ILE B 159 10.35 10.00 -41.98
C ILE B 159 10.60 8.87 -40.97
N ILE B 160 9.55 8.48 -40.23
CA ILE B 160 9.58 7.31 -39.34
C ILE B 160 9.75 5.99 -40.11
N CYS B 161 9.00 5.79 -41.19
CA CYS B 161 9.24 4.59 -41.97
C CYS B 161 10.69 4.45 -42.42
N SER B 162 11.30 5.54 -42.89
CA SER B 162 12.66 5.45 -43.41
C SER B 162 13.63 5.10 -42.28
N ILE B 163 13.43 5.70 -41.11
CA ILE B 163 14.26 5.41 -39.94
C ILE B 163 14.09 3.97 -39.37
N VAL B 164 12.91 3.38 -39.53
CA VAL B 164 12.62 2.13 -38.82
C VAL B 164 12.86 1.00 -39.79
N PHE B 165 12.26 1.12 -40.98
CA PHE B 165 12.36 0.06 -41.98
C PHE B 165 13.56 0.25 -42.92
N GLY B 166 14.31 1.34 -42.74
CA GLY B 166 15.46 1.63 -43.59
C GLY B 166 15.17 2.44 -44.86
N LYS B 167 13.95 2.38 -45.42
CA LYS B 167 13.61 3.11 -46.66
C LYS B 167 12.19 3.71 -46.58
N ARG B 168 12.00 4.88 -47.20
CA ARG B 168 10.67 5.55 -47.26
C ARG B 168 9.72 4.78 -48.16
N PHE B 169 8.42 5.07 -48.04
CA PHE B 169 7.37 4.40 -48.82
C PHE B 169 6.97 5.29 -49.96
N ASP B 170 6.30 4.73 -50.96
CA ASP B 170 5.68 5.56 -51.99
C ASP B 170 4.30 6.04 -51.53
N TYR B 171 3.98 7.31 -51.75
CA TYR B 171 2.73 7.89 -51.24
C TYR B 171 1.45 7.13 -51.57
N LYS B 172 1.51 6.20 -52.53
CA LYS B 172 0.32 5.44 -52.91
C LYS B 172 0.52 3.94 -52.70
N ASP B 173 1.69 3.57 -52.16
CA ASP B 173 1.98 2.18 -51.77
C ASP B 173 0.91 1.61 -50.80
N PRO B 174 0.28 0.48 -51.14
CA PRO B 174 -0.90 0.14 -50.34
C PRO B 174 -0.57 -0.39 -48.94
N VAL B 175 0.69 -0.66 -48.65
CA VAL B 175 1.07 -0.97 -47.29
C VAL B 175 1.05 0.32 -46.50
N PHE B 176 1.69 1.32 -47.07
CA PHE B 176 1.78 2.63 -46.47
C PHE B 176 0.37 3.24 -46.30
N LEU B 177 -0.56 2.95 -47.21
CA LEU B 177 -1.88 3.50 -47.03
C LEU B 177 -2.56 2.81 -45.86
N ARG B 178 -2.25 1.52 -45.69
CA ARG B 178 -2.88 0.70 -44.66
C ARG B 178 -2.35 1.16 -43.31
N LEU B 179 -1.05 1.50 -43.32
CA LEU B 179 -0.32 2.01 -42.17
C LEU B 179 -0.85 3.32 -41.74
N LEU B 180 -1.08 4.21 -42.68
CA LEU B 180 -1.68 5.49 -42.36
C LEU B 180 -3.05 5.30 -41.71
N ASP B 181 -3.72 4.20 -42.07
CA ASP B 181 -5.10 3.99 -41.63
C ASP B 181 -5.15 3.52 -40.18
N LEU B 182 -4.32 2.53 -39.90
CA LEU B 182 -4.16 2.05 -38.56
C LEU B 182 -3.88 3.22 -37.59
N PHE B 183 -2.78 3.88 -37.85
CA PHE B 183 -2.27 4.80 -36.87
C PHE B 183 -2.98 6.11 -36.79
N PHE B 184 -3.55 6.60 -37.91
CA PHE B 184 -4.02 7.98 -37.89
C PHE B 184 -5.51 8.18 -38.05
N GLN B 185 -6.17 7.12 -38.46
CA GLN B 185 -7.58 7.09 -38.73
C GLN B 185 -8.40 7.24 -37.45
N SER B 186 -9.20 8.29 -37.39
CA SER B 186 -10.08 8.56 -36.26
C SER B 186 -11.19 7.51 -36.15
N PHE B 187 -11.64 7.26 -34.94
CA PHE B 187 -12.81 6.48 -34.70
C PHE B 187 -13.34 7.13 -33.47
N SER B 188 -14.62 7.02 -33.18
CA SER B 188 -15.13 7.70 -32.00
C SER B 188 -15.89 6.86 -31.03
N LEU B 189 -15.88 7.33 -29.79
CA LEU B 189 -16.54 6.68 -28.70
C LEU B 189 -17.68 7.56 -28.23
N ILE B 190 -18.86 6.98 -28.06
CA ILE B 190 -20.02 7.76 -27.71
C ILE B 190 -20.42 7.72 -26.25
N SER B 191 -20.64 8.90 -25.70
CA SER B 191 -20.97 9.02 -24.31
C SER B 191 -22.12 9.98 -24.05
N SER B 192 -22.75 9.90 -22.90
CA SER B 192 -23.81 10.81 -22.53
C SER B 192 -23.44 11.31 -21.18
N PHE B 193 -24.02 12.40 -20.71
CA PHE B 193 -23.64 12.84 -19.36
C PHE B 193 -24.17 11.88 -18.26
N SER B 194 -25.32 11.27 -18.45
CA SER B 194 -25.83 10.37 -17.42
C SER B 194 -24.87 9.15 -17.26
N SER B 195 -24.40 8.60 -18.39
CA SER B 195 -23.40 7.51 -18.38
C SER B 195 -22.07 7.89 -17.65
N GLN B 196 -21.60 9.07 -17.97
CA GLN B 196 -20.44 9.60 -17.31
C GLN B 196 -20.57 9.75 -15.81
N VAL B 197 -21.70 10.31 -15.34
CA VAL B 197 -21.91 10.33 -13.92
C VAL B 197 -21.91 8.88 -13.36
N PHE B 198 -22.53 7.92 -14.08
CA PHE B 198 -22.53 6.56 -13.60
C PHE B 198 -21.09 5.92 -13.57
N GLU B 199 -20.28 6.23 -14.57
CA GLU B 199 -18.88 5.83 -14.55
C GLU B 199 -18.15 6.31 -13.29
N LEU B 200 -18.28 7.61 -12.97
CA LEU B 200 -17.68 8.20 -11.77
C LEU B 200 -18.08 7.47 -10.46
N PHE B 201 -19.38 7.14 -10.36
CA PHE B 201 -19.99 6.42 -9.26
C PHE B 201 -19.47 5.00 -9.23
N SER B 202 -19.32 4.39 -10.41
CA SER B 202 -18.76 3.07 -10.55
C SER B 202 -17.33 3.00 -10.04
N GLY B 203 -16.58 4.09 -10.23
CA GLY B 203 -15.11 4.05 -10.15
C GLY B 203 -14.40 3.56 -11.45
N PHE B 204 -15.16 3.17 -12.47
CA PHE B 204 -14.54 2.76 -13.75
C PHE B 204 -15.03 3.58 -14.94
N LEU B 205 -14.12 3.97 -15.82
CA LEU B 205 -14.43 4.54 -17.14
C LEU B 205 -14.87 3.46 -18.13
N LYS B 206 -15.77 3.78 -19.03
CA LYS B 206 -16.12 2.95 -20.18
C LYS B 206 -15.05 2.85 -21.24
N TYR B 207 -14.38 3.94 -21.52
CA TYR B 207 -13.40 3.96 -22.58
C TYR B 207 -12.09 3.45 -22.14
N PHE B 208 -11.52 2.60 -22.96
CA PHE B 208 -10.19 2.13 -22.78
C PHE B 208 -9.72 1.84 -24.18
N PRO B 209 -8.43 1.83 -24.38
CA PRO B 209 -7.90 1.60 -25.70
C PRO B 209 -8.29 0.26 -26.22
N GLY B 210 -8.60 0.20 -27.50
CA GLY B 210 -9.04 -1.03 -28.12
C GLY B 210 -10.50 -1.44 -27.94
N THR B 211 -11.37 -0.56 -27.45
CA THR B 211 -12.80 -0.90 -27.37
C THR B 211 -13.47 -0.68 -28.70
N HIS B 212 -12.79 0.05 -29.58
CA HIS B 212 -13.26 0.30 -30.94
C HIS B 212 -12.72 -0.71 -32.01
N ARG B 213 -13.59 -1.53 -32.53
CA ARG B 213 -13.31 -2.63 -33.43
C ARG B 213 -12.51 -2.24 -34.64
N GLN B 214 -12.60 -1.00 -34.98
CA GLN B 214 -11.92 -0.44 -36.15
C GLN B 214 -10.38 -0.59 -36.15
N ILE B 215 -9.76 -0.45 -34.98
CA ILE B 215 -8.33 -0.68 -34.74
C ILE B 215 -7.74 -1.96 -35.38
N TYR B 216 -8.53 -3.03 -35.41
CA TYR B 216 -8.01 -4.34 -35.81
C TYR B 216 -8.13 -4.57 -37.29
N ARG B 217 -8.98 -3.75 -37.92
CA ARG B 217 -9.08 -3.63 -39.37
C ARG B 217 -7.74 -3.88 -40.05
N ASN B 218 -6.69 -3.13 -39.68
CA ASN B 218 -5.40 -3.14 -40.40
C ASN B 218 -4.21 -3.69 -39.62
N LEU B 219 -4.46 -4.21 -38.43
CA LEU B 219 -3.40 -4.53 -37.46
C LEU B 219 -2.59 -5.72 -37.88
N GLN B 220 -3.29 -6.80 -38.18
CA GLN B 220 -2.62 -8.01 -38.56
C GLN B 220 -1.82 -7.80 -39.83
N GLU B 221 -2.35 -7.00 -40.76
CA GLU B 221 -1.63 -6.82 -42.04
C GLU B 221 -0.35 -6.10 -41.74
N ILE B 222 -0.44 -5.09 -40.87
CA ILE B 222 0.72 -4.29 -40.50
C ILE B 222 1.75 -5.17 -39.80
N ASN B 223 1.25 -5.93 -38.83
CA ASN B 223 2.10 -6.86 -38.10
C ASN B 223 2.90 -7.76 -39.03
N THR B 224 2.21 -8.34 -40.00
CA THR B 224 2.83 -9.27 -40.94
C THR B 224 3.93 -8.56 -41.73
N PHE B 225 3.63 -7.34 -42.16
CA PHE B 225 4.60 -6.58 -42.92
C PHE B 225 5.85 -6.40 -42.07
N ILE B 226 5.66 -6.19 -40.76
CA ILE B 226 6.81 -6.00 -39.88
C ILE B 226 7.64 -7.26 -39.78
N GLY B 227 6.96 -8.40 -39.63
CA GLY B 227 7.60 -9.70 -39.70
C GLY B 227 8.52 -9.82 -40.89
N GLN B 228 7.98 -9.51 -42.07
CA GLN B 228 8.73 -9.63 -43.30
C GLN B 228 9.98 -8.78 -43.27
N SER B 229 9.82 -7.55 -42.80
CA SER B 229 10.94 -6.60 -42.85
C SER B 229 12.00 -7.05 -41.88
N VAL B 230 11.57 -7.66 -40.78
CA VAL B 230 12.52 -8.15 -39.80
C VAL B 230 13.34 -9.25 -40.44
N GLU B 231 12.67 -10.12 -41.20
CA GLU B 231 13.36 -11.17 -41.96
C GLU B 231 14.28 -10.60 -43.05
N LYS B 232 13.71 -9.91 -44.05
CA LYS B 232 14.53 -9.32 -45.11
C LYS B 232 15.75 -8.62 -44.48
N HIS B 233 15.56 -8.09 -43.26
CA HIS B 233 16.62 -7.40 -42.54
C HIS B 233 17.66 -8.32 -41.97
N ARG B 234 17.18 -9.35 -41.26
CA ARG B 234 18.05 -10.36 -40.66
C ARG B 234 18.98 -11.05 -41.65
N ALA B 235 18.46 -11.40 -42.83
CA ALA B 235 19.28 -11.94 -43.93
C ALA B 235 20.49 -11.07 -44.33
N THR B 236 20.21 -9.90 -44.89
CA THR B 236 21.27 -8.98 -45.30
C THR B 236 22.14 -8.50 -44.12
N LEU B 237 21.52 -8.05 -43.04
CA LEU B 237 22.16 -7.14 -42.06
C LEU B 237 23.59 -7.46 -41.62
N ASP B 238 24.39 -6.39 -41.46
CA ASP B 238 25.59 -6.49 -40.64
C ASP B 238 26.34 -5.23 -40.28
N PRO B 239 26.76 -5.13 -38.98
CA PRO B 239 27.66 -4.07 -38.51
C PRO B 239 28.98 -4.10 -39.32
N SER B 240 29.81 -3.08 -39.20
CA SER B 240 29.47 -1.89 -38.43
C SER B 240 28.51 -1.05 -39.27
N ASN B 241 27.58 -1.73 -39.94
CA ASN B 241 26.57 -1.07 -40.78
C ASN B 241 25.10 -1.38 -40.37
N PRO B 242 24.70 -0.99 -39.14
CA PRO B 242 23.25 -1.07 -38.90
C PRO B 242 22.50 -0.13 -39.87
N ARG B 243 21.62 -0.64 -40.76
CA ARG B 243 20.94 0.24 -41.74
C ARG B 243 19.81 1.14 -41.17
N ASP B 244 19.22 0.70 -40.05
CA ASP B 244 18.02 1.35 -39.50
C ASP B 244 17.66 0.83 -38.11
N PHE B 245 16.47 1.20 -37.64
CA PHE B 245 16.03 0.77 -36.31
C PHE B 245 15.77 -0.75 -36.29
N ILE B 246 15.15 -1.28 -37.33
CA ILE B 246 14.90 -2.73 -37.37
C ILE B 246 16.15 -3.51 -37.02
N ASP B 247 17.27 -3.25 -37.69
CA ASP B 247 18.41 -4.09 -37.38
C ASP B 247 19.19 -3.64 -36.11
N VAL B 248 19.00 -2.40 -35.69
CA VAL B 248 19.42 -2.07 -34.33
C VAL B 248 18.74 -3.02 -33.34
N TYR B 249 17.47 -3.25 -33.57
CA TYR B 249 16.69 -4.11 -32.75
C TYR B 249 17.27 -5.50 -32.88
N LEU B 250 17.60 -5.88 -34.09
CA LEU B 250 18.15 -7.19 -34.25
C LEU B 250 19.45 -7.25 -33.49
N LEU B 251 20.26 -6.21 -33.58
CA LEU B 251 21.53 -6.21 -32.88
C LEU B 251 21.45 -6.25 -31.36
N ARG B 252 20.56 -5.46 -30.78
CA ARG B 252 20.44 -5.47 -29.35
C ARG B 252 19.78 -6.80 -29.09
N MET B 253 19.35 -7.44 -30.15
CA MET B 253 18.70 -8.72 -30.01
C MET B 253 19.71 -9.62 -29.35
N GLU B 254 20.98 -9.44 -29.72
CA GLU B 254 22.08 -10.21 -29.15
C GLU B 254 22.07 -11.65 -29.62
N HIS B 265 5.55 -11.78 -29.31
CA HIS B 265 6.37 -11.60 -28.13
C HIS B 265 7.60 -10.78 -28.47
N HIS B 266 8.18 -11.05 -29.63
CA HIS B 266 9.37 -10.32 -30.06
C HIS B 266 9.08 -9.24 -31.12
N GLN B 267 8.36 -9.58 -32.18
CA GLN B 267 8.08 -8.59 -33.22
C GLN B 267 7.27 -7.47 -32.67
N ASN B 268 6.35 -7.78 -31.77
CA ASN B 268 5.48 -6.77 -31.21
C ASN B 268 6.14 -5.56 -30.58
N LEU B 269 7.36 -5.71 -30.11
CA LEU B 269 8.18 -4.58 -29.63
C LEU B 269 8.39 -3.48 -30.70
N ILE B 270 8.53 -3.89 -31.95
CA ILE B 270 8.52 -2.96 -33.04
C ILE B 270 7.18 -2.28 -33.25
N LEU B 271 6.09 -3.04 -33.17
CA LEU B 271 4.77 -2.45 -33.35
C LEU B 271 4.62 -1.33 -32.33
N THR B 272 5.10 -1.59 -31.11
CA THR B 272 4.85 -0.71 -30.01
C THR B 272 5.63 0.58 -30.25
N VAL B 273 6.92 0.46 -30.51
CA VAL B 273 7.76 1.61 -30.81
C VAL B 273 7.23 2.41 -32.01
N LEU B 274 6.82 1.74 -33.06
CA LEU B 274 6.29 2.41 -34.19
C LEU B 274 5.06 3.24 -33.80
N SER B 275 4.20 2.66 -32.99
CA SER B 275 3.03 3.31 -32.43
C SER B 275 3.34 4.64 -31.73
N LEU B 276 4.24 4.56 -30.76
CA LEU B 276 4.73 5.69 -30.05
C LEU B 276 5.26 6.79 -30.99
N PHE B 277 6.15 6.42 -31.93
CA PHE B 277 6.65 7.41 -32.89
C PHE B 277 5.54 8.05 -33.76
N PHE B 278 4.49 7.30 -34.09
CA PHE B 278 3.44 7.84 -34.92
C PHE B 278 2.54 8.78 -34.11
N ALA B 279 2.44 8.55 -32.81
CA ALA B 279 1.69 9.47 -31.97
C ALA B 279 2.36 10.87 -31.90
N GLY B 280 3.68 10.91 -31.76
CA GLY B 280 4.40 12.19 -31.83
C GLY B 280 4.42 12.76 -33.25
N THR B 281 4.49 11.89 -34.26
CA THR B 281 4.39 12.28 -35.66
C THR B 281 3.09 12.97 -35.98
N GLU B 282 1.99 12.50 -35.41
CA GLU B 282 0.65 13.02 -35.64
CA GLU B 282 0.70 13.08 -35.64
C GLU B 282 0.72 14.50 -35.16
N THR B 283 1.37 14.73 -34.04
CA THR B 283 1.47 16.08 -33.47
C THR B 283 2.31 16.97 -34.42
N THR B 284 3.39 16.42 -34.91
CA THR B 284 4.18 17.12 -35.88
C THR B 284 3.34 17.46 -37.10
N SER B 285 2.62 16.49 -37.70
CA SER B 285 1.83 16.75 -38.90
C SER B 285 0.80 17.81 -38.60
N THR B 286 0.16 17.74 -37.43
CA THR B 286 -0.86 18.73 -37.04
C THR B 286 -0.28 20.15 -36.82
N THR B 287 0.99 20.20 -36.47
CA THR B 287 1.65 21.47 -36.29
C THR B 287 1.88 22.15 -37.64
N LEU B 288 2.30 21.37 -38.66
CA LEU B 288 2.43 21.92 -40.02
C LEU B 288 1.07 22.39 -40.49
N ARG B 289 0.07 21.51 -40.35
CA ARG B 289 -1.28 21.82 -40.81
C ARG B 289 -1.80 23.11 -40.13
N TYR B 290 -1.49 23.29 -38.84
CA TYR B 290 -1.87 24.52 -38.11
C TYR B 290 -1.06 25.72 -38.58
N GLY B 291 0.23 25.47 -38.79
CA GLY B 291 1.17 26.46 -39.31
C GLY B 291 0.66 27.09 -40.59
N PHE B 292 0.27 26.26 -41.57
CA PHE B 292 -0.23 26.81 -42.85
C PHE B 292 -1.54 27.61 -42.77
N LEU B 293 -2.45 27.18 -41.90
CA LEU B 293 -3.62 28.00 -41.52
C LEU B 293 -3.26 29.42 -41.05
N LEU B 294 -2.30 29.52 -40.11
CA LEU B 294 -1.78 30.81 -39.61
C LEU B 294 -1.24 31.68 -40.77
N MET B 295 -0.47 31.04 -41.65
CA MET B 295 0.14 31.72 -42.76
C MET B 295 -0.85 32.16 -43.86
N LEU B 296 -2.01 31.50 -43.97
CA LEU B 296 -3.13 32.07 -44.73
C LEU B 296 -3.61 33.33 -44.08
N LYS B 297 -3.69 33.31 -42.76
CA LYS B 297 -4.20 34.48 -42.06
C LYS B 297 -3.26 35.71 -42.04
N TYR B 298 -1.97 35.48 -42.22
CA TYR B 298 -0.97 36.55 -42.13
C TYR B 298 0.00 36.50 -43.32
N PRO B 299 -0.49 36.84 -44.48
CA PRO B 299 0.29 36.75 -45.70
C PRO B 299 1.60 37.50 -45.63
N HIS B 300 1.65 38.63 -44.95
CA HIS B 300 2.88 39.39 -44.86
C HIS B 300 3.95 38.53 -44.21
N VAL B 301 3.57 37.75 -43.21
CA VAL B 301 4.50 36.88 -42.54
C VAL B 301 5.03 35.83 -43.50
N THR B 302 4.16 35.33 -44.35
CA THR B 302 4.57 34.36 -45.34
C THR B 302 5.62 35.00 -46.24
N GLU B 303 5.43 36.27 -46.55
CA GLU B 303 6.36 37.05 -47.37
C GLU B 303 7.72 37.21 -46.72
N ARG B 304 7.75 37.68 -45.47
CA ARG B 304 9.06 37.88 -44.82
C ARG B 304 9.84 36.57 -44.78
N VAL B 305 9.11 35.46 -44.62
CA VAL B 305 9.66 34.13 -44.64
C VAL B 305 10.18 33.82 -46.06
N GLN B 306 9.37 34.11 -47.08
CA GLN B 306 9.86 33.90 -48.46
C GLN B 306 11.14 34.70 -48.80
N LYS B 307 11.21 35.94 -48.29
CA LYS B 307 12.35 36.84 -48.44
C LYS B 307 13.56 36.37 -47.67
N GLU B 308 13.37 35.80 -46.48
CA GLU B 308 14.53 35.33 -45.72
C GLU B 308 15.10 34.05 -46.34
N ILE B 309 14.21 33.23 -46.91
CA ILE B 309 14.64 32.10 -47.75
C ILE B 309 15.42 32.55 -49.00
N GLU B 310 14.88 33.55 -49.74
CA GLU B 310 15.65 34.23 -50.81
C GLU B 310 17.05 34.66 -50.34
N GLN B 311 17.11 35.50 -49.31
CA GLN B 311 18.39 36.03 -48.85
C GLN B 311 19.39 34.98 -48.40
N VAL B 312 18.90 33.82 -47.94
CA VAL B 312 19.78 32.88 -47.24
C VAL B 312 20.04 31.59 -48.00
N ILE B 313 19.00 31.06 -48.67
CA ILE B 313 19.11 29.77 -49.37
C ILE B 313 19.15 30.02 -50.90
N GLY B 314 18.41 31.05 -51.33
CA GLY B 314 18.19 31.36 -52.72
C GLY B 314 17.13 30.46 -53.24
N SER B 315 16.86 30.55 -54.55
CA SER B 315 15.84 29.72 -55.16
C SER B 315 16.49 28.50 -55.84
N HIS B 316 17.78 28.29 -55.56
CA HIS B 316 18.48 27.18 -56.20
C HIS B 316 18.55 25.88 -55.38
N ARG B 317 19.29 25.86 -54.27
CA ARG B 317 19.39 24.62 -53.47
C ARG B 317 18.18 24.30 -52.58
N PRO B 318 18.10 23.03 -52.11
CA PRO B 318 17.04 22.73 -51.12
C PRO B 318 17.53 23.29 -49.78
N PRO B 319 16.59 23.74 -48.94
CA PRO B 319 17.01 24.19 -47.60
C PRO B 319 17.67 23.04 -46.86
N ALA B 320 18.52 23.38 -45.90
CA ALA B 320 19.22 22.43 -45.05
C ALA B 320 19.16 22.92 -43.62
N LEU B 321 19.36 21.99 -42.69
CA LEU B 321 19.25 22.32 -41.27
C LEU B 321 20.23 23.46 -40.83
N ASP B 322 21.42 23.50 -41.43
CA ASP B 322 22.39 24.53 -41.06
C ASP B 322 21.84 25.93 -41.38
N ASP B 323 20.87 25.98 -42.31
CA ASP B 323 20.22 27.24 -42.66
C ASP B 323 19.50 27.86 -41.49
N ARG B 324 19.04 27.03 -40.55
CA ARG B 324 18.11 27.54 -39.54
C ARG B 324 18.79 28.62 -38.71
N ALA B 325 20.06 28.39 -38.38
CA ALA B 325 20.80 29.32 -37.54
C ALA B 325 20.83 30.69 -38.21
N LYS B 326 20.84 30.68 -39.55
CA LYS B 326 20.96 31.91 -40.35
C LYS B 326 19.59 32.53 -40.71
N MET B 327 18.53 31.99 -40.15
CA MET B 327 17.18 32.47 -40.41
C MET B 327 16.37 32.74 -39.11
N PRO B 328 16.80 33.69 -38.26
CA PRO B 328 16.09 33.84 -36.98
C PRO B 328 14.62 34.22 -37.16
N TYR B 329 14.23 34.81 -38.30
CA TYR B 329 12.80 35.19 -38.45
C TYR B 329 11.93 33.97 -38.71
N THR B 330 12.43 33.07 -39.55
CA THR B 330 11.70 31.84 -39.86
C THR B 330 11.63 30.94 -38.60
N ASP B 331 12.74 30.88 -37.88
CA ASP B 331 12.80 30.16 -36.62
C ASP B 331 11.81 30.73 -35.63
N ALA B 332 11.83 32.05 -35.44
CA ALA B 332 10.91 32.68 -34.48
C ALA B 332 9.46 32.44 -34.88
N VAL B 333 9.22 32.45 -36.17
CA VAL B 333 7.86 32.19 -36.68
C VAL B 333 7.43 30.73 -36.45
N ILE B 334 8.35 29.78 -36.56
CA ILE B 334 7.99 28.40 -36.22
C ILE B 334 7.73 28.22 -34.68
N HIS B 335 8.55 28.83 -33.82
CA HIS B 335 8.34 28.79 -32.39
C HIS B 335 6.91 29.25 -32.07
N GLU B 336 6.58 30.42 -32.62
CA GLU B 336 5.26 31.02 -32.49
C GLU B 336 4.13 30.12 -33.02
N ILE B 337 4.33 29.50 -34.18
CA ILE B 337 3.37 28.48 -34.62
C ILE B 337 3.14 27.37 -33.54
N GLN B 338 4.23 26.82 -32.99
CA GLN B 338 4.10 25.80 -31.95
C GLN B 338 3.44 26.39 -30.69
N ARG B 339 3.75 27.64 -30.33
CA ARG B 339 3.29 28.20 -29.06
C ARG B 339 1.78 28.36 -29.08
N LEU B 340 1.25 28.96 -30.17
CA LEU B 340 -0.19 29.21 -30.34
C LEU B 340 -0.97 27.96 -30.71
N GLY B 341 -0.34 27.07 -31.45
CA GLY B 341 -0.95 25.79 -31.74
C GLY B 341 -1.28 24.99 -30.45
N ASP B 342 -0.38 25.02 -29.45
CA ASP B 342 -0.76 24.56 -28.13
C ASP B 342 -1.47 23.20 -28.20
N LEU B 343 -0.91 22.28 -28.99
CA LEU B 343 -1.60 21.05 -29.33
C LEU B 343 -1.75 20.04 -28.17
N ILE B 344 -0.96 20.21 -27.12
CA ILE B 344 -1.00 19.34 -25.93
C ILE B 344 -1.15 20.21 -24.69
N PRO B 345 -2.28 20.84 -24.52
CA PRO B 345 -2.37 21.96 -23.55
C PRO B 345 -2.29 21.54 -22.08
N PHE B 346 -2.58 20.26 -21.78
CA PHE B 346 -2.46 19.81 -20.39
C PHE B 346 -1.16 19.06 -20.19
N GLY B 347 -0.28 19.10 -21.17
CA GLY B 347 0.86 18.21 -21.12
C GLY B 347 0.43 16.76 -21.05
N VAL B 348 1.31 15.93 -20.60
CA VAL B 348 0.98 14.56 -20.31
C VAL B 348 1.01 14.41 -18.79
N PRO B 349 -0.11 13.97 -18.18
CA PRO B 349 -0.16 13.87 -16.70
C PRO B 349 0.98 13.04 -16.25
N HIS B 350 1.56 13.38 -15.12
CA HIS B 350 2.51 12.47 -14.48
C HIS B 350 2.08 12.14 -13.08
N THR B 351 3.01 11.47 -12.41
CA THR B 351 2.72 10.99 -11.12
C THR B 351 3.91 11.35 -10.23
N VAL B 352 3.64 11.74 -8.97
CA VAL B 352 4.75 12.09 -8.08
C VAL B 352 5.42 10.82 -7.43
N THR B 353 6.73 10.71 -7.49
CA THR B 353 7.39 9.48 -7.06
C THR B 353 7.71 9.40 -5.56
N LYS B 354 7.45 10.46 -4.82
CA LYS B 354 7.71 10.39 -3.38
C LYS B 354 7.06 11.59 -2.74
N ASP B 355 6.88 11.56 -1.43
CA ASP B 355 6.38 12.76 -0.77
C ASP B 355 7.33 13.93 -1.15
N THR B 356 6.77 15.05 -1.60
CA THR B 356 7.55 16.13 -2.24
C THR B 356 7.16 17.45 -1.66
N GLN B 357 8.16 18.25 -1.34
CA GLN B 357 7.89 19.62 -0.98
C GLN B 357 7.87 20.47 -2.24
N PHE B 358 6.85 21.30 -2.37
CA PHE B 358 6.75 22.10 -3.59
C PHE B 358 6.04 23.39 -3.30
N ARG B 359 6.79 24.50 -3.42
CA ARG B 359 6.24 25.84 -3.19
C ARG B 359 5.45 25.99 -1.91
N GLY B 360 5.92 25.34 -0.85
CA GLY B 360 5.32 25.56 0.44
C GLY B 360 4.25 24.55 0.72
N TYR B 361 4.04 23.63 -0.21
CA TYR B 361 3.05 22.59 0.03
C TYR B 361 3.76 21.28 -0.05
N VAL B 362 3.00 20.25 0.22
CA VAL B 362 3.46 18.88 0.05
C VAL B 362 2.57 18.23 -0.93
N ILE B 363 3.18 17.47 -1.85
CA ILE B 363 2.42 16.61 -2.75
C ILE B 363 2.78 15.19 -2.33
N PRO B 364 1.80 14.40 -1.85
CA PRO B 364 2.14 13.04 -1.40
C PRO B 364 2.61 12.11 -2.53
N LYS B 365 3.51 11.17 -2.23
CA LYS B 365 3.83 10.06 -3.16
C LYS B 365 2.62 9.59 -3.98
N ASN B 366 2.79 9.47 -5.31
CA ASN B 366 1.77 8.90 -6.20
C ASN B 366 0.66 9.82 -6.59
N THR B 367 0.66 11.06 -6.12
CA THR B 367 -0.38 11.98 -6.53
C THR B 367 -0.21 12.29 -8.01
N GLU B 368 -1.32 12.29 -8.75
CA GLU B 368 -1.30 12.71 -10.15
C GLU B 368 -1.19 14.20 -10.36
N VAL B 369 -0.45 14.58 -11.38
CA VAL B 369 -0.06 15.92 -11.58
C VAL B 369 -0.28 16.27 -13.03
N PHE B 370 -0.99 17.37 -13.30
CA PHE B 370 -1.11 17.96 -14.66
C PHE B 370 -0.15 19.16 -14.83
N PRO B 371 0.91 19.02 -15.65
CA PRO B 371 1.73 20.19 -15.98
C PRO B 371 1.02 20.92 -17.09
N VAL B 372 0.29 22.01 -16.81
CA VAL B 372 -0.56 22.60 -17.84
C VAL B 372 0.25 23.45 -18.81
N LEU B 373 0.80 22.79 -19.83
CA LEU B 373 1.74 23.45 -20.74
C LEU B 373 1.11 24.71 -21.37
N SER B 374 -0.19 24.69 -21.65
CA SER B 374 -0.80 25.81 -22.33
C SER B 374 -0.59 27.10 -21.52
N SER B 375 -0.50 26.99 -20.21
CA SER B 375 -0.43 28.15 -19.31
C SER B 375 0.97 28.75 -19.27
N ALA B 376 2.00 27.95 -19.65
CA ALA B 376 3.39 28.44 -19.93
C ALA B 376 3.39 29.11 -21.31
N LEU B 377 2.81 28.43 -22.31
CA LEU B 377 2.89 28.88 -23.68
C LEU B 377 2.11 30.21 -23.82
N HIS B 378 1.31 30.51 -22.82
CA HIS B 378 0.52 31.75 -22.87
C HIS B 378 0.85 32.61 -21.64
N ASP B 379 1.99 32.34 -20.99
CA ASP B 379 2.31 33.05 -19.74
C ASP B 379 2.57 34.57 -19.96
N PRO B 380 1.70 35.41 -19.42
CA PRO B 380 1.84 36.84 -19.70
C PRO B 380 3.18 37.32 -19.16
N ARG B 381 3.75 36.62 -18.16
CA ARG B 381 5.06 37.02 -17.63
C ARG B 381 6.21 36.73 -18.60
N TYR B 382 5.95 35.94 -19.63
CA TYR B 382 6.97 35.62 -20.60
C TYR B 382 6.69 36.02 -22.02
N PHE B 383 5.45 36.29 -22.35
CA PHE B 383 5.07 36.71 -23.69
C PHE B 383 4.27 37.97 -23.64
N GLU B 384 4.65 38.96 -24.42
CA GLU B 384 3.92 40.22 -24.38
C GLU B 384 2.51 40.07 -24.79
N THR B 385 2.28 39.34 -25.87
CA THR B 385 0.94 39.12 -26.32
C THR B 385 0.72 37.66 -26.37
N PRO B 386 0.19 37.12 -25.31
CA PRO B 386 0.01 35.69 -25.18
C PRO B 386 -0.89 35.13 -26.20
N ASN B 387 -1.93 35.86 -26.53
CA ASN B 387 -2.94 35.39 -27.44
C ASN B 387 -2.85 35.80 -28.89
N THR B 388 -1.77 36.43 -29.31
CA THR B 388 -1.66 37.02 -30.63
C THR B 388 -0.38 36.59 -31.30
N PHE B 389 -0.46 36.10 -32.53
CA PHE B 389 0.74 35.71 -33.24
C PHE B 389 1.72 36.89 -33.19
N ASN B 390 2.96 36.63 -32.79
CA ASN B 390 3.97 37.66 -32.53
C ASN B 390 5.38 37.07 -32.47
N PRO B 391 6.01 36.86 -33.64
CA PRO B 391 7.40 36.39 -33.74
C PRO B 391 8.33 37.18 -32.89
N GLY B 392 7.91 38.36 -32.46
CA GLY B 392 8.76 39.19 -31.63
C GLY B 392 9.06 38.58 -30.28
N HIS B 393 8.22 37.58 -29.91
CA HIS B 393 8.41 36.80 -28.66
C HIS B 393 9.76 36.06 -28.64
N PHE B 394 10.27 35.77 -29.83
CA PHE B 394 11.53 35.02 -29.96
C PHE B 394 12.64 35.82 -30.66
N LEU B 395 12.37 37.09 -30.92
CA LEU B 395 13.40 37.95 -31.51
C LEU B 395 13.83 39.09 -30.52
N ASP B 396 15.13 39.37 -30.43
CA ASP B 396 15.61 40.54 -29.69
C ASP B 396 15.51 41.89 -30.47
N ALA B 397 16.13 42.95 -29.95
CA ALA B 397 16.21 44.24 -30.66
C ALA B 397 16.86 44.21 -32.07
N ASN B 398 17.98 43.50 -32.24
CA ASN B 398 18.69 43.39 -33.52
C ASN B 398 18.10 42.31 -34.39
N GLY B 399 16.91 41.86 -34.03
CA GLY B 399 16.22 40.82 -34.78
C GLY B 399 16.92 39.47 -34.79
N ALA B 400 17.82 39.23 -33.82
CA ALA B 400 18.38 37.90 -33.55
C ALA B 400 17.44 36.97 -32.71
N LEU B 401 17.52 35.67 -32.95
CA LEU B 401 16.74 34.73 -32.13
C LEU B 401 17.07 34.83 -30.62
N LYS B 402 16.05 34.85 -29.77
CA LYS B 402 16.30 34.82 -28.32
C LYS B 402 15.53 33.74 -27.60
N ARG B 403 16.10 33.19 -26.53
CA ARG B 403 15.39 32.13 -25.83
C ARG B 403 14.26 32.77 -25.12
N ASN B 404 13.13 32.07 -25.15
CA ASN B 404 12.02 32.40 -24.27
C ASN B 404 11.72 31.22 -23.29
N GLU B 405 11.82 31.50 -21.99
CA GLU B 405 11.60 30.53 -20.91
C GLU B 405 10.17 29.92 -20.86
N GLY B 406 9.18 30.59 -21.42
CA GLY B 406 7.82 30.06 -21.45
C GLY B 406 7.59 29.12 -22.62
N PHE B 407 8.59 29.00 -23.49
CA PHE B 407 8.39 28.16 -24.66
C PHE B 407 8.69 26.68 -24.31
N MET B 408 7.64 25.86 -24.11
CA MET B 408 7.87 24.46 -23.69
C MET B 408 6.87 23.45 -24.28
N PRO B 409 6.66 23.47 -25.59
CA PRO B 409 5.61 22.67 -26.18
C PRO B 409 6.02 21.17 -26.24
N PHE B 410 7.31 20.90 -26.04
CA PHE B 410 7.79 19.51 -25.97
C PHE B 410 7.87 19.08 -24.51
N SER B 411 7.42 19.98 -23.64
CA SER B 411 7.56 19.79 -22.20
C SER B 411 9.03 19.98 -21.82
N LEU B 412 9.41 19.43 -20.67
CA LEU B 412 10.67 19.72 -19.98
C LEU B 412 11.10 18.55 -19.11
N GLY B 413 12.41 18.45 -18.89
CA GLY B 413 12.86 17.65 -17.79
C GLY B 413 13.12 16.23 -18.24
N LYS B 414 12.99 15.31 -17.29
CA LYS B 414 13.45 13.94 -17.50
C LYS B 414 12.71 13.27 -18.64
N ARG B 415 11.43 13.62 -18.86
CA ARG B 415 10.64 13.00 -19.93
C ARG B 415 10.27 13.94 -21.10
N ILE B 416 11.09 14.96 -21.32
CA ILE B 416 10.93 15.82 -22.50
C ILE B 416 10.70 14.94 -23.71
N CYS B 417 9.87 15.41 -24.61
CA CYS B 417 9.61 14.74 -25.85
C CYS B 417 10.88 14.02 -26.49
N LEU B 418 10.81 12.69 -26.60
CA LEU B 418 11.87 11.92 -27.24
C LEU B 418 12.11 12.42 -28.67
N GLY B 419 11.10 12.95 -29.32
CA GLY B 419 11.23 13.33 -30.71
C GLY B 419 11.52 14.81 -30.91
N GLU B 420 11.83 15.55 -29.85
CA GLU B 420 11.95 17.00 -30.01
C GLU B 420 12.78 17.38 -31.24
N GLY B 421 13.93 16.72 -31.40
CA GLY B 421 14.90 17.00 -32.45
C GLY B 421 14.39 16.63 -33.82
N ILE B 422 13.94 15.39 -34.01
CA ILE B 422 13.32 14.95 -35.28
C ILE B 422 12.19 15.91 -35.64
N ALA B 423 11.28 16.20 -34.70
CA ALA B 423 10.12 17.10 -34.97
C ALA B 423 10.50 18.56 -35.31
N ARG B 424 11.38 19.16 -34.55
CA ARG B 424 11.79 20.53 -34.89
C ARG B 424 12.46 20.57 -36.29
N THR B 425 13.20 19.51 -36.63
CA THR B 425 13.91 19.43 -37.90
C THR B 425 12.92 19.20 -39.03
N GLU B 426 11.92 18.32 -38.85
CA GLU B 426 10.82 18.20 -39.84
C GLU B 426 10.07 19.52 -40.09
N LEU B 427 9.89 20.32 -39.04
CA LEU B 427 9.08 21.55 -39.14
C LEU B 427 9.80 22.62 -39.98
N PHE B 428 11.12 22.63 -39.84
CA PHE B 428 11.97 23.60 -40.53
C PHE B 428 12.09 23.22 -41.99
N LEU B 429 12.63 22.06 -42.28
CA LEU B 429 12.75 21.65 -43.69
C LEU B 429 11.43 21.61 -44.45
N PHE B 430 10.38 21.05 -43.87
CA PHE B 430 9.08 21.03 -44.57
C PHE B 430 8.47 22.42 -44.77
N PHE B 431 8.61 23.32 -43.79
CA PHE B 431 8.01 24.67 -43.88
C PHE B 431 8.77 25.54 -44.91
N THR B 432 10.11 25.65 -44.79
CA THR B 432 10.91 26.39 -45.77
C THR B 432 10.90 25.75 -47.19
N THR B 433 11.20 24.45 -47.32
CA THR B 433 11.09 23.78 -48.61
C THR B 433 9.75 23.99 -49.29
N ILE B 434 8.67 24.09 -48.55
CA ILE B 434 7.36 24.26 -49.23
C ILE B 434 7.22 25.69 -49.72
N LEU B 435 7.62 26.64 -48.90
CA LEU B 435 7.42 28.04 -49.19
C LEU B 435 8.50 28.57 -50.13
N GLN B 436 9.62 27.85 -50.23
CA GLN B 436 10.64 28.16 -51.21
C GLN B 436 10.11 27.87 -52.60
N ASN B 437 9.27 26.84 -52.71
CA ASN B 437 8.73 26.44 -53.99
C ASN B 437 7.30 26.79 -54.29
N PHE B 438 6.59 27.35 -53.33
CA PHE B 438 5.17 27.62 -53.54
C PHE B 438 4.72 28.82 -52.81
N SER B 439 3.57 29.33 -53.20
CA SER B 439 2.92 30.32 -52.36
C SER B 439 1.55 29.78 -52.15
N ILE B 440 0.80 30.40 -51.25
CA ILE B 440 -0.43 29.80 -50.77
C ILE B 440 -1.63 30.72 -50.92
N ALA B 441 -2.82 30.13 -51.01
CA ALA B 441 -4.02 30.97 -51.14
C ALA B 441 -5.23 30.16 -50.75
N SER B 442 -6.34 30.85 -50.52
CA SER B 442 -7.55 30.15 -50.20
C SER B 442 -8.76 31.03 -50.35
N PRO B 443 -9.92 30.36 -50.53
CA PRO B 443 -11.24 31.00 -50.66
C PRO B 443 -11.51 31.95 -49.51
N VAL B 444 -10.81 31.76 -48.40
CA VAL B 444 -11.12 32.60 -47.24
C VAL B 444 -10.15 33.77 -47.06
N PRO B 445 -10.73 34.96 -46.90
CA PRO B 445 -9.93 36.18 -46.76
C PRO B 445 -9.16 36.14 -45.45
N PRO B 446 -7.90 36.58 -45.45
CA PRO B 446 -7.16 36.64 -44.19
C PRO B 446 -8.03 37.04 -42.99
N GLU B 447 -8.70 38.19 -43.07
CA GLU B 447 -9.45 38.77 -41.94
C GLU B 447 -10.43 37.74 -41.38
N ASP B 448 -10.85 36.82 -42.25
CA ASP B 448 -11.87 35.82 -41.90
C ASP B 448 -11.39 34.41 -41.50
N ILE B 449 -10.09 34.11 -41.64
CA ILE B 449 -9.51 32.86 -41.14
C ILE B 449 -9.71 32.83 -39.62
N ASP B 450 -10.25 31.73 -39.12
CA ASP B 450 -10.50 31.61 -37.69
C ASP B 450 -9.61 30.52 -37.07
N LEU B 451 -8.62 30.90 -36.29
CA LEU B 451 -7.67 29.91 -35.77
C LEU B 451 -8.15 29.20 -34.51
N THR B 452 -9.42 29.36 -34.14
CA THR B 452 -9.87 28.70 -32.91
C THR B 452 -10.25 27.22 -33.15
N PRO B 453 -9.74 26.31 -32.27
CA PRO B 453 -9.81 24.85 -32.34
C PRO B 453 -11.22 24.36 -32.39
N ARG B 454 -11.50 23.49 -33.36
CA ARG B 454 -12.82 22.89 -33.51
C ARG B 454 -13.13 21.98 -32.33
N GLU B 455 -12.14 21.21 -31.90
CA GLU B 455 -12.27 20.34 -30.71
C GLU B 455 -11.35 20.82 -29.57
N SER B 456 -11.95 21.35 -28.49
CA SER B 456 -11.20 21.81 -27.31
C SER B 456 -11.45 20.93 -26.08
N GLY B 457 -11.17 19.62 -26.25
CA GLY B 457 -11.14 18.65 -25.16
C GLY B 457 -9.79 18.71 -24.46
N VAL B 458 -9.15 17.55 -24.38
CA VAL B 458 -7.82 17.48 -23.79
C VAL B 458 -6.78 17.84 -24.87
N GLY B 459 -7.27 18.22 -26.05
CA GLY B 459 -6.41 18.66 -27.15
C GLY B 459 -6.91 19.97 -27.75
N ASN B 460 -6.25 20.44 -28.81
CA ASN B 460 -6.62 21.71 -29.47
C ASN B 460 -6.49 21.52 -30.95
N VAL B 461 -7.39 20.73 -31.53
CA VAL B 461 -7.38 20.40 -32.96
C VAL B 461 -7.79 21.56 -33.87
N PRO B 462 -6.88 21.97 -34.76
CA PRO B 462 -7.11 23.11 -35.67
C PRO B 462 -8.34 22.82 -36.52
N PRO B 463 -9.12 23.85 -36.89
CA PRO B 463 -10.28 23.66 -37.78
C PRO B 463 -9.82 23.10 -39.12
N SER B 464 -10.58 22.24 -39.81
CA SER B 464 -10.12 21.87 -41.15
C SER B 464 -10.39 23.01 -42.15
N TYR B 465 -9.58 23.12 -43.18
CA TYR B 465 -9.67 24.24 -44.09
C TYR B 465 -9.20 23.78 -45.47
N GLN B 466 -9.35 24.65 -46.47
CA GLN B 466 -8.77 24.38 -47.78
C GLN B 466 -7.71 25.40 -48.12
N ILE B 467 -6.75 24.96 -48.92
CA ILE B 467 -5.59 25.75 -49.30
C ILE B 467 -5.10 25.31 -50.70
N ARG B 468 -4.46 26.23 -51.46
CA ARG B 468 -3.91 25.90 -52.77
C ARG B 468 -2.44 26.21 -52.70
N PHE B 469 -1.63 25.31 -53.21
CA PHE B 469 -0.23 25.61 -53.36
C PHE B 469 0.00 26.00 -54.79
N LEU B 470 0.79 27.03 -55.01
CA LEU B 470 1.02 27.54 -56.35
C LEU B 470 2.50 27.61 -56.65
N ALA B 471 2.94 27.11 -57.79
CA ALA B 471 4.35 27.12 -58.08
C ALA B 471 4.89 28.53 -58.22
N ARG B 472 5.99 28.82 -57.55
CA ARG B 472 6.50 30.16 -57.42
C ARG B 472 7.05 30.94 -58.61
N HIS B 473 7.88 30.32 -59.44
CA HIS B 473 8.63 31.07 -60.45
C HIS B 473 10.11 31.16 -60.12
N SER C 7 -15.91 18.00 14.17
CA SER C 7 -15.32 16.70 14.50
C SER C 7 -16.21 15.76 13.78
N LYS C 8 -15.93 15.55 12.51
CA LYS C 8 -16.72 14.62 11.72
C LYS C 8 -16.06 13.32 12.16
N GLY C 9 -14.89 13.04 11.61
CA GLY C 9 -14.16 11.83 11.94
C GLY C 9 -12.75 12.24 12.28
N LYS C 10 -12.41 12.27 13.55
CA LYS C 10 -11.09 12.64 14.02
C LYS C 10 -10.42 11.32 14.39
N LEU C 11 -9.16 11.38 14.78
CA LEU C 11 -8.40 10.22 15.17
C LEU C 11 -8.47 10.36 16.67
N PRO C 12 -8.24 9.31 17.43
CA PRO C 12 -8.34 9.42 18.89
C PRO C 12 -7.31 10.43 19.43
N PRO C 13 -7.70 11.22 20.45
CA PRO C 13 -6.82 12.20 21.08
C PRO C 13 -5.66 11.51 21.82
N GLY C 14 -4.63 12.26 22.16
CA GLY C 14 -3.51 11.67 22.88
C GLY C 14 -2.47 12.73 23.17
N PRO C 15 -1.44 12.39 23.97
CA PRO C 15 -0.24 13.22 24.17
C PRO C 15 0.62 13.42 22.90
N SER C 16 1.10 14.61 22.65
CA SER C 16 1.97 14.89 21.50
C SER C 16 3.30 14.19 21.55
N PRO C 17 3.65 13.50 20.44
CA PRO C 17 4.83 12.67 20.50
C PRO C 17 6.05 13.45 20.11
N LEU C 18 7.19 13.08 20.69
CA LEU C 18 8.49 13.58 20.26
C LEU C 18 8.98 12.80 19.05
N PRO C 19 9.77 13.45 18.20
CA PRO C 19 10.48 12.70 17.17
C PRO C 19 11.36 11.61 17.76
N VAL C 20 11.35 10.44 17.14
CA VAL C 20 12.10 9.27 17.59
C VAL C 20 11.56 8.60 18.88
N LEU C 21 11.47 9.33 19.98
CA LEU C 21 11.00 8.73 21.22
C LEU C 21 9.45 8.54 21.28
N GLY C 22 8.66 9.20 20.45
CA GLY C 22 7.23 9.06 20.62
C GLY C 22 6.80 9.57 21.94
N ASN C 23 6.01 8.80 22.69
CA ASN C 23 5.58 9.25 24.02
C ASN C 23 6.34 8.61 25.18
N LEU C 24 7.50 8.02 24.88
CA LEU C 24 8.33 7.35 25.89
C LEU C 24 8.65 8.14 27.17
N LEU C 25 8.93 9.43 27.04
CA LEU C 25 9.12 10.31 28.21
C LEU C 25 7.86 10.63 29.04
N GLN C 26 6.66 10.49 28.44
CA GLN C 26 5.36 10.53 29.14
C GLN C 26 4.98 9.28 29.95
N MET C 27 5.93 8.41 30.33
CA MET C 27 5.63 7.27 31.22
C MET C 27 6.05 7.64 32.66
N ASP C 28 5.36 7.09 33.68
CA ASP C 28 5.71 7.24 35.11
C ASP C 28 6.91 6.41 35.51
N ARG C 29 7.62 6.88 36.52
CA ARG C 29 8.53 6.03 37.27
C ARG C 29 7.69 4.84 37.84
N LYS C 30 6.38 4.97 37.83
CA LYS C 30 5.56 3.92 38.43
C LYS C 30 5.04 2.84 37.48
N GLY C 31 5.50 2.81 36.25
CA GLY C 31 5.09 1.76 35.35
C GLY C 31 4.07 2.09 34.30
N LEU C 32 3.98 1.21 33.33
CA LEU C 32 3.10 1.41 32.20
C LEU C 32 1.64 1.46 32.57
N LEU C 33 1.23 0.59 33.48
CA LEU C 33 -0.14 0.55 33.84
C LEU C 33 -0.62 1.84 34.48
N ARG C 34 0.17 2.42 35.37
CA ARG C 34 -0.17 3.72 35.91
C ARG C 34 -0.12 4.77 34.84
N SER C 35 0.88 4.66 33.99
CA SER C 35 1.08 5.65 32.96
C SER C 35 -0.13 5.65 32.09
N PHE C 36 -0.62 4.47 31.78
CA PHE C 36 -1.80 4.44 30.94
C PHE C 36 -3.03 4.96 31.63
N LEU C 37 -3.18 4.66 32.90
CA LEU C 37 -4.36 5.08 33.63
C LEU C 37 -4.44 6.60 33.73
N ARG C 38 -3.27 7.22 33.97
CA ARG C 38 -3.11 8.67 33.96
C ARG C 38 -3.60 9.25 32.60
N LEU C 39 -3.06 8.74 31.49
CA LEU C 39 -3.50 9.16 30.15
C LEU C 39 -5.00 9.05 30.01
N ARG C 40 -5.51 7.91 30.43
CA ARG C 40 -6.98 7.73 30.41
C ARG C 40 -7.76 8.87 31.07
N GLU C 41 -7.31 9.26 32.27
CA GLU C 41 -7.96 10.32 33.02
C GLU C 41 -8.00 11.57 32.16
N LYS C 42 -6.88 11.83 31.51
CA LYS C 42 -6.70 13.01 30.69
C LYS C 42 -7.48 12.97 29.36
N TYR C 43 -7.46 11.82 28.69
CA TYR C 43 -7.98 11.78 27.31
C TYR C 43 -9.22 10.91 27.09
N GLY C 44 -9.56 10.04 28.04
CA GLY C 44 -10.78 9.27 27.94
C GLY C 44 -10.45 7.83 27.63
N ASP C 45 -11.46 7.05 27.23
CA ASP C 45 -11.30 5.58 27.20
C ASP C 45 -10.60 5.12 25.92
N VAL C 46 -10.57 5.98 24.91
CA VAL C 46 -9.89 5.66 23.67
C VAL C 46 -8.88 6.75 23.37
N PHE C 47 -7.60 6.46 23.48
CA PHE C 47 -6.63 7.49 23.16
C PHE C 47 -5.47 6.92 22.39
N THR C 48 -4.63 7.79 21.83
CA THR C 48 -3.54 7.38 20.93
C THR C 48 -2.22 7.71 21.62
N VAL C 49 -1.31 6.75 21.54
CA VAL C 49 -0.02 6.83 22.17
C VAL C 49 1.00 6.44 21.07
N TYR C 50 2.20 7.00 21.07
CA TYR C 50 3.17 6.67 20.02
C TYR C 50 4.32 5.81 20.53
N LEU C 51 4.53 4.64 19.93
CA LEU C 51 5.73 3.85 20.28
C LEU C 51 6.70 4.06 19.14
N GLY C 52 7.84 4.72 19.39
CA GLY C 52 8.67 5.22 18.31
C GLY C 52 7.86 6.20 17.49
N SER C 53 7.72 5.93 16.18
CA SER C 53 6.92 6.77 15.25
C SER C 53 5.60 6.21 14.89
N ARG C 54 5.28 5.07 15.52
CA ARG C 54 4.04 4.34 15.26
C ARG C 54 2.98 4.64 16.23
N PRO C 55 1.79 4.90 15.73
CA PRO C 55 0.62 5.17 16.59
C PRO C 55 0.10 3.85 17.08
N VAL C 56 -0.21 3.69 18.36
CA VAL C 56 -1.13 2.69 18.81
C VAL C 56 -2.32 3.28 19.58
N VAL C 57 -3.51 2.81 19.23
CA VAL C 57 -4.75 3.25 19.83
C VAL C 57 -4.98 2.34 21.04
N VAL C 58 -5.27 2.95 22.21
CA VAL C 58 -5.37 2.24 23.50
C VAL C 58 -6.83 2.24 23.93
N LEU C 59 -7.37 1.07 24.27
CA LEU C 59 -8.75 0.89 24.65
C LEU C 59 -8.86 0.65 26.20
N CYS C 60 -9.65 1.47 26.90
CA CYS C 60 -9.78 1.39 28.38
C CYS C 60 -11.22 1.28 28.92
N GLY C 61 -11.37 0.42 29.91
CA GLY C 61 -12.64 0.16 30.50
C GLY C 61 -13.40 -0.96 29.80
N THR C 62 -14.18 -1.67 30.61
CA THR C 62 -15.12 -2.66 30.18
C THR C 62 -15.92 -2.31 28.96
N ASP C 63 -16.48 -1.11 28.92
CA ASP C 63 -17.37 -0.74 27.83
C ASP C 63 -16.68 -0.56 26.47
N ALA C 64 -15.65 0.26 26.44
CA ALA C 64 -14.81 0.39 25.25
C ALA C 64 -14.26 -0.97 24.76
N ILE C 65 -13.70 -1.76 25.68
CA ILE C 65 -13.11 -3.01 25.24
C ILE C 65 -14.11 -3.94 24.66
N ARG C 66 -15.31 -3.92 25.22
CA ARG C 66 -16.37 -4.83 24.77
C ARG C 66 -16.94 -4.28 23.45
N GLU C 67 -17.13 -2.96 23.35
CA GLU C 67 -17.62 -2.40 22.10
C GLU C 67 -16.69 -2.71 20.92
N ALA C 68 -15.37 -2.69 21.17
CA ALA C 68 -14.39 -3.09 20.13
C ALA C 68 -14.34 -4.61 19.88
N LEU C 69 -13.92 -5.41 20.87
CA LEU C 69 -13.70 -6.82 20.66
C LEU C 69 -14.93 -7.68 20.41
N VAL C 70 -16.07 -7.24 20.95
CA VAL C 70 -17.32 -7.93 20.70
C VAL C 70 -18.20 -7.29 19.60
N ASP C 71 -18.64 -6.05 19.81
CA ASP C 71 -19.55 -5.41 18.83
C ASP C 71 -18.98 -5.14 17.45
N GLN C 72 -17.66 -4.98 17.33
CA GLN C 72 -17.03 -4.85 16.05
C GLN C 72 -15.94 -5.90 15.98
N ALA C 73 -16.33 -7.10 16.36
CA ALA C 73 -15.39 -8.20 16.52
C ALA C 73 -14.41 -8.29 15.35
N GLU C 74 -14.96 -8.33 14.14
CA GLU C 74 -14.19 -8.54 12.93
C GLU C 74 -13.15 -7.42 12.65
N ALA C 75 -13.63 -6.19 12.67
CA ALA C 75 -12.77 -5.01 12.53
C ALA C 75 -11.57 -4.96 13.48
N PHE C 76 -11.76 -5.45 14.72
CA PHE C 76 -10.69 -5.47 15.73
C PHE C 76 -9.94 -6.79 15.88
N SER C 77 -9.91 -7.61 14.82
CA SER C 77 -9.44 -8.99 14.98
C SER C 77 -8.05 -9.29 14.36
N GLY C 78 -7.38 -8.29 13.78
CA GLY C 78 -6.18 -8.56 13.00
C GLY C 78 -4.96 -8.85 13.84
N ARG C 79 -3.97 -9.47 13.22
CA ARG C 79 -2.71 -9.81 13.90
C ARG C 79 -1.65 -8.75 13.57
N GLY C 80 -0.54 -8.80 14.25
CA GLY C 80 0.50 -7.83 14.01
C GLY C 80 1.27 -8.21 12.78
N LYS C 81 2.15 -7.31 12.31
CA LYS C 81 2.83 -7.49 11.02
C LYS C 81 3.73 -8.72 11.02
N ILE C 82 4.33 -9.05 12.17
CA ILE C 82 5.22 -10.20 12.24
C ILE C 82 4.54 -11.52 11.76
N ALA C 83 3.23 -11.59 11.90
CA ALA C 83 2.40 -12.75 11.61
C ALA C 83 1.67 -12.66 10.28
N VAL C 84 1.94 -11.60 9.55
CA VAL C 84 1.34 -11.47 8.23
C VAL C 84 2.27 -11.89 7.13
N VAL C 85 1.85 -12.87 6.31
CA VAL C 85 2.73 -13.34 5.23
C VAL C 85 2.79 -12.41 4.05
N ASP C 86 3.96 -12.38 3.43
CA ASP C 86 4.12 -11.52 2.26
C ASP C 86 3.91 -12.35 0.98
N PRO C 87 2.80 -12.13 0.26
CA PRO C 87 2.57 -13.07 -0.87
C PRO C 87 3.56 -12.88 -1.99
N ILE C 88 4.19 -11.72 -2.08
CA ILE C 88 5.29 -11.54 -3.03
C ILE C 88 6.43 -12.54 -2.80
N PHE C 89 6.68 -12.88 -1.55
CA PHE C 89 7.76 -13.80 -1.18
C PHE C 89 7.27 -15.24 -1.14
N GLN C 90 6.03 -15.46 -0.70
CA GLN C 90 5.59 -16.80 -0.37
C GLN C 90 4.39 -17.24 -1.16
N GLY C 91 3.81 -16.32 -1.93
CA GLY C 91 2.53 -16.57 -2.59
C GLY C 91 1.37 -16.70 -1.61
N TYR C 92 0.16 -16.80 -2.16
CA TYR C 92 -1.11 -16.96 -1.42
C TYR C 92 -1.08 -18.44 -1.41
N GLY C 93 -1.87 -19.08 -0.57
CA GLY C 93 -1.65 -20.53 -0.60
C GLY C 93 -1.16 -20.95 0.75
N VAL C 94 -0.03 -20.40 1.17
CA VAL C 94 0.41 -20.65 2.51
C VAL C 94 -0.63 -19.90 3.31
N ILE C 95 -1.07 -18.76 2.77
CA ILE C 95 -1.95 -17.85 3.52
C ILE C 95 -3.26 -18.52 3.83
N PHE C 96 -3.84 -19.09 2.79
CA PHE C 96 -5.10 -19.83 2.92
C PHE C 96 -4.95 -21.14 3.69
N ALA C 97 -3.88 -21.88 3.45
CA ALA C 97 -3.60 -23.04 4.26
C ALA C 97 -3.55 -22.66 5.75
N ASN C 98 -2.85 -21.59 6.11
CA ASN C 98 -2.82 -21.30 7.53
C ASN C 98 -4.22 -21.05 8.02
N GLY C 99 -5.06 -20.40 7.20
CA GLY C 99 -6.41 -20.09 7.60
C GLY C 99 -7.16 -21.36 7.99
N GLU C 100 -6.95 -22.39 7.16
CA GLU C 100 -7.65 -23.65 7.25
C GLU C 100 -7.13 -24.37 8.46
N ARG C 101 -5.81 -24.39 8.60
CA ARG C 101 -5.19 -25.00 9.77
C ARG C 101 -5.71 -24.34 11.06
N TRP C 102 -5.75 -23.02 11.09
CA TRP C 102 -6.21 -22.32 12.27
C TRP C 102 -7.62 -22.72 12.59
N ARG C 103 -8.46 -22.84 11.56
CA ARG C 103 -9.86 -23.17 11.79
C ARG C 103 -9.98 -24.60 12.31
N ALA C 104 -9.21 -25.52 11.73
CA ALA C 104 -9.21 -26.91 12.20
C ALA C 104 -8.87 -26.99 13.69
N LEU C 105 -7.84 -26.27 14.07
CA LEU C 105 -7.42 -26.22 15.44
C LEU C 105 -8.45 -25.57 16.31
N ARG C 106 -9.10 -24.55 15.79
CA ARG C 106 -10.10 -23.86 16.57
C ARG C 106 -11.23 -24.84 16.86
N ARG C 107 -11.62 -25.62 15.86
CA ARG C 107 -12.67 -26.62 16.02
C ARG C 107 -12.30 -27.76 16.94
N PHE C 108 -11.08 -28.22 16.82
CA PHE C 108 -10.59 -29.33 17.63
C PHE C 108 -10.57 -28.99 19.10
N SER C 109 -10.47 -27.71 19.40
CA SER C 109 -10.42 -27.24 20.76
C SER C 109 -11.70 -27.63 21.49
N LEU C 110 -12.83 -27.60 20.79
CA LEU C 110 -14.10 -27.99 21.37
C LEU C 110 -14.32 -29.47 21.74
N ALA C 111 -13.65 -30.38 21.05
CA ALA C 111 -13.86 -31.80 21.33
C ALA C 111 -13.44 -32.02 22.77
N THR C 112 -12.40 -31.35 23.20
CA THR C 112 -12.03 -31.48 24.58
C THR C 112 -13.31 -30.98 25.22
N MET C 113 -13.90 -29.96 24.60
CA MET C 113 -15.13 -29.36 25.07
C MET C 113 -16.31 -30.32 25.04
N ARG C 114 -16.41 -31.11 23.98
CA ARG C 114 -17.51 -32.07 23.89
C ARG C 114 -16.88 -33.40 23.57
N ASP C 115 -16.20 -33.95 24.56
CA ASP C 115 -15.50 -35.20 24.39
C ASP C 115 -14.07 -34.99 24.85
N LYS C 120 -10.50 -40.97 23.50
CA LYS C 120 -11.87 -41.30 23.88
C LYS C 120 -12.24 -40.74 25.25
N ARG C 121 -11.32 -40.85 26.19
CA ARG C 121 -11.49 -40.31 27.54
C ARG C 121 -11.37 -38.79 27.68
N SER C 122 -12.17 -38.21 28.55
CA SER C 122 -12.35 -36.78 28.70
C SER C 122 -11.22 -36.02 29.36
N VAL C 123 -11.17 -34.73 29.04
CA VAL C 123 -10.23 -33.80 29.62
C VAL C 123 -10.45 -33.65 31.10
N GLU C 124 -11.71 -33.62 31.50
CA GLU C 124 -12.06 -33.49 32.88
C GLU C 124 -11.50 -34.66 33.61
N GLU C 125 -11.61 -35.84 32.99
CA GLU C 125 -11.08 -37.03 33.58
C GLU C 125 -9.59 -36.95 33.66
N ARG C 126 -8.97 -36.45 32.61
CA ARG C 126 -7.52 -36.35 32.57
C ARG C 126 -7.04 -35.41 33.63
N ILE C 127 -7.79 -34.36 33.87
CA ILE C 127 -7.46 -33.47 34.94
C ILE C 127 -7.60 -34.12 36.31
N GLN C 128 -8.64 -34.91 36.50
CA GLN C 128 -8.86 -35.54 37.79
C GLN C 128 -7.71 -36.47 38.11
N GLU C 129 -7.27 -37.19 37.10
CA GLU C 129 -6.15 -38.09 37.28
C GLU C 129 -4.90 -37.37 37.66
N GLU C 130 -4.69 -36.24 37.04
CA GLU C 130 -3.53 -35.43 37.35
C GLU C 130 -3.66 -34.93 38.76
N ALA C 131 -4.88 -34.62 39.13
CA ALA C 131 -5.16 -34.10 40.45
C ALA C 131 -4.77 -35.12 41.48
N ARG C 132 -5.08 -36.38 41.22
CA ARG C 132 -4.69 -37.43 42.13
C ARG C 132 -3.19 -37.58 42.26
N CYS C 133 -2.48 -37.56 41.16
CA CYS C 133 -1.05 -37.73 41.24
C CYS C 133 -0.48 -36.60 42.04
N LEU C 134 -1.04 -35.42 41.85
CA LEU C 134 -0.56 -34.23 42.58
C LEU C 134 -0.69 -34.46 44.09
N VAL C 135 -1.93 -34.72 44.54
CA VAL C 135 -2.18 -34.98 45.96
C VAL C 135 -1.08 -35.88 46.53
N GLU C 136 -0.88 -37.04 45.89
CA GLU C 136 0.22 -37.94 46.22
C GLU C 136 1.59 -37.22 46.38
N GLU C 137 1.97 -36.42 45.39
CA GLU C 137 3.26 -35.73 45.44
C GLU C 137 3.40 -34.83 46.66
N LEU C 138 2.27 -34.22 47.03
CA LEU C 138 2.22 -33.22 48.10
C LEU C 138 2.38 -33.89 49.49
N ARG C 139 1.92 -35.13 49.58
CA ARG C 139 2.14 -35.93 50.75
C ARG C 139 3.63 -36.16 50.88
N LYS C 140 4.26 -36.46 49.77
CA LYS C 140 5.67 -36.79 49.81
C LYS C 140 6.44 -35.60 50.35
N SER C 141 5.95 -34.40 50.12
CA SER C 141 6.63 -33.21 50.62
C SER C 141 6.69 -33.27 52.15
N LYS C 142 5.68 -33.87 52.76
CA LYS C 142 5.71 -34.01 54.20
C LYS C 142 5.69 -32.69 54.94
N GLY C 143 4.99 -31.69 54.41
CA GLY C 143 4.81 -30.43 55.09
C GLY C 143 6.01 -29.52 55.01
N ALA C 144 6.97 -29.90 54.19
CA ALA C 144 8.13 -29.07 54.06
C ALA C 144 7.76 -27.81 53.30
N LEU C 145 8.58 -26.80 53.49
CA LEU C 145 8.44 -25.58 52.76
C LEU C 145 8.99 -25.83 51.39
N LEU C 146 8.32 -25.28 50.40
CA LEU C 146 8.74 -25.43 49.02
C LEU C 146 8.19 -24.29 48.20
N ASP C 147 8.75 -24.14 47.02
CA ASP C 147 8.30 -23.22 45.97
C ASP C 147 7.46 -24.05 44.98
N ASN C 148 6.17 -23.73 44.86
CA ASN C 148 5.27 -24.49 43.97
C ASN C 148 5.35 -24.21 42.45
N THR C 149 6.29 -23.37 42.03
CA THR C 149 6.40 -23.01 40.61
C THR C 149 6.48 -24.27 39.77
N LEU C 150 7.50 -25.07 40.06
CA LEU C 150 7.79 -26.27 39.25
C LEU C 150 6.62 -27.24 39.32
N LEU C 151 6.14 -27.49 40.52
CA LEU C 151 5.01 -28.36 40.68
C LEU C 151 3.81 -27.92 39.84
N PHE C 152 3.53 -26.62 39.81
CA PHE C 152 2.32 -26.18 39.09
C PHE C 152 2.51 -26.18 37.56
N HIS C 153 3.76 -25.99 37.11
CA HIS C 153 4.07 -26.05 35.70
C HIS C 153 3.83 -27.49 35.26
N SER C 154 4.30 -28.42 36.08
CA SER C 154 4.20 -29.87 35.83
C SER C 154 2.79 -30.33 35.71
N ILE C 155 1.96 -30.02 36.71
CA ILE C 155 0.56 -30.49 36.71
C ILE C 155 -0.25 -29.97 35.53
N THR C 156 0.01 -28.71 35.14
CA THR C 156 -0.76 -28.10 34.03
C THR C 156 -0.19 -28.57 32.69
N SER C 157 1.14 -28.67 32.61
CA SER C 157 1.79 -29.20 31.40
C SER C 157 1.29 -30.58 31.05
N ASN C 158 1.14 -31.43 32.06
CA ASN C 158 0.70 -32.79 31.80
C ASN C 158 -0.65 -32.87 31.11
N ILE C 159 -1.54 -31.94 31.44
CA ILE C 159 -2.86 -31.95 30.83
C ILE C 159 -2.69 -31.85 29.31
N ILE C 160 -1.79 -30.95 28.88
CA ILE C 160 -1.51 -30.78 27.46
C ILE C 160 -0.84 -32.03 26.89
N CYS C 161 0.17 -32.55 27.59
CA CYS C 161 0.78 -33.85 27.17
C CYS C 161 -0.23 -34.99 26.98
N SER C 162 -1.13 -35.18 27.96
CA SER C 162 -2.16 -36.22 27.84
C SER C 162 -3.00 -35.99 26.57
N ILE C 163 -3.39 -34.74 26.34
CA ILE C 163 -4.25 -34.36 25.22
C ILE C 163 -3.57 -34.51 23.86
N VAL C 164 -2.24 -34.31 23.84
CA VAL C 164 -1.56 -34.25 22.56
C VAL C 164 -0.95 -35.59 22.27
N PHE C 165 -0.20 -36.12 23.22
CA PHE C 165 0.45 -37.39 23.00
C PHE C 165 -0.40 -38.60 23.41
N GLY C 166 -1.65 -38.35 23.86
CA GLY C 166 -2.52 -39.40 24.36
C GLY C 166 -2.39 -39.85 25.83
N LYS C 167 -1.19 -39.71 26.42
CA LYS C 167 -0.90 -40.11 27.82
C LYS C 167 -0.04 -39.07 28.60
N ARG C 168 -0.36 -38.84 29.89
CA ARG C 168 0.44 -37.97 30.79
C ARG C 168 1.84 -38.54 30.98
N PHE C 169 2.74 -37.72 31.48
CA PHE C 169 4.11 -38.11 31.73
C PHE C 169 4.31 -38.34 33.21
N ASP C 170 5.41 -38.99 33.58
CA ASP C 170 5.79 -39.08 34.99
C ASP C 170 6.58 -37.86 35.45
N TYR C 171 6.21 -37.28 36.58
CA TYR C 171 6.84 -36.07 37.05
C TYR C 171 8.39 -36.05 37.01
N LYS C 172 9.01 -37.21 36.98
CA LYS C 172 10.45 -37.21 36.91
C LYS C 172 10.97 -37.80 35.58
N ASP C 173 10.05 -38.10 34.65
CA ASP C 173 10.38 -38.62 33.31
C ASP C 173 11.34 -37.65 32.57
N PRO C 174 12.53 -38.12 32.13
CA PRO C 174 13.50 -37.09 31.71
C PRO C 174 13.12 -36.42 30.39
N VAL C 175 12.12 -36.94 29.67
CA VAL C 175 11.63 -36.27 28.47
C VAL C 175 10.81 -35.07 28.88
N PHE C 176 9.88 -35.31 29.80
CA PHE C 176 9.04 -34.30 30.38
C PHE C 176 9.86 -33.24 31.14
N LEU C 177 10.98 -33.60 31.74
CA LEU C 177 11.76 -32.56 32.39
C LEU C 177 12.40 -31.67 31.33
N ARG C 178 12.77 -32.28 30.20
CA ARG C 178 13.47 -31.58 29.13
C ARG C 178 12.46 -30.66 28.50
N LEU C 179 11.24 -31.15 28.36
CA LEU C 179 10.24 -30.32 27.76
C LEU C 179 9.80 -29.18 28.71
N LEU C 180 9.70 -29.43 30.00
CA LEU C 180 9.50 -28.32 30.92
C LEU C 180 10.58 -27.22 30.72
N ASP C 181 11.75 -27.64 30.27
CA ASP C 181 12.89 -26.73 30.25
C ASP C 181 12.85 -25.88 28.99
N LEU C 182 12.60 -26.53 27.87
CA LEU C 182 12.35 -25.84 26.62
C LEU C 182 11.28 -24.72 26.82
N PHE C 183 10.06 -25.13 27.16
CA PHE C 183 8.95 -24.21 27.16
C PHE C 183 8.91 -23.20 28.27
N PHE C 184 9.40 -23.53 29.46
CA PHE C 184 9.08 -22.66 30.63
C PHE C 184 10.29 -21.95 31.23
N GLN C 185 11.44 -22.48 30.90
CA GLN C 185 12.72 -21.98 31.36
C GLN C 185 12.97 -20.55 30.90
N SER C 186 13.17 -19.67 31.86
CA SER C 186 13.48 -18.26 31.59
C SER C 186 14.89 -18.07 31.07
N PHE C 187 15.05 -17.10 30.19
CA PHE C 187 16.35 -16.61 29.79
C PHE C 187 16.12 -15.12 29.64
N SER C 188 17.18 -14.33 29.69
CA SER C 188 16.94 -12.91 29.66
C SER C 188 17.73 -12.19 28.56
N LEU C 189 17.16 -11.06 28.13
CA LEU C 189 17.83 -10.20 27.16
C LEU C 189 18.19 -8.88 27.82
N ILE C 190 19.45 -8.51 27.64
CA ILE C 190 19.99 -7.36 28.37
C ILE C 190 20.02 -6.09 27.51
N SER C 191 19.45 -5.01 28.02
CA SER C 191 19.35 -3.78 27.25
C SER C 191 19.87 -2.64 28.11
N SER C 192 20.06 -1.48 27.48
CA SER C 192 20.33 -0.25 28.19
C SER C 192 19.49 0.87 27.59
N PHE C 193 19.34 1.96 28.27
CA PHE C 193 18.45 2.98 27.72
C PHE C 193 19.06 3.63 26.46
N SER C 194 20.36 3.87 26.45
CA SER C 194 20.94 4.42 25.23
C SER C 194 20.75 3.48 24.01
N SER C 195 20.91 2.17 24.19
CA SER C 195 20.65 1.20 23.12
C SER C 195 19.19 1.28 22.65
N GLN C 196 18.26 1.27 23.61
CA GLN C 196 16.86 1.40 23.26
C GLN C 196 16.54 2.63 22.38
N VAL C 197 17.15 3.78 22.71
CA VAL C 197 16.82 4.99 21.98
C VAL C 197 17.43 4.84 20.58
N PHE C 198 18.57 4.17 20.49
CA PHE C 198 19.16 3.87 19.17
C PHE C 198 18.33 2.85 18.31
N GLU C 199 17.68 1.92 18.98
CA GLU C 199 16.78 1.02 18.31
C GLU C 199 15.65 1.81 17.69
N LEU C 200 14.99 2.67 18.48
CA LEU C 200 13.88 3.53 18.02
C LEU C 200 14.33 4.35 16.78
N PHE C 201 15.50 4.92 16.88
CA PHE C 201 16.08 5.67 15.77
C PHE C 201 16.29 4.78 14.51
N SER C 202 16.74 3.55 14.72
CA SER C 202 16.99 2.61 13.65
C SER C 202 15.75 2.18 12.94
N GLY C 203 14.65 2.07 13.69
CA GLY C 203 13.44 1.52 13.17
C GLY C 203 13.31 0.04 13.50
N PHE C 204 14.36 -0.54 14.11
CA PHE C 204 14.39 -1.97 14.44
C PHE C 204 14.78 -2.24 15.91
N LEU C 205 14.11 -3.24 16.49
CA LEU C 205 14.38 -3.73 17.83
C LEU C 205 15.54 -4.72 17.79
N LYS C 206 16.38 -4.76 18.82
CA LYS C 206 17.42 -5.78 18.91
C LYS C 206 16.84 -7.16 19.28
N TYR C 207 15.82 -7.19 20.14
CA TYR C 207 15.24 -8.44 20.62
C TYR C 207 14.29 -9.03 19.58
N PHE C 208 14.42 -10.31 19.29
CA PHE C 208 13.44 -11.01 18.47
C PHE C 208 13.51 -12.49 18.91
N PRO C 209 12.38 -13.23 18.87
CA PRO C 209 12.41 -14.64 19.30
C PRO C 209 13.61 -15.42 18.75
N GLY C 210 14.25 -16.23 19.60
CA GLY C 210 15.37 -17.07 19.19
C GLY C 210 16.74 -16.46 19.18
N THR C 211 16.91 -15.27 19.76
CA THR C 211 18.24 -14.64 19.75
C THR C 211 19.00 -15.19 20.94
N HIS C 212 18.31 -15.84 21.85
CA HIS C 212 18.99 -16.46 22.98
C HIS C 212 19.26 -17.93 22.71
N ARG C 213 20.52 -18.29 22.81
CA ARG C 213 21.07 -19.60 22.46
C ARG C 213 20.55 -20.75 23.32
N GLN C 214 20.07 -20.44 24.49
CA GLN C 214 19.52 -21.34 25.46
CA GLN C 214 19.61 -21.47 25.36
C GLN C 214 18.46 -22.29 24.79
N ILE C 215 17.58 -21.64 24.04
CA ILE C 215 16.40 -22.29 23.54
C ILE C 215 16.66 -23.59 22.81
N TYR C 216 17.72 -23.62 22.04
CA TYR C 216 18.07 -24.79 21.25
C TYR C 216 18.58 -25.94 22.05
N ARG C 217 19.03 -25.61 23.24
CA ARG C 217 19.48 -26.59 24.22
C ARG C 217 18.63 -27.88 24.11
N ASN C 218 17.30 -27.76 24.16
CA ASN C 218 16.44 -28.94 24.28
C ASN C 218 15.55 -29.21 23.09
N LEU C 219 15.73 -28.42 22.02
CA LEU C 219 14.76 -28.33 20.95
C LEU C 219 14.76 -29.58 20.09
N GLN C 220 15.97 -30.00 19.70
CA GLN C 220 16.12 -31.15 18.85
C GLN C 220 15.66 -32.41 19.54
N GLU C 221 15.91 -32.48 20.86
CA GLU C 221 15.51 -33.67 21.62
C GLU C 221 13.97 -33.75 21.64
N ILE C 222 13.34 -32.60 21.91
CA ILE C 222 11.88 -32.51 21.94
C ILE C 222 11.26 -32.88 20.58
N ASN C 223 11.79 -32.26 19.53
CA ASN C 223 11.46 -32.59 18.14
C ASN C 223 11.52 -34.07 17.79
N THR C 224 12.61 -34.72 18.16
CA THR C 224 12.77 -36.15 17.93
C THR C 224 11.70 -36.97 18.65
N PHE C 225 11.47 -36.59 19.91
CA PHE C 225 10.44 -37.26 20.67
C PHE C 225 9.08 -37.19 19.96
N ILE C 226 8.78 -36.02 19.38
CA ILE C 226 7.55 -35.84 18.63
C ILE C 226 7.46 -36.73 17.41
N GLY C 227 8.54 -36.76 16.62
CA GLY C 227 8.68 -37.74 15.56
C GLY C 227 8.33 -39.14 15.99
N GLN C 228 8.90 -39.57 17.13
CA GLN C 228 8.64 -40.93 17.63
C GLN C 228 7.16 -41.17 17.94
N SER C 229 6.54 -40.21 18.64
CA SER C 229 5.14 -40.36 18.98
C SER C 229 4.21 -40.33 17.77
N VAL C 230 4.61 -39.60 16.74
CA VAL C 230 3.83 -39.58 15.52
C VAL C 230 3.88 -40.97 14.86
N GLU C 231 5.07 -41.59 14.90
CA GLU C 231 5.25 -42.97 14.42
C GLU C 231 4.45 -43.97 15.24
N LYS C 232 4.80 -44.11 16.52
CA LYS C 232 4.06 -45.08 17.37
C LYS C 232 2.55 -44.88 17.19
N HIS C 233 2.15 -43.63 16.91
CA HIS C 233 0.73 -43.28 16.70
C HIS C 233 0.24 -43.81 15.37
N ARG C 234 1.00 -43.55 14.32
CA ARG C 234 0.63 -43.94 12.97
C ARG C 234 0.42 -45.43 12.83
N ALA C 235 1.21 -46.25 13.49
CA ALA C 235 0.99 -47.65 13.21
C ALA C 235 -0.27 -48.16 13.88
N THR C 236 -0.42 -47.88 15.17
CA THR C 236 -1.57 -48.36 15.92
C THR C 236 -2.94 -47.81 15.61
N LEU C 237 -2.94 -46.52 15.38
CA LEU C 237 -4.12 -45.71 15.17
C LEU C 237 -5.05 -45.89 14.01
N ASP C 238 -6.33 -45.62 14.29
CA ASP C 238 -7.33 -45.56 13.27
C ASP C 238 -8.68 -45.01 13.61
N PRO C 239 -9.26 -44.32 12.63
CA PRO C 239 -10.55 -43.66 12.74
C PRO C 239 -11.74 -44.60 12.74
N SER C 240 -12.85 -44.13 13.29
CA SER C 240 -12.89 -42.80 13.87
C SER C 240 -12.66 -43.01 15.38
N ASN C 241 -11.45 -43.44 15.69
CA ASN C 241 -10.97 -43.56 17.06
C ASN C 241 -9.70 -42.68 17.25
N PRO C 242 -9.78 -41.36 16.90
CA PRO C 242 -8.77 -40.36 17.28
C PRO C 242 -8.37 -40.42 18.78
N ARG C 243 -7.26 -41.12 19.04
CA ARG C 243 -6.81 -41.40 20.38
C ARG C 243 -6.41 -40.12 21.18
N ASP C 244 -6.03 -39.06 20.46
CA ASP C 244 -5.53 -37.78 20.99
C ASP C 244 -5.30 -36.78 19.82
N PHE C 245 -4.63 -35.66 20.09
CA PHE C 245 -4.34 -34.67 19.03
C PHE C 245 -3.37 -35.18 17.96
N ILE C 246 -2.35 -35.94 18.35
CA ILE C 246 -1.40 -36.46 17.37
C ILE C 246 -2.13 -37.19 16.26
N ASP C 247 -3.03 -38.12 16.59
CA ASP C 247 -3.60 -38.83 15.45
C ASP C 247 -4.77 -38.09 14.79
N VAL C 248 -5.34 -37.12 15.47
CA VAL C 248 -6.22 -36.16 14.80
C VAL C 248 -5.46 -35.41 13.71
N TYR C 249 -4.21 -35.07 13.98
CA TYR C 249 -3.34 -34.47 12.99
C TYR C 249 -2.98 -35.43 11.89
N LEU C 250 -2.76 -36.70 12.20
CA LEU C 250 -2.47 -37.62 11.13
C LEU C 250 -3.70 -37.76 10.24
N LEU C 251 -4.87 -37.87 10.83
CA LEU C 251 -6.04 -38.05 10.01
C LEU C 251 -6.23 -36.90 9.08
N ARG C 252 -6.12 -35.70 9.59
CA ARG C 252 -6.36 -34.56 8.74
C ARG C 252 -5.34 -34.59 7.66
N MET C 253 -4.12 -34.90 8.07
CA MET C 253 -2.97 -34.83 7.21
C MET C 253 -3.00 -35.77 6.00
N GLU C 254 -3.50 -36.99 6.18
CA GLU C 254 -3.59 -37.96 5.09
C GLU C 254 -4.77 -37.69 4.18
N HIS C 266 7.42 -31.70 8.73
CA HIS C 266 6.06 -31.27 9.07
C HIS C 266 5.58 -31.55 10.50
N GLN C 267 6.17 -32.57 11.14
CA GLN C 267 6.08 -32.77 12.61
C GLN C 267 6.07 -31.40 13.29
N ASN C 268 6.75 -30.45 12.66
CA ASN C 268 6.91 -29.13 13.22
C ASN C 268 5.62 -28.35 13.41
N LEU C 269 4.59 -28.67 12.63
CA LEU C 269 3.25 -28.20 12.97
C LEU C 269 2.87 -28.58 14.41
N ILE C 270 3.31 -29.74 14.88
CA ILE C 270 2.97 -30.19 16.25
C ILE C 270 3.78 -29.40 17.29
N LEU C 271 5.04 -29.13 16.98
CA LEU C 271 5.86 -28.34 17.86
C LEU C 271 5.22 -26.96 18.05
N THR C 272 4.78 -26.37 16.95
CA THR C 272 4.10 -25.08 17.01
C THR C 272 2.82 -25.11 17.87
N VAL C 273 1.89 -26.02 17.56
CA VAL C 273 0.69 -26.15 18.40
C VAL C 273 1.04 -26.41 19.90
N LEU C 274 2.01 -27.30 20.15
CA LEU C 274 2.43 -27.58 21.52
C LEU C 274 2.84 -26.30 22.18
N SER C 275 3.70 -25.55 21.48
CA SER C 275 4.21 -24.25 21.93
C SER C 275 3.09 -23.28 22.36
N LEU C 276 2.16 -23.00 21.46
CA LEU C 276 0.96 -22.26 21.77
C LEU C 276 0.22 -22.77 23.05
N PHE C 277 -0.04 -24.07 23.16
CA PHE C 277 -0.75 -24.58 24.34
C PHE C 277 0.09 -24.36 25.58
N PHE C 278 1.41 -24.49 25.46
CA PHE C 278 2.25 -24.26 26.66
C PHE C 278 2.26 -22.82 27.12
N ALA C 279 2.14 -21.90 26.18
CA ALA C 279 2.10 -20.48 26.56
C ALA C 279 0.84 -20.15 27.40
N GLY C 280 -0.32 -20.69 27.00
CA GLY C 280 -1.52 -20.54 27.77
C GLY C 280 -1.45 -21.30 29.10
N THR C 281 -0.68 -22.39 29.07
CA THR C 281 -0.56 -23.25 30.24
C THR C 281 0.21 -22.48 31.32
N GLU C 282 1.28 -21.86 30.88
CA GLU C 282 2.14 -21.09 31.76
C GLU C 282 1.28 -20.06 32.51
N THR C 283 0.27 -19.49 31.84
CA THR C 283 -0.57 -18.48 32.47
C THR C 283 -1.45 -19.20 33.47
N THR C 284 -2.07 -20.31 33.04
CA THR C 284 -2.78 -21.19 33.97
C THR C 284 -1.93 -21.56 35.24
N SER C 285 -0.67 -22.01 35.08
CA SER C 285 0.09 -22.42 36.22
C SER C 285 0.28 -21.23 37.11
N THR C 286 0.63 -20.09 36.53
CA THR C 286 0.92 -18.88 37.31
C THR C 286 -0.33 -18.39 38.07
N THR C 287 -1.51 -18.67 37.55
CA THR C 287 -2.74 -18.23 38.17
C THR C 287 -2.87 -19.07 39.45
N LEU C 288 -2.61 -20.37 39.37
CA LEU C 288 -2.68 -21.19 40.56
C LEU C 288 -1.66 -20.68 41.58
N ARG C 289 -0.41 -20.52 41.13
CA ARG C 289 0.64 -20.04 42.00
C ARG C 289 0.24 -18.71 42.69
N TYR C 290 -0.30 -17.75 41.93
CA TYR C 290 -0.88 -16.54 42.52
C TYR C 290 -2.08 -16.85 43.46
N GLY C 291 -3.01 -17.68 43.01
CA GLY C 291 -4.14 -18.09 43.83
C GLY C 291 -3.72 -18.54 45.23
N PHE C 292 -2.69 -19.39 45.33
CA PHE C 292 -2.22 -19.82 46.66
C PHE C 292 -1.56 -18.74 47.51
N LEU C 293 -0.80 -17.85 46.88
CA LEU C 293 -0.32 -16.65 47.60
C LEU C 293 -1.46 -15.86 48.23
N LEU C 294 -2.57 -15.73 47.51
CA LEU C 294 -3.74 -14.96 48.02
C LEU C 294 -4.25 -15.66 49.22
N MET C 295 -4.35 -16.97 49.08
CA MET C 295 -4.97 -17.79 50.13
C MET C 295 -4.15 -17.90 51.43
N LEU C 296 -2.82 -17.83 51.33
CA LEU C 296 -1.97 -17.54 52.51
C LEU C 296 -2.39 -16.23 53.15
N LYS C 297 -2.58 -15.18 52.35
CA LYS C 297 -2.90 -13.86 52.91
C LYS C 297 -4.34 -13.77 53.49
N TYR C 298 -5.24 -14.67 53.07
CA TYR C 298 -6.63 -14.63 53.51
C TYR C 298 -7.15 -16.00 53.99
N PRO C 299 -6.61 -16.48 55.15
CA PRO C 299 -6.97 -17.80 55.75
C PRO C 299 -8.45 -18.00 55.94
N HIS C 300 -9.16 -16.91 56.25
CA HIS C 300 -10.60 -16.97 56.39
C HIS C 300 -11.30 -17.42 55.09
N VAL C 301 -10.70 -17.11 53.93
CA VAL C 301 -11.33 -17.51 52.66
C VAL C 301 -10.99 -18.98 52.34
N THR C 302 -9.73 -19.36 52.53
CA THR C 302 -9.33 -20.77 52.45
C THR C 302 -10.28 -21.64 53.24
N GLU C 303 -10.70 -21.17 54.44
CA GLU C 303 -11.67 -21.88 55.28
C GLU C 303 -13.07 -21.97 54.66
N ARG C 304 -13.65 -20.85 54.22
CA ARG C 304 -15.02 -20.94 53.63
C ARG C 304 -15.08 -21.83 52.41
N VAL C 305 -13.92 -21.90 51.73
CA VAL C 305 -13.71 -22.80 50.58
C VAL C 305 -13.63 -24.25 51.10
N GLN C 306 -12.77 -24.49 52.09
CA GLN C 306 -12.70 -25.81 52.73
C GLN C 306 -14.08 -26.30 53.19
N LYS C 307 -14.88 -25.41 53.77
CA LYS C 307 -16.26 -25.70 54.21
C LYS C 307 -17.24 -25.95 53.08
N GLU C 308 -17.14 -25.19 52.01
CA GLU C 308 -18.04 -25.37 50.88
C GLU C 308 -17.80 -26.70 50.24
N ILE C 309 -16.54 -27.06 50.16
CA ILE C 309 -16.15 -28.34 49.59
C ILE C 309 -16.77 -29.41 50.43
N GLU C 310 -16.81 -29.17 51.72
CA GLU C 310 -17.42 -30.14 52.62
C GLU C 310 -18.88 -30.37 52.38
N GLN C 311 -19.68 -29.32 52.27
CA GLN C 311 -21.09 -29.56 52.13
C GLN C 311 -21.26 -30.27 50.83
N VAL C 312 -20.57 -29.74 49.84
CA VAL C 312 -20.68 -30.20 48.50
C VAL C 312 -20.12 -31.53 48.13
N ILE C 313 -18.94 -31.84 48.64
CA ILE C 313 -18.24 -33.01 48.17
C ILE C 313 -17.79 -34.07 49.14
N GLY C 314 -17.97 -33.85 50.41
CA GLY C 314 -17.54 -34.86 51.34
C GLY C 314 -16.04 -34.79 51.40
N SER C 315 -15.43 -35.73 52.08
CA SER C 315 -13.99 -35.74 52.16
C SER C 315 -13.39 -36.91 51.44
N HIS C 316 -14.20 -37.66 50.71
CA HIS C 316 -13.67 -38.83 50.03
C HIS C 316 -13.62 -38.80 48.52
N ARG C 317 -14.73 -38.54 47.86
CA ARG C 317 -14.64 -38.55 46.42
C ARG C 317 -13.85 -37.35 45.95
N PRO C 318 -13.29 -37.46 44.76
CA PRO C 318 -12.48 -36.37 44.23
C PRO C 318 -13.45 -35.39 43.60
N PRO C 319 -13.08 -34.09 43.65
CA PRO C 319 -13.99 -33.10 43.06
C PRO C 319 -14.14 -33.40 41.59
N ALA C 320 -15.31 -33.01 41.08
CA ALA C 320 -15.61 -33.09 39.67
C ALA C 320 -16.12 -31.74 39.14
N LEU C 321 -16.12 -31.60 37.81
CA LEU C 321 -16.58 -30.36 37.21
C LEU C 321 -18.03 -29.97 37.55
N ASP C 322 -18.93 -30.94 37.64
CA ASP C 322 -20.34 -30.64 37.93
C ASP C 322 -20.51 -30.02 39.33
N ASP C 323 -19.52 -30.24 40.22
CA ASP C 323 -19.50 -29.59 41.54
C ASP C 323 -19.44 -28.08 41.52
N ARG C 324 -18.82 -27.52 40.44
CA ARG C 324 -18.61 -26.08 40.36
C ARG C 324 -19.93 -25.32 40.44
N ALA C 325 -20.95 -25.77 39.74
CA ALA C 325 -22.24 -25.09 39.73
C ALA C 325 -22.86 -25.05 41.16
N LYS C 326 -22.43 -25.96 42.01
CA LYS C 326 -22.99 -26.06 43.36
C LYS C 326 -22.09 -25.42 44.37
N MET C 327 -21.09 -24.68 43.89
CA MET C 327 -20.13 -24.02 44.80
C MET C 327 -19.86 -22.54 44.41
N PRO C 328 -20.92 -21.73 44.44
CA PRO C 328 -20.74 -20.35 43.97
C PRO C 328 -19.63 -19.61 44.72
N TYR C 329 -19.40 -19.90 46.01
CA TYR C 329 -18.34 -19.17 46.76
C TYR C 329 -16.90 -19.53 46.28
N THR C 330 -16.67 -20.80 45.99
CA THR C 330 -15.39 -21.22 45.42
C THR C 330 -15.25 -20.68 43.94
N ASP C 331 -16.33 -20.78 43.15
CA ASP C 331 -16.34 -20.16 41.83
C ASP C 331 -15.95 -18.66 41.94
N ALA C 332 -16.74 -17.87 42.70
CA ALA C 332 -16.50 -16.43 42.87
C ALA C 332 -15.10 -16.19 43.30
N VAL C 333 -14.55 -17.07 44.11
CA VAL C 333 -13.20 -16.86 44.62
C VAL C 333 -12.13 -17.05 43.54
N ILE C 334 -12.43 -17.95 42.61
CA ILE C 334 -11.46 -18.22 41.55
C ILE C 334 -11.52 -17.08 40.51
N HIS C 335 -12.74 -16.62 40.17
CA HIS C 335 -12.91 -15.40 39.36
C HIS C 335 -12.01 -14.31 39.93
N GLU C 336 -12.21 -14.07 41.22
CA GLU C 336 -11.52 -12.99 41.89
C GLU C 336 -9.97 -13.23 41.89
N ILE C 337 -9.53 -14.47 41.98
CA ILE C 337 -8.12 -14.73 41.80
C ILE C 337 -7.67 -14.32 40.40
N GLN C 338 -8.41 -14.73 39.37
CA GLN C 338 -8.07 -14.34 38.01
C GLN C 338 -8.10 -12.84 37.81
N ARG C 339 -9.13 -12.19 38.35
CA ARG C 339 -9.27 -10.71 38.23
C ARG C 339 -8.07 -9.93 38.76
N LEU C 340 -7.66 -10.22 40.00
CA LEU C 340 -6.60 -9.48 40.63
C LEU C 340 -5.25 -9.97 40.16
N GLY C 341 -5.19 -11.23 39.76
CA GLY C 341 -3.92 -11.70 39.24
C GLY C 341 -3.56 -10.94 37.98
N ASP C 342 -4.57 -10.61 37.16
CA ASP C 342 -4.39 -9.66 36.06
C ASP C 342 -3.09 -9.93 35.26
N LEU C 343 -2.90 -11.17 34.83
CA LEU C 343 -1.60 -11.66 34.39
C LEU C 343 -1.26 -11.25 32.95
N ILE C 344 -2.27 -10.79 32.21
CA ILE C 344 -2.09 -10.26 30.85
C ILE C 344 -2.73 -8.87 30.84
N PRO C 345 -2.10 -7.88 31.50
CA PRO C 345 -2.76 -6.55 31.72
C PRO C 345 -3.09 -5.75 30.48
N PHE C 346 -2.26 -5.82 29.44
CA PHE C 346 -2.53 -5.13 28.17
C PHE C 346 -3.18 -6.02 27.14
N GLY C 347 -3.75 -7.14 27.53
CA GLY C 347 -4.30 -8.09 26.55
C GLY C 347 -3.19 -8.49 25.56
N VAL C 348 -3.62 -8.98 24.40
CA VAL C 348 -2.76 -9.19 23.25
C VAL C 348 -3.09 -8.08 22.22
N PRO C 349 -2.07 -7.30 21.80
CA PRO C 349 -2.27 -6.26 20.79
C PRO C 349 -2.88 -6.89 19.56
N HIS C 350 -3.81 -6.16 18.94
CA HIS C 350 -4.35 -6.53 17.67
C HIS C 350 -4.15 -5.41 16.68
N THR C 351 -4.79 -5.63 15.55
CA THR C 351 -4.62 -4.74 14.44
C THR C 351 -6.02 -4.57 13.91
N VAL C 352 -6.35 -3.35 13.49
CA VAL C 352 -7.67 -3.06 12.92
C VAL C 352 -7.71 -3.43 11.42
N THR C 353 -8.70 -4.21 10.99
CA THR C 353 -8.68 -4.73 9.62
C THR C 353 -9.30 -3.81 8.57
N LYS C 354 -9.83 -2.65 8.99
CA LYS C 354 -10.41 -1.73 8.04
C LYS C 354 -10.62 -0.34 8.66
N ASP C 355 -10.79 0.71 7.87
CA ASP C 355 -11.11 1.98 8.48
C ASP C 355 -12.41 1.76 9.30
N THR C 356 -12.37 2.11 10.59
CA THR C 356 -13.39 1.73 11.53
C THR C 356 -13.86 2.97 12.26
N GLN C 357 -15.17 3.13 12.36
CA GLN C 357 -15.71 4.17 13.24
C GLN C 357 -15.84 3.62 14.66
N PHE C 358 -15.32 4.34 15.65
CA PHE C 358 -15.37 3.87 17.02
C PHE C 358 -15.54 5.02 17.95
N ARG C 359 -16.63 5.01 18.72
CA ARG C 359 -16.92 6.07 19.70
C ARG C 359 -16.66 7.50 19.22
N GLY C 360 -16.98 7.78 17.95
CA GLY C 360 -16.91 9.16 17.48
C GLY C 360 -15.59 9.48 16.85
N TYR C 361 -14.71 8.48 16.76
CA TYR C 361 -13.41 8.67 16.12
C TYR C 361 -13.30 7.65 15.04
N VAL C 362 -12.20 7.74 14.31
CA VAL C 362 -11.88 6.82 13.26
C VAL C 362 -10.56 6.17 13.57
N ILE C 363 -10.50 4.84 13.47
CA ILE C 363 -9.25 4.16 13.56
C ILE C 363 -8.93 3.61 12.14
N PRO C 364 -7.81 4.07 11.54
CA PRO C 364 -7.50 3.64 10.16
C PRO C 364 -7.10 2.14 10.06
N LYS C 365 -7.44 1.51 8.94
CA LYS C 365 -7.00 0.16 8.62
C LYS C 365 -5.54 -0.10 9.02
N ASN C 366 -5.30 -1.24 9.66
CA ASN C 366 -3.94 -1.62 10.11
C ASN C 366 -3.39 -0.92 11.37
N THR C 367 -4.13 0.00 11.94
CA THR C 367 -3.65 0.61 13.16
C THR C 367 -3.58 -0.40 14.27
N GLU C 368 -2.46 -0.42 15.00
CA GLU C 368 -2.34 -1.27 16.16
C GLU C 368 -3.17 -0.80 17.35
N VAL C 369 -3.77 -1.76 18.03
CA VAL C 369 -4.68 -1.53 19.15
C VAL C 369 -4.32 -2.36 20.41
N PHE C 370 -4.24 -1.70 21.58
CA PHE C 370 -4.10 -2.39 22.85
C PHE C 370 -5.43 -2.42 23.55
N PRO C 371 -6.06 -3.59 23.71
CA PRO C 371 -7.25 -3.71 24.58
C PRO C 371 -6.72 -3.88 25.99
N VAL C 372 -6.78 -2.83 26.84
CA VAL C 372 -6.08 -2.94 28.13
C VAL C 372 -6.95 -3.68 29.14
N LEU C 373 -6.83 -5.01 29.17
CA LEU C 373 -7.76 -5.82 29.94
C LEU C 373 -7.65 -5.49 31.44
N SER C 374 -6.46 -5.13 31.90
CA SER C 374 -6.33 -4.78 33.29
C SER C 374 -7.32 -3.71 33.65
N SER C 375 -7.69 -2.85 32.70
CA SER C 375 -8.53 -1.70 33.02
C SER C 375 -10.02 -2.10 33.11
N ALA C 376 -10.35 -3.28 32.56
CA ALA C 376 -11.71 -3.80 32.73
C ALA C 376 -11.74 -4.58 34.03
N LEU C 377 -10.61 -5.24 34.35
CA LEU C 377 -10.59 -6.16 35.50
C LEU C 377 -10.59 -5.30 36.76
N HIS C 378 -10.26 -4.03 36.60
CA HIS C 378 -10.24 -3.14 37.76
C HIS C 378 -11.26 -2.01 37.57
N ASP C 379 -12.26 -2.22 36.70
CA ASP C 379 -13.14 -1.12 36.33
C ASP C 379 -14.05 -0.76 37.51
N PRO C 380 -13.88 0.47 38.06
CA PRO C 380 -14.68 0.91 39.21
C PRO C 380 -16.16 0.85 38.88
N ARG C 381 -16.53 0.92 37.61
CA ARG C 381 -17.95 0.96 37.28
C ARG C 381 -18.52 -0.46 37.34
N TYR C 382 -17.66 -1.47 37.58
CA TYR C 382 -18.18 -2.85 37.57
C TYR C 382 -17.82 -3.57 38.83
N PHE C 383 -16.73 -3.16 39.47
CA PHE C 383 -16.24 -3.83 40.70
C PHE C 383 -16.19 -2.84 41.86
N GLU C 384 -16.98 -3.11 42.90
CA GLU C 384 -17.02 -2.23 44.07
C GLU C 384 -15.64 -1.92 44.64
N THR C 385 -14.79 -2.92 44.84
CA THR C 385 -13.43 -2.63 45.35
C THR C 385 -12.31 -3.13 44.42
N PRO C 386 -12.07 -2.41 43.30
CA PRO C 386 -11.21 -2.87 42.19
C PRO C 386 -9.90 -3.43 42.71
N ASN C 387 -9.39 -2.83 43.77
CA ASN C 387 -8.04 -3.20 44.20
C ASN C 387 -7.89 -4.07 45.40
N THR C 388 -9.04 -4.64 45.81
CA THR C 388 -9.11 -5.42 47.04
C THR C 388 -9.79 -6.77 46.81
N PHE C 389 -9.16 -7.86 47.26
CA PHE C 389 -9.81 -9.16 47.05
C PHE C 389 -11.23 -9.19 47.64
N ASN C 390 -12.23 -9.61 46.86
CA ASN C 390 -13.63 -9.38 47.22
C ASN C 390 -14.61 -10.27 46.43
N PRO C 391 -14.75 -11.54 46.86
CA PRO C 391 -15.57 -12.51 46.11
C PRO C 391 -16.95 -11.96 45.87
N GLY C 392 -17.27 -10.88 46.60
CA GLY C 392 -18.63 -10.34 46.58
C GLY C 392 -18.91 -9.80 45.20
N HIS C 393 -17.81 -9.51 44.47
CA HIS C 393 -17.85 -9.05 43.08
C HIS C 393 -18.60 -10.01 42.15
N PHE C 394 -18.56 -11.31 42.48
CA PHE C 394 -19.25 -12.33 41.67
C PHE C 394 -20.47 -12.99 42.36
N LEU C 395 -20.72 -12.58 43.62
CA LEU C 395 -21.88 -13.09 44.36
C LEU C 395 -23.06 -12.09 44.47
N ASP C 396 -24.28 -12.56 44.28
CA ASP C 396 -25.46 -11.73 44.56
C ASP C 396 -25.91 -11.68 46.07
N ALA C 397 -27.12 -11.14 46.29
CA ALA C 397 -27.67 -11.05 47.65
C ALA C 397 -27.80 -12.42 48.38
N ASN C 398 -28.41 -13.40 47.69
CA ASN C 398 -28.55 -14.78 48.20
C ASN C 398 -27.27 -15.63 48.12
N GLY C 399 -26.11 -14.98 47.92
CA GLY C 399 -24.83 -15.68 47.75
C GLY C 399 -24.79 -16.70 46.61
N ALA C 400 -25.67 -16.55 45.62
CA ALA C 400 -25.51 -17.17 44.28
C ALA C 400 -24.45 -16.45 43.34
N LEU C 401 -23.82 -17.23 42.44
CA LEU C 401 -22.96 -16.66 41.41
C LEU C 401 -23.67 -15.63 40.50
N LYS C 402 -23.02 -14.49 40.27
CA LYS C 402 -23.55 -13.53 39.30
C LYS C 402 -22.51 -13.12 38.26
N ARG C 403 -22.99 -12.90 37.02
CA ARG C 403 -22.13 -12.41 35.96
C ARG C 403 -21.63 -11.03 36.34
N ASN C 404 -20.33 -10.80 36.10
CA ASN C 404 -19.80 -9.45 36.08
C ASN C 404 -19.15 -9.08 34.71
N GLU C 405 -19.70 -8.09 34.05
CA GLU C 405 -19.26 -7.69 32.73
C GLU C 405 -17.82 -7.30 32.64
N GLY C 406 -17.29 -6.71 33.69
CA GLY C 406 -15.90 -6.33 33.67
C GLY C 406 -14.93 -7.51 33.76
N PHE C 407 -15.46 -8.72 33.98
CA PHE C 407 -14.59 -9.89 34.13
C PHE C 407 -14.15 -10.38 32.70
N MET C 408 -12.90 -10.13 32.31
CA MET C 408 -12.51 -10.56 30.98
C MET C 408 -11.01 -10.93 30.89
N PRO C 409 -10.54 -11.82 31.76
CA PRO C 409 -9.11 -12.17 31.76
C PRO C 409 -8.70 -13.09 30.58
N PHE C 410 -9.65 -13.72 29.92
CA PHE C 410 -9.39 -14.49 28.69
C PHE C 410 -9.68 -13.64 27.42
N SER C 411 -9.97 -12.37 27.67
CA SER C 411 -10.31 -11.43 26.62
C SER C 411 -11.69 -11.73 26.17
N LEU C 412 -12.06 -11.22 24.98
CA LEU C 412 -13.41 -11.38 24.43
C LEU C 412 -13.41 -11.45 22.89
N GLY C 413 -14.51 -11.96 22.33
CA GLY C 413 -14.76 -11.76 20.92
C GLY C 413 -14.16 -12.85 20.09
N LYS C 414 -13.74 -12.48 18.87
CA LYS C 414 -13.42 -13.42 17.83
C LYS C 414 -12.20 -14.22 18.28
N ARG C 415 -11.29 -13.58 19.04
CA ARG C 415 -10.08 -14.27 19.43
C ARG C 415 -9.96 -14.53 20.91
N ILE C 416 -11.10 -14.76 21.55
CA ILE C 416 -11.11 -15.09 22.96
C ILE C 416 -10.22 -16.29 23.16
N CYS C 417 -9.54 -16.35 24.29
CA CYS C 417 -8.66 -17.48 24.60
C CYS C 417 -9.15 -18.87 24.13
N LEU C 418 -8.40 -19.49 23.22
CA LEU C 418 -8.74 -20.83 22.76
C LEU C 418 -8.78 -21.83 23.95
N GLY C 419 -8.04 -21.51 25.02
CA GLY C 419 -7.96 -22.42 26.14
C GLY C 419 -8.94 -22.13 27.28
N GLU C 420 -9.88 -21.20 27.10
CA GLU C 420 -10.66 -20.73 28.23
C GLU C 420 -11.27 -21.89 29.04
N GLY C 421 -11.91 -22.83 28.34
CA GLY C 421 -12.46 -24.03 28.96
C GLY C 421 -11.45 -24.92 29.70
N ILE C 422 -10.39 -25.33 29.00
CA ILE C 422 -9.40 -26.21 29.62
C ILE C 422 -8.85 -25.49 30.84
N ALA C 423 -8.62 -24.18 30.74
CA ALA C 423 -8.00 -23.42 31.85
C ALA C 423 -8.93 -23.26 33.05
N ARG C 424 -10.16 -22.88 32.78
CA ARG C 424 -11.09 -22.66 33.89
C ARG C 424 -11.29 -23.99 34.63
N THR C 425 -11.28 -25.07 33.86
CA THR C 425 -11.48 -26.40 34.40
C THR C 425 -10.24 -26.82 35.22
N GLU C 426 -9.04 -26.59 34.71
CA GLU C 426 -7.87 -26.95 35.49
C GLU C 426 -7.94 -26.19 36.82
N LEU C 427 -8.37 -24.91 36.77
CA LEU C 427 -8.27 -24.04 37.94
C LEU C 427 -9.22 -24.53 39.04
N PHE C 428 -10.38 -25.05 38.62
CA PHE C 428 -11.36 -25.55 39.56
C PHE C 428 -10.92 -26.87 40.22
N LEU C 429 -10.72 -27.91 39.42
CA LEU C 429 -10.21 -29.17 39.93
C LEU C 429 -8.88 -29.09 40.70
N PHE C 430 -7.90 -28.39 40.18
CA PHE C 430 -6.67 -28.33 40.93
C PHE C 430 -6.81 -27.60 42.29
N PHE C 431 -7.62 -26.54 42.32
CA PHE C 431 -7.75 -25.69 43.53
C PHE C 431 -8.53 -26.45 44.62
N THR C 432 -9.70 -27.00 44.26
CA THR C 432 -10.55 -27.74 45.23
C THR C 432 -9.88 -29.08 45.68
N THR C 433 -9.55 -29.94 44.74
CA THR C 433 -8.76 -31.12 45.07
C THR C 433 -7.53 -30.82 45.95
N ILE C 434 -6.82 -29.73 45.72
CA ILE C 434 -5.71 -29.49 46.67
C ILE C 434 -6.19 -29.16 48.11
N LEU C 435 -7.17 -28.27 48.21
CA LEU C 435 -7.66 -27.75 49.50
C LEU C 435 -8.53 -28.80 50.25
N GLN C 436 -9.14 -29.70 49.49
CA GLN C 436 -9.89 -30.81 50.07
C GLN C 436 -8.93 -31.69 50.86
N ASN C 437 -7.67 -31.75 50.45
CA ASN C 437 -6.71 -32.72 51.00
C ASN C 437 -5.59 -32.07 51.81
N PHE C 438 -5.58 -30.75 51.79
CA PHE C 438 -4.47 -30.08 52.45
C PHE C 438 -4.91 -28.76 53.03
N SER C 439 -4.03 -28.19 53.84
CA SER C 439 -4.19 -26.84 54.26
C SER C 439 -2.81 -26.25 54.18
N ILE C 440 -2.74 -24.94 54.31
CA ILE C 440 -1.54 -24.30 53.86
C ILE C 440 -0.95 -23.46 54.95
N ALA C 441 0.34 -23.21 54.88
CA ALA C 441 0.88 -22.30 55.87
C ALA C 441 2.19 -21.75 55.35
N SER C 442 2.66 -20.67 55.97
CA SER C 442 3.97 -20.20 55.59
C SER C 442 4.64 -19.40 56.72
N PRO C 443 5.97 -19.28 56.64
CA PRO C 443 6.76 -18.40 57.51
C PRO C 443 6.23 -16.95 57.56
N VAL C 444 5.41 -16.55 56.57
CA VAL C 444 4.97 -15.15 56.51
C VAL C 444 3.56 -15.02 57.06
N PRO C 445 3.38 -14.02 57.95
CA PRO C 445 2.07 -13.77 58.59
C PRO C 445 1.13 -13.09 57.57
N PRO C 446 -0.11 -13.58 57.48
CA PRO C 446 -1.07 -13.00 56.54
C PRO C 446 -0.85 -11.50 56.30
N GLU C 447 -0.87 -10.71 57.37
CA GLU C 447 -0.76 -9.25 57.28
C GLU C 447 0.43 -8.82 56.43
N ASP C 448 1.44 -9.68 56.42
CA ASP C 448 2.68 -9.35 55.73
C ASP C 448 2.88 -9.96 54.32
N ILE C 449 1.95 -10.82 53.88
CA ILE C 449 2.01 -11.28 52.49
C ILE C 449 1.83 -10.04 51.57
N ASP C 450 2.73 -9.88 50.61
CA ASP C 450 2.63 -8.75 49.69
C ASP C 450 2.29 -9.27 48.30
N LEU C 451 1.08 -8.97 47.83
CA LEU C 451 0.64 -9.47 46.53
C LEU C 451 1.10 -8.64 45.31
N THR C 452 1.98 -7.66 45.51
CA THR C 452 2.39 -6.83 44.38
C THR C 452 3.49 -7.50 43.54
N PRO C 453 3.28 -7.49 42.21
CA PRO C 453 4.11 -8.15 41.20
C PRO C 453 5.57 -7.72 41.24
N ARG C 454 6.46 -8.69 41.30
CA ARG C 454 7.85 -8.40 41.50
C ARG C 454 8.27 -7.57 40.34
N GLU C 455 7.83 -7.95 39.16
CA GLU C 455 8.09 -7.19 37.97
C GLU C 455 6.87 -7.24 37.09
N SER C 456 6.53 -6.13 36.45
CA SER C 456 5.39 -6.21 35.57
C SER C 456 5.81 -6.35 34.10
N GLY C 457 6.47 -5.33 33.58
CA GLY C 457 6.74 -5.30 32.16
C GLY C 457 5.35 -5.36 31.56
N VAL C 458 5.15 -6.29 30.63
CA VAL C 458 3.88 -6.45 29.99
C VAL C 458 3.14 -7.49 30.78
N GLY C 459 3.72 -7.85 31.90
CA GLY C 459 3.18 -8.90 32.73
C GLY C 459 3.05 -8.46 34.16
N ASN C 460 2.31 -9.22 34.94
CA ASN C 460 2.17 -8.93 36.34
C ASN C 460 2.54 -10.18 37.10
N VAL C 461 3.83 -10.48 37.14
CA VAL C 461 4.33 -11.71 37.73
C VAL C 461 4.35 -11.72 39.24
N PRO C 462 3.75 -12.74 39.81
CA PRO C 462 3.61 -12.86 41.26
C PRO C 462 4.93 -13.03 41.97
N PRO C 463 5.12 -12.40 43.12
CA PRO C 463 6.41 -12.55 43.83
C PRO C 463 6.63 -14.02 44.17
N SER C 464 7.86 -14.52 44.10
CA SER C 464 8.06 -15.92 44.53
C SER C 464 7.98 -16.02 46.05
N TYR C 465 7.46 -17.15 46.52
CA TYR C 465 7.20 -17.29 47.93
C TYR C 465 7.40 -18.72 48.39
N GLN C 466 7.29 -18.98 49.70
CA GLN C 466 7.24 -20.36 50.23
C GLN C 466 5.93 -20.69 50.91
N ILE C 467 5.59 -21.97 50.87
CA ILE C 467 4.30 -22.47 51.33
C ILE C 467 4.46 -23.94 51.76
N ARG C 468 3.59 -24.38 52.66
CA ARG C 468 3.60 -25.74 53.15
C ARG C 468 2.25 -26.38 52.95
N PHE C 469 2.24 -27.60 52.45
CA PHE C 469 0.98 -28.27 52.29
C PHE C 469 0.91 -29.36 53.31
N LEU C 470 -0.01 -29.21 54.26
CA LEU C 470 -0.16 -30.12 55.38
C LEU C 470 -1.37 -30.97 55.18
N ALA C 471 -1.19 -32.29 55.17
CA ALA C 471 -2.28 -33.16 54.85
C ALA C 471 -3.36 -32.99 55.88
N ARG C 472 -4.61 -32.92 55.43
CA ARG C 472 -5.71 -32.78 56.37
C ARG C 472 -6.04 -33.99 57.26
N HIS C 473 -6.05 -35.18 56.70
CA HIS C 473 -6.41 -36.35 57.48
C HIS C 473 -7.91 -36.55 57.48
N GLY D 9 15.24 -12.42 -12.75
CA GLY D 9 14.80 -11.89 -11.47
C GLY D 9 14.05 -12.77 -10.47
N LYS D 10 14.68 -13.81 -9.91
CA LYS D 10 14.10 -14.53 -8.80
C LYS D 10 14.44 -13.80 -7.46
N LEU D 11 13.74 -14.13 -6.39
CA LEU D 11 14.09 -13.63 -5.05
C LEU D 11 15.24 -14.47 -4.53
N PRO D 12 15.95 -13.95 -3.51
CA PRO D 12 17.08 -14.72 -3.03
C PRO D 12 16.61 -16.06 -2.49
N PRO D 13 17.42 -17.10 -2.70
CA PRO D 13 17.14 -18.46 -2.19
C PRO D 13 17.25 -18.51 -0.67
N GLY D 14 16.68 -19.54 -0.01
CA GLY D 14 16.84 -19.74 1.41
C GLY D 14 16.14 -20.99 1.89
N PRO D 15 16.27 -21.28 3.18
CA PRO D 15 15.55 -22.41 3.79
C PRO D 15 14.05 -22.14 3.78
N SER D 16 13.26 -23.18 3.57
CA SER D 16 11.80 -23.10 3.64
C SER D 16 11.28 -22.79 5.04
N PRO D 17 10.43 -21.77 5.17
CA PRO D 17 10.03 -21.38 6.54
C PRO D 17 8.82 -22.21 7.02
N LEU D 18 8.70 -22.47 8.31
CA LEU D 18 7.50 -23.02 8.86
C LEU D 18 6.50 -21.88 9.11
N PRO D 19 5.19 -22.19 9.04
CA PRO D 19 4.17 -21.27 9.57
C PRO D 19 4.45 -20.87 11.00
N VAL D 20 4.31 -19.56 11.26
CA VAL D 20 4.51 -18.96 12.57
C VAL D 20 6.01 -18.93 12.92
N LEU D 21 6.70 -20.05 12.93
CA LEU D 21 8.09 -20.03 13.43
C LEU D 21 9.07 -19.49 12.37
N GLY D 22 8.72 -19.55 11.08
CA GLY D 22 9.63 -19.09 10.03
C GLY D 22 10.85 -20.02 9.99
N ASN D 23 12.08 -19.50 10.06
CA ASN D 23 13.24 -20.38 10.11
C ASN D 23 13.84 -20.52 11.51
N LEU D 24 13.10 -20.18 12.55
CA LEU D 24 13.63 -20.27 13.93
C LEU D 24 14.25 -21.62 14.30
N LEU D 25 13.66 -22.72 13.84
CA LEU D 25 14.17 -24.06 14.15
C LEU D 25 15.43 -24.43 13.39
N GLN D 26 15.75 -23.67 12.34
CA GLN D 26 16.99 -23.83 11.57
C GLN D 26 18.18 -23.04 12.15
N MET D 27 18.14 -22.74 13.45
CA MET D 27 19.28 -22.10 14.14
C MET D 27 20.03 -23.17 14.95
N ASP D 28 21.36 -23.06 14.99
CA ASP D 28 22.23 -23.98 15.72
C ASP D 28 22.18 -23.69 17.19
N ARG D 29 22.52 -24.69 17.96
CA ARG D 29 22.56 -24.55 19.38
C ARG D 29 23.82 -23.75 19.54
N LYS D 30 24.53 -23.61 18.44
CA LYS D 30 25.80 -22.92 18.40
C LYS D 30 25.80 -21.42 18.16
N GLY D 31 24.65 -20.80 18.11
CA GLY D 31 24.59 -19.38 17.91
C GLY D 31 24.13 -18.90 16.57
N LEU D 32 23.62 -17.69 16.56
CA LEU D 32 23.12 -17.07 15.36
C LEU D 32 24.14 -16.87 14.31
N LEU D 33 25.34 -16.50 14.72
CA LEU D 33 26.37 -16.27 13.76
C LEU D 33 26.74 -17.51 13.00
N ARG D 34 26.85 -18.63 13.69
CA ARG D 34 27.20 -19.88 13.04
C ARG D 34 26.12 -20.30 12.11
N SER D 35 24.90 -20.08 12.55
CA SER D 35 23.73 -20.43 11.77
C SER D 35 23.74 -19.66 10.51
N PHE D 36 24.09 -18.41 10.57
CA PHE D 36 24.17 -17.61 9.37
C PHE D 36 25.28 -18.11 8.50
N LEU D 37 26.37 -18.52 9.10
CA LEU D 37 27.46 -19.05 8.32
C LEU D 37 27.09 -20.38 7.67
N ARG D 38 26.35 -21.22 8.35
CA ARG D 38 25.95 -22.50 7.79
C ARG D 38 25.05 -22.24 6.60
N LEU D 39 24.05 -21.38 6.75
CA LEU D 39 23.14 -20.98 5.65
C LEU D 39 23.90 -20.47 4.45
N ARG D 40 24.86 -19.60 4.73
CA ARG D 40 25.71 -19.04 3.67
C ARG D 40 26.44 -20.11 2.85
N GLU D 41 27.03 -21.09 3.53
CA GLU D 41 27.66 -22.21 2.85
C GLU D 41 26.66 -22.85 1.91
N LYS D 42 25.44 -23.06 2.41
CA LYS D 42 24.39 -23.69 1.62
C LYS D 42 23.87 -22.84 0.46
N TYR D 43 23.65 -21.54 0.66
CA TYR D 43 22.81 -20.76 -0.29
C TYR D 43 23.55 -19.62 -0.92
N GLY D 44 24.68 -19.26 -0.32
CA GLY D 44 25.51 -18.25 -0.96
C GLY D 44 25.51 -16.94 -0.22
N ASP D 45 26.00 -15.89 -0.87
CA ASP D 45 26.23 -14.62 -0.16
C ASP D 45 24.94 -13.81 0.13
N VAL D 46 23.90 -14.03 -0.67
CA VAL D 46 22.62 -13.37 -0.52
C VAL D 46 21.55 -14.43 -0.40
N PHE D 47 20.99 -14.58 0.78
CA PHE D 47 19.91 -15.52 0.99
C PHE D 47 18.78 -14.89 1.83
N THR D 48 17.62 -15.55 1.87
CA THR D 48 16.44 -15.04 2.52
C THR D 48 16.15 -15.95 3.69
N VAL D 49 15.82 -15.33 4.80
CA VAL D 49 15.58 -16.04 6.04
C VAL D 49 14.27 -15.42 6.59
N TYR D 50 13.47 -16.18 7.32
CA TYR D 50 12.15 -15.65 7.74
C TYR D 50 12.12 -15.54 9.29
N LEU D 51 11.87 -14.35 9.81
CA LEU D 51 11.66 -14.21 11.24
C LEU D 51 10.13 -14.03 11.44
N GLY D 52 9.51 -14.96 12.11
CA GLY D 52 8.06 -15.02 12.05
C GLY D 52 7.60 -15.29 10.61
N SER D 53 6.76 -14.41 10.06
CA SER D 53 6.23 -14.53 8.68
C SER D 53 6.88 -13.53 7.75
N ARG D 54 7.87 -12.80 8.31
CA ARG D 54 8.57 -11.76 7.57
C ARG D 54 9.84 -12.27 6.97
N PRO D 55 10.05 -12.03 5.67
CA PRO D 55 11.31 -12.25 4.98
C PRO D 55 12.32 -11.19 5.33
N VAL D 56 13.55 -11.59 5.66
CA VAL D 56 14.70 -10.73 5.61
C VAL D 56 15.78 -11.30 4.72
N VAL D 57 16.33 -10.44 3.88
CA VAL D 57 17.45 -10.81 2.99
C VAL D 57 18.76 -10.46 3.70
N VAL D 58 19.70 -11.39 3.69
CA VAL D 58 20.90 -11.41 4.53
C VAL D 58 22.03 -11.30 3.51
N LEU D 59 22.84 -10.27 3.68
CA LEU D 59 24.04 -10.03 2.91
C LEU D 59 25.32 -10.58 3.62
N CYS D 60 26.15 -11.39 2.95
CA CYS D 60 27.39 -11.91 3.59
C CYS D 60 28.62 -11.73 2.72
N GLY D 61 29.72 -11.44 3.40
CA GLY D 61 31.00 -11.27 2.78
C GLY D 61 31.23 -9.82 2.40
N THR D 62 32.51 -9.45 2.28
CA THR D 62 32.92 -8.15 1.92
C THR D 62 32.36 -7.67 0.65
N ASP D 63 32.30 -8.53 -0.36
CA ASP D 63 31.90 -8.09 -1.70
C ASP D 63 30.41 -7.75 -1.79
N ALA D 64 29.57 -8.66 -1.29
CA ALA D 64 28.12 -8.42 -1.27
C ALA D 64 27.79 -7.20 -0.44
N ILE D 65 28.43 -7.06 0.71
CA ILE D 65 28.03 -5.95 1.57
C ILE D 65 28.43 -4.60 0.96
N ARG D 66 29.59 -4.59 0.34
CA ARG D 66 30.07 -3.38 -0.30
C ARG D 66 29.27 -3.07 -1.58
N GLU D 67 28.87 -4.09 -2.35
CA GLU D 67 28.01 -3.87 -3.54
C GLU D 67 26.68 -3.26 -3.13
N ALA D 68 26.11 -3.74 -2.02
CA ALA D 68 24.85 -3.20 -1.50
C ALA D 68 25.05 -1.81 -0.89
N LEU D 69 25.81 -1.69 0.20
CA LEU D 69 25.86 -0.41 0.92
C LEU D 69 26.59 0.71 0.18
N VAL D 70 27.54 0.36 -0.67
CA VAL D 70 28.24 1.35 -1.42
C VAL D 70 27.79 1.55 -2.85
N ASP D 71 27.71 0.47 -3.62
CA ASP D 71 27.38 0.63 -5.06
C ASP D 71 25.92 0.91 -5.32
N GLN D 72 25.03 0.46 -4.44
CA GLN D 72 23.62 0.88 -4.56
C GLN D 72 23.17 1.60 -3.29
N ALA D 73 24.02 2.48 -2.83
CA ALA D 73 23.96 3.06 -1.50
C ALA D 73 22.55 3.52 -1.15
N GLU D 74 21.93 4.27 -2.07
CA GLU D 74 20.61 4.81 -1.87
C GLU D 74 19.51 3.75 -1.70
N ALA D 75 19.46 2.77 -2.62
CA ALA D 75 18.56 1.61 -2.56
C ALA D 75 18.59 0.85 -1.22
N PHE D 76 19.79 0.72 -0.66
CA PHE D 76 19.98 -0.01 0.58
C PHE D 76 20.01 0.87 1.87
N SER D 77 19.31 2.01 1.86
CA SER D 77 19.56 3.00 2.90
C SER D 77 18.36 3.25 3.80
N GLY D 78 17.27 2.53 3.57
CA GLY D 78 16.04 2.74 4.35
C GLY D 78 16.08 2.33 5.82
N ARG D 79 15.20 2.91 6.62
CA ARG D 79 15.10 2.55 8.04
C ARG D 79 13.96 1.55 8.32
N GLY D 80 13.90 1.00 9.53
CA GLY D 80 12.85 0.09 9.88
C GLY D 80 11.51 0.81 10.09
N LYS D 81 10.44 0.05 10.10
CA LYS D 81 9.10 0.61 10.21
C LYS D 81 8.89 1.46 11.49
N ILE D 82 9.46 1.03 12.62
CA ILE D 82 9.39 1.77 13.84
C ILE D 82 9.77 3.25 13.64
N ALA D 83 10.65 3.55 12.69
CA ALA D 83 11.19 4.89 12.48
C ALA D 83 10.54 5.63 11.31
N VAL D 84 9.45 5.06 10.78
CA VAL D 84 8.83 5.68 9.64
C VAL D 84 7.53 6.33 10.08
N VAL D 85 7.43 7.66 10.00
CA VAL D 85 6.18 8.35 10.39
C VAL D 85 5.01 8.16 9.46
N ASP D 86 3.84 8.09 10.07
CA ASP D 86 2.62 7.84 9.31
C ASP D 86 1.90 9.17 9.05
N PRO D 87 1.91 9.64 7.78
CA PRO D 87 1.50 11.04 7.56
C PRO D 87 -0.01 11.15 7.81
N ILE D 88 -0.72 10.04 7.74
CA ILE D 88 -2.15 10.05 8.11
C ILE D 88 -2.36 10.49 9.58
N PHE D 89 -1.46 10.11 10.46
CA PHE D 89 -1.56 10.49 11.87
C PHE D 89 -0.78 11.79 12.23
N GLN D 90 0.35 12.03 11.57
CA GLN D 90 1.16 13.18 11.88
C GLN D 90 1.34 14.26 10.78
N GLY D 91 0.82 14.03 9.59
CA GLY D 91 1.11 14.97 8.52
C GLY D 91 2.54 14.81 7.99
N TYR D 92 2.81 15.46 6.85
CA TYR D 92 4.13 15.48 6.24
C TYR D 92 4.61 16.66 7.00
N GLY D 93 5.88 16.99 7.00
CA GLY D 93 6.10 18.18 7.77
C GLY D 93 6.94 17.89 8.96
N VAL D 94 6.48 16.99 9.82
CA VAL D 94 7.39 16.38 10.74
C VAL D 94 8.41 15.53 9.91
N ILE D 95 7.93 14.90 8.82
CA ILE D 95 8.76 14.08 8.00
C ILE D 95 9.93 14.89 7.46
N PHE D 96 9.60 15.98 6.79
CA PHE D 96 10.60 16.85 6.17
C PHE D 96 11.49 17.57 7.18
N ALA D 97 10.88 18.04 8.26
CA ALA D 97 11.64 18.60 9.37
C ALA D 97 12.67 17.62 9.99
N ASN D 98 12.28 16.39 10.31
CA ASN D 98 13.25 15.33 10.57
C ASN D 98 14.36 15.19 9.53
N GLY D 99 14.01 15.21 8.24
CA GLY D 99 15.02 15.19 7.18
C GLY D 99 16.09 16.25 7.36
N GLU D 100 15.64 17.47 7.63
CA GLU D 100 16.49 18.66 7.74
C GLU D 100 17.31 18.58 9.01
N ARG D 101 16.66 18.28 10.13
CA ARG D 101 17.35 17.98 11.38
C ARG D 101 18.49 16.95 11.23
N TRP D 102 18.18 15.77 10.71
CA TRP D 102 19.18 14.77 10.39
C TRP D 102 20.36 15.36 9.60
N ARG D 103 20.06 16.14 8.55
CA ARG D 103 21.12 16.65 7.70
C ARG D 103 21.95 17.68 8.47
N ALA D 104 21.29 18.49 9.27
CA ALA D 104 22.01 19.45 10.10
C ALA D 104 23.00 18.76 11.03
N LEU D 105 22.56 17.67 11.65
CA LEU D 105 23.41 16.88 12.54
C LEU D 105 24.53 16.14 11.81
N ARG D 106 24.20 15.48 10.71
CA ARG D 106 25.15 14.84 9.81
C ARG D 106 26.24 15.87 9.45
N ARG D 107 25.86 17.14 9.28
CA ARG D 107 26.78 18.17 8.81
C ARG D 107 27.70 18.68 9.93
N PHE D 108 27.08 19.00 11.05
CA PHE D 108 27.76 19.51 12.22
C PHE D 108 28.71 18.49 12.77
N SER D 109 28.36 17.22 12.62
CA SER D 109 29.20 16.17 13.11
C SER D 109 30.50 16.15 12.35
N LEU D 110 30.43 16.36 11.05
CA LEU D 110 31.62 16.45 10.22
C LEU D 110 32.42 17.65 10.63
N ALA D 111 31.73 18.71 10.99
CA ALA D 111 32.37 19.98 11.34
C ALA D 111 33.26 19.87 12.55
N THR D 112 32.87 19.07 13.52
CA THR D 112 33.68 18.94 14.72
C THR D 112 35.05 18.36 14.41
N MET D 113 35.10 17.36 13.56
CA MET D 113 36.38 16.79 13.17
C MET D 113 37.26 17.71 12.31
N ARG D 114 36.65 18.44 11.39
CA ARG D 114 37.38 19.44 10.61
C ARG D 114 37.86 20.59 11.48
N ASP D 115 37.03 21.05 12.40
CA ASP D 115 37.38 22.16 13.30
C ASP D 115 38.41 21.74 14.35
N PHE D 116 39.27 22.66 14.77
CA PHE D 116 39.28 24.03 14.31
C PHE D 116 40.38 24.81 15.01
N ARG D 121 39.54 23.06 22.51
CA ARG D 121 38.78 23.67 21.41
C ARG D 121 38.36 22.59 20.41
N SER D 122 39.32 22.17 19.60
CA SER D 122 39.32 20.92 18.83
C SER D 122 39.04 19.59 19.57
N VAL D 123 38.58 18.59 18.81
CA VAL D 123 38.19 17.29 19.38
C VAL D 123 39.45 16.54 19.85
N GLU D 124 40.44 16.43 18.96
CA GLU D 124 41.76 15.95 19.40
C GLU D 124 42.25 16.52 20.77
N GLU D 125 42.04 17.82 21.00
CA GLU D 125 42.50 18.45 22.22
C GLU D 125 41.65 17.99 23.39
N ARG D 126 40.35 17.87 23.14
CA ARG D 126 39.48 17.50 24.26
C ARG D 126 39.78 16.09 24.68
N ILE D 127 40.25 15.29 23.71
CA ILE D 127 40.50 13.88 23.99
C ILE D 127 41.86 13.75 24.72
N GLN D 128 42.85 14.49 24.23
CA GLN D 128 44.12 14.65 24.93
C GLN D 128 43.96 15.09 26.41
N GLU D 129 43.13 16.10 26.63
CA GLU D 129 42.86 16.50 28.00
C GLU D 129 42.31 15.34 28.79
N GLU D 130 41.41 14.61 28.16
CA GLU D 130 40.70 13.58 28.86
C GLU D 130 41.66 12.43 29.17
N ALA D 131 42.65 12.23 28.28
CA ALA D 131 43.61 11.13 28.47
C ALA D 131 44.51 11.46 29.67
N ARG D 132 44.87 12.73 29.80
CA ARG D 132 45.60 13.20 30.95
C ARG D 132 44.82 12.86 32.24
N CYS D 133 43.60 13.37 32.35
CA CYS D 133 42.79 13.11 33.55
C CYS D 133 42.71 11.61 33.81
N LEU D 134 42.77 10.82 32.74
CA LEU D 134 42.69 9.35 32.90
C LEU D 134 44.01 8.81 33.53
N VAL D 135 45.15 9.22 32.98
CA VAL D 135 46.39 8.71 33.49
C VAL D 135 46.44 9.03 34.97
N GLU D 136 45.97 10.19 35.33
CA GLU D 136 46.03 10.58 36.71
C GLU D 136 45.22 9.63 37.57
N GLU D 137 44.04 9.25 37.11
CA GLU D 137 43.21 8.35 37.87
C GLU D 137 43.86 7.02 38.04
N LEU D 138 44.57 6.59 37.01
CA LEU D 138 45.17 5.26 36.97
C LEU D 138 46.32 5.14 37.99
N ARG D 139 47.06 6.25 38.16
CA ARG D 139 48.00 6.36 39.27
C ARG D 139 47.26 6.25 40.62
N LYS D 140 46.25 7.07 40.82
CA LYS D 140 45.48 6.93 42.07
C LYS D 140 45.10 5.47 42.40
N SER D 141 44.98 4.61 41.40
CA SER D 141 44.62 3.22 41.65
C SER D 141 45.83 2.48 42.23
N LYS D 142 46.98 3.13 42.15
CA LYS D 142 48.22 2.53 42.63
C LYS D 142 48.35 1.02 42.26
N GLY D 143 48.14 0.69 40.98
CA GLY D 143 48.37 -0.66 40.46
C GLY D 143 47.43 -1.73 40.97
N ALA D 144 46.35 -1.33 41.64
CA ALA D 144 45.39 -2.30 42.12
C ALA D 144 44.63 -2.97 40.94
N LEU D 145 44.04 -4.14 41.24
CA LEU D 145 43.21 -4.90 40.34
C LEU D 145 41.82 -4.26 40.24
N LEU D 146 41.45 -3.85 39.02
CA LEU D 146 40.17 -3.17 38.77
C LEU D 146 39.46 -3.74 37.53
N ASP D 147 38.14 -3.52 37.49
CA ASP D 147 37.35 -3.74 36.29
C ASP D 147 37.25 -2.38 35.61
N ASN D 148 37.82 -2.26 34.38
CA ASN D 148 37.86 -0.94 33.67
C ASN D 148 36.56 -0.46 32.98
N THR D 149 35.43 -1.15 33.20
CA THR D 149 34.22 -0.89 32.47
C THR D 149 33.83 0.55 32.72
N LEU D 150 33.72 0.86 34.01
CA LEU D 150 33.21 2.16 34.43
C LEU D 150 34.19 3.27 34.02
N LEU D 151 35.47 3.01 34.20
CA LEU D 151 36.48 3.97 33.79
C LEU D 151 36.41 4.25 32.29
N PHE D 152 36.27 3.20 31.49
CA PHE D 152 36.19 3.40 30.05
C PHE D 152 34.86 4.04 29.56
N HIS D 153 33.74 3.75 30.21
CA HIS D 153 32.52 4.50 29.93
C HIS D 153 32.74 6.01 30.23
N SER D 154 33.37 6.29 31.39
CA SER D 154 33.63 7.67 31.85
C SER D 154 34.47 8.50 30.89
N ILE D 155 35.64 7.96 30.53
CA ILE D 155 36.53 8.71 29.62
C ILE D 155 35.90 8.97 28.23
N THR D 156 35.12 8.03 27.71
CA THR D 156 34.54 8.21 26.38
C THR D 156 33.26 9.08 26.50
N SER D 157 32.46 8.88 27.54
CA SER D 157 31.33 9.76 27.77
C SER D 157 31.74 11.24 27.81
N ASN D 158 32.77 11.55 28.60
CA ASN D 158 33.21 12.95 28.72
C ASN D 158 33.52 13.57 27.41
N ILE D 159 34.02 12.82 26.44
CA ILE D 159 34.26 13.44 25.15
C ILE D 159 32.95 14.01 24.55
N ILE D 160 31.88 13.24 24.64
CA ILE D 160 30.57 13.73 24.25
C ILE D 160 30.13 14.90 25.11
N CYS D 161 30.26 14.79 26.44
CA CYS D 161 29.90 15.90 27.31
C CYS D 161 30.62 17.22 26.95
N SER D 162 31.91 17.14 26.70
CA SER D 162 32.68 18.35 26.35
C SER D 162 32.19 18.98 25.04
N ILE D 163 31.93 18.13 24.05
CA ILE D 163 31.39 18.54 22.75
C ILE D 163 29.95 19.07 22.82
N VAL D 164 29.12 18.55 23.70
CA VAL D 164 27.75 18.98 23.71
C VAL D 164 27.57 20.16 24.68
N PHE D 165 28.04 20.01 25.91
CA PHE D 165 27.77 21.00 26.93
C PHE D 165 28.87 22.03 26.98
N GLY D 166 29.90 21.85 26.15
CA GLY D 166 31.05 22.74 26.13
C GLY D 166 32.22 22.37 27.03
N LYS D 167 31.99 21.69 28.16
CA LYS D 167 33.06 21.36 29.12
C LYS D 167 32.92 19.92 29.63
N ARG D 168 34.03 19.23 29.88
CA ARG D 168 34.02 17.88 30.45
C ARG D 168 33.53 17.91 31.90
N PHE D 169 33.15 16.75 32.45
CA PHE D 169 32.67 16.66 33.83
C PHE D 169 33.78 16.12 34.69
N ASP D 170 33.62 16.20 36.00
CA ASP D 170 34.54 15.52 36.91
C ASP D 170 34.07 14.11 37.14
N TYR D 171 35.00 13.15 37.05
CA TYR D 171 34.67 11.73 37.24
C TYR D 171 33.75 11.38 38.42
N LYS D 172 33.73 12.22 39.45
CA LYS D 172 32.86 11.96 40.61
C LYS D 172 31.69 12.96 40.73
N ASP D 173 31.56 13.85 39.74
CA ASP D 173 30.46 14.81 39.67
C ASP D 173 29.11 14.08 39.63
N PRO D 174 28.19 14.39 40.56
CA PRO D 174 27.02 13.49 40.68
C PRO D 174 26.00 13.59 39.54
N VAL D 175 26.16 14.60 38.68
CA VAL D 175 25.32 14.74 37.48
C VAL D 175 25.84 13.72 36.48
N PHE D 176 27.14 13.78 36.27
CA PHE D 176 27.86 12.84 35.42
C PHE D 176 27.71 11.39 35.87
N LEU D 177 27.63 11.14 37.16
CA LEU D 177 27.35 9.79 37.57
C LEU D 177 25.93 9.42 37.18
N ARG D 178 25.00 10.37 37.30
CA ARG D 178 23.57 10.11 37.10
C ARG D 178 23.38 9.85 35.59
N LEU D 179 24.16 10.56 34.79
CA LEU D 179 24.01 10.40 33.37
C LEU D 179 24.72 9.13 32.86
N LEU D 180 25.85 8.74 33.45
CA LEU D 180 26.39 7.41 33.21
C LEU D 180 25.37 6.31 33.52
N ASP D 181 24.46 6.55 34.47
CA ASP D 181 23.52 5.54 34.92
C ASP D 181 22.35 5.42 33.97
N LEU D 182 21.82 6.57 33.55
CA LEU D 182 20.71 6.64 32.58
C LEU D 182 21.11 5.88 31.29
N PHE D 183 22.17 6.35 30.67
CA PHE D 183 22.62 5.83 29.41
C PHE D 183 23.27 4.46 29.39
N PHE D 184 24.00 4.06 30.44
CA PHE D 184 24.84 2.83 30.30
C PHE D 184 24.45 1.64 31.14
N GLN D 185 23.57 1.92 32.09
CA GLN D 185 23.13 0.99 33.10
C GLN D 185 22.24 -0.05 32.51
N SER D 186 22.67 -1.31 32.59
CA SER D 186 21.89 -2.42 32.07
C SER D 186 20.62 -2.65 32.85
N PHE D 187 19.62 -3.16 32.16
CA PHE D 187 18.42 -3.70 32.79
C PHE D 187 18.04 -4.86 31.88
N SER D 188 17.23 -5.79 32.39
CA SER D 188 16.98 -6.95 31.57
C SER D 188 15.50 -7.31 31.43
N LEU D 189 15.19 -7.88 30.27
CA LEU D 189 13.84 -8.28 29.96
C LEU D 189 13.83 -9.80 29.91
N ILE D 190 12.91 -10.37 30.68
CA ILE D 190 12.81 -11.79 30.86
C ILE D 190 11.76 -12.43 29.94
N SER D 191 12.18 -13.46 29.25
CA SER D 191 11.35 -14.10 28.26
C SER D 191 11.42 -15.58 28.49
N SER D 192 10.53 -16.33 27.87
CA SER D 192 10.60 -17.79 27.86
C SER D 192 10.35 -18.21 26.42
N PHE D 193 10.64 -19.44 26.04
CA PHE D 193 10.44 -19.84 24.63
C PHE D 193 8.94 -19.99 24.31
N SER D 194 8.14 -20.52 25.23
CA SER D 194 6.68 -20.56 24.99
C SER D 194 6.13 -19.13 24.66
N SER D 195 6.57 -18.11 25.45
CA SER D 195 6.07 -16.75 25.28
C SER D 195 6.51 -16.26 23.92
N GLN D 196 7.75 -16.53 23.55
CA GLN D 196 8.27 -16.09 22.26
C GLN D 196 7.52 -16.67 21.03
N VAL D 197 7.14 -17.93 21.13
CA VAL D 197 6.35 -18.52 20.08
C VAL D 197 4.97 -17.86 20.04
N PHE D 198 4.42 -17.51 21.19
CA PHE D 198 3.10 -16.83 21.19
C PHE D 198 3.15 -15.38 20.66
N GLU D 199 4.30 -14.72 20.88
CA GLU D 199 4.54 -13.40 20.34
C GLU D 199 4.51 -13.53 18.79
N LEU D 200 5.30 -14.46 18.23
CA LEU D 200 5.34 -14.73 16.76
C LEU D 200 3.91 -14.99 16.20
N PHE D 201 3.12 -15.77 16.90
CA PHE D 201 1.74 -16.04 16.51
C PHE D 201 0.83 -14.78 16.59
N SER D 202 1.04 -13.95 17.62
CA SER D 202 0.43 -12.64 17.81
C SER D 202 0.69 -11.69 16.70
N GLY D 203 1.88 -11.75 16.08
CA GLY D 203 2.36 -10.63 15.29
C GLY D 203 3.05 -9.50 16.04
N PHE D 204 3.01 -9.52 17.38
CA PHE D 204 3.66 -8.50 18.24
C PHE D 204 4.69 -9.05 19.26
N LEU D 205 5.82 -8.35 19.36
CA LEU D 205 6.83 -8.63 20.38
C LEU D 205 6.36 -8.05 21.75
N LYS D 206 6.65 -8.74 22.84
CA LYS D 206 6.36 -8.26 24.17
C LYS D 206 7.16 -7.04 24.53
N TYR D 207 8.40 -7.02 24.12
CA TYR D 207 9.26 -5.95 24.56
C TYR D 207 9.46 -4.85 23.58
N PHE D 208 9.45 -3.64 24.11
CA PHE D 208 9.65 -2.45 23.34
C PHE D 208 10.42 -1.52 24.26
N PRO D 209 11.08 -0.54 23.70
CA PRO D 209 11.86 0.39 24.49
C PRO D 209 10.99 1.06 25.51
N GLY D 210 11.55 1.34 26.68
CA GLY D 210 10.78 1.91 27.79
C GLY D 210 9.79 1.01 28.56
N THR D 211 9.90 -0.31 28.42
CA THR D 211 9.06 -1.21 29.21
C THR D 211 9.68 -1.52 30.56
N HIS D 212 10.91 -1.08 30.77
CA HIS D 212 11.54 -1.27 32.05
C HIS D 212 11.56 0.06 32.79
N ARG D 213 11.04 0.05 34.00
CA ARG D 213 10.82 1.22 34.81
C ARG D 213 12.12 1.93 35.13
N GLN D 214 13.20 1.19 35.05
CA GLN D 214 14.49 1.69 35.48
C GLN D 214 14.86 2.94 34.73
N ILE D 215 14.63 2.91 33.43
CA ILE D 215 14.90 4.02 32.51
C ILE D 215 14.59 5.43 33.07
N TYR D 216 13.50 5.51 33.86
CA TYR D 216 12.95 6.79 34.30
C TYR D 216 13.57 7.27 35.60
N ARG D 217 14.20 6.33 36.29
CA ARG D 217 15.00 6.63 37.46
C ARG D 217 15.74 7.99 37.32
N ASN D 218 16.47 8.17 36.23
CA ASN D 218 17.37 9.32 36.16
C ASN D 218 17.00 10.35 35.09
N LEU D 219 15.90 10.08 34.41
CA LEU D 219 15.60 10.78 33.16
C LEU D 219 15.32 12.26 33.40
N GLN D 220 14.43 12.53 34.36
CA GLN D 220 13.95 13.89 34.61
C GLN D 220 15.11 14.73 35.16
N GLU D 221 16.00 14.12 35.94
CA GLU D 221 17.13 14.85 36.50
C GLU D 221 18.07 15.25 35.38
N ILE D 222 18.30 14.32 34.46
CA ILE D 222 19.14 14.59 33.29
C ILE D 222 18.51 15.71 32.40
N ASN D 223 17.22 15.54 32.10
CA ASN D 223 16.45 16.53 31.36
C ASN D 223 16.63 17.95 31.94
N THR D 224 16.42 18.04 33.25
CA THR D 224 16.50 19.31 33.95
C THR D 224 17.86 19.92 33.78
N PHE D 225 18.88 19.08 33.88
CA PHE D 225 20.26 19.53 33.74
C PHE D 225 20.46 20.16 32.35
N ILE D 226 19.83 19.54 31.36
CA ILE D 226 19.95 20.02 29.97
C ILE D 226 19.30 21.41 29.83
N GLY D 227 18.06 21.52 30.34
CA GLY D 227 17.41 22.80 30.50
C GLY D 227 18.36 23.87 31.05
N GLN D 228 18.99 23.58 32.18
CA GLN D 228 19.89 24.55 32.80
C GLN D 228 21.01 24.97 31.86
N SER D 229 21.60 24.00 31.17
CA SER D 229 22.76 24.31 30.30
C SER D 229 22.35 25.05 29.03
N VAL D 230 21.15 24.75 28.56
CA VAL D 230 20.62 25.52 27.45
C VAL D 230 20.48 26.99 27.88
N GLU D 231 19.99 27.21 29.11
CA GLU D 231 19.86 28.58 29.65
C GLU D 231 21.22 29.24 29.85
N LYS D 232 22.05 28.69 30.73
CA LYS D 232 23.39 29.24 30.91
C LYS D 232 24.06 29.52 29.54
N HIS D 233 23.71 28.73 28.54
CA HIS D 233 24.28 28.89 27.20
C HIS D 233 23.71 30.07 26.48
N ARG D 234 22.39 30.14 26.46
CA ARG D 234 21.65 31.21 25.79
C ARG D 234 22.13 32.58 26.30
N ALA D 235 22.24 32.72 27.61
CA ALA D 235 22.81 33.93 28.17
C ALA D 235 24.04 34.42 27.37
N THR D 236 24.99 33.56 27.02
CA THR D 236 26.26 34.12 26.48
C THR D 236 26.64 33.93 24.99
N LEU D 237 25.68 33.91 24.08
CA LEU D 237 25.98 33.34 22.74
C LEU D 237 26.13 34.29 21.54
N ASP D 238 27.08 33.97 20.67
CA ASP D 238 27.42 34.81 19.55
C ASP D 238 27.64 33.93 18.40
N PRO D 239 26.76 34.00 17.40
CA PRO D 239 27.14 33.49 16.07
C PRO D 239 28.02 34.53 15.36
N SER D 240 28.60 34.23 14.19
CA SER D 240 28.71 32.88 13.65
C SER D 240 29.99 32.31 14.25
N ASN D 241 29.94 32.15 15.57
CA ASN D 241 31.05 31.73 16.42
C ASN D 241 30.49 30.74 17.49
N PRO D 242 29.84 29.64 17.02
CA PRO D 242 29.15 28.75 17.96
C PRO D 242 30.16 27.88 18.72
N ARG D 243 30.06 27.84 20.05
CA ARG D 243 31.11 27.14 20.84
C ARG D 243 30.97 25.61 20.91
N ASP D 244 29.88 25.13 21.48
CA ASP D 244 29.65 23.72 21.54
C ASP D 244 28.39 23.37 20.76
N PHE D 245 27.92 22.13 20.93
CA PHE D 245 26.69 21.69 20.29
C PHE D 245 25.42 22.40 20.84
N ILE D 246 25.33 22.59 22.15
CA ILE D 246 24.19 23.30 22.72
C ILE D 246 23.92 24.63 22.02
N ASP D 247 24.94 25.46 21.84
CA ASP D 247 24.62 26.72 21.22
C ASP D 247 24.56 26.68 19.70
N VAL D 248 24.96 25.57 19.11
CA VAL D 248 24.66 25.37 17.71
C VAL D 248 23.18 25.08 17.58
N TYR D 249 22.66 24.36 18.53
CA TYR D 249 21.26 24.02 18.55
C TYR D 249 20.42 25.26 18.68
N LEU D 250 20.86 26.19 19.50
CA LEU D 250 20.14 27.43 19.68
C LEU D 250 20.06 28.23 18.40
N LEU D 251 21.15 28.33 17.68
CA LEU D 251 21.13 29.04 16.42
C LEU D 251 20.25 28.35 15.42
N ARG D 252 20.38 27.05 15.31
CA ARG D 252 19.61 26.35 14.31
C ARG D 252 18.17 26.52 14.60
N MET D 253 17.82 26.43 15.86
CA MET D 253 16.44 26.59 16.21
C MET D 253 15.93 28.00 15.92
N GLU D 254 16.75 29.00 16.17
CA GLU D 254 16.37 30.39 15.92
C GLU D 254 16.60 30.77 14.47
N HIS D 265 9.07 19.85 25.16
CA HIS D 265 9.23 20.47 23.84
C HIS D 265 10.61 20.08 23.30
N HIS D 266 11.29 21.06 22.69
CA HIS D 266 12.58 20.81 22.01
C HIS D 266 13.88 20.53 22.82
N GLN D 267 14.05 21.00 24.09
CA GLN D 267 15.22 20.55 24.90
C GLN D 267 15.36 19.04 24.69
N ASN D 268 14.23 18.39 24.39
CA ASN D 268 14.22 16.96 24.13
C ASN D 268 14.91 16.52 22.82
N LEU D 269 14.95 17.36 21.81
CA LEU D 269 15.89 17.13 20.72
C LEU D 269 17.36 16.89 21.19
N ILE D 270 17.79 17.57 22.26
CA ILE D 270 19.14 17.40 22.80
C ILE D 270 19.24 16.05 23.51
N LEU D 271 18.24 15.70 24.30
CA LEU D 271 18.25 14.39 24.91
C LEU D 271 18.44 13.33 23.83
N THR D 272 17.66 13.44 22.77
CA THR D 272 17.69 12.47 21.68
C THR D 272 19.10 12.38 21.10
N VAL D 273 19.65 13.51 20.67
CA VAL D 273 21.00 13.50 20.13
C VAL D 273 22.03 12.93 21.12
N LEU D 274 21.96 13.34 22.38
CA LEU D 274 22.91 12.83 23.38
C LEU D 274 22.80 11.29 23.42
N SER D 275 21.57 10.79 23.45
CA SER D 275 21.29 9.34 23.44
C SER D 275 21.96 8.58 22.30
N LEU D 276 21.74 9.06 21.10
CA LEU D 276 22.40 8.55 19.93
C LEU D 276 23.94 8.52 20.08
N PHE D 277 24.53 9.63 20.48
CA PHE D 277 25.98 9.71 20.69
C PHE D 277 26.47 8.76 21.80
N PHE D 278 25.66 8.55 22.83
CA PHE D 278 26.09 7.64 23.88
C PHE D 278 26.05 6.20 23.45
N ALA D 279 25.08 5.86 22.58
CA ALA D 279 25.04 4.50 22.06
C ALA D 279 26.33 4.15 21.27
N GLY D 280 26.87 5.11 20.51
CA GLY D 280 28.09 4.88 19.78
C GLY D 280 29.28 4.86 20.71
N THR D 281 29.16 5.64 21.77
CA THR D 281 30.20 5.82 22.77
C THR D 281 30.35 4.50 23.54
N GLU D 282 29.22 3.93 23.92
CA GLU D 282 29.19 2.58 24.53
C GLU D 282 30.03 1.55 23.70
N THR D 283 29.90 1.60 22.37
CA THR D 283 30.66 0.73 21.45
C THR D 283 32.11 1.10 21.49
N THR D 284 32.39 2.40 21.45
CA THR D 284 33.76 2.91 21.65
C THR D 284 34.38 2.42 22.95
N SER D 285 33.65 2.53 24.07
CA SER D 285 34.21 2.16 25.37
C SER D 285 34.50 0.64 25.39
N THR D 286 33.52 -0.13 24.91
CA THR D 286 33.66 -1.59 24.86
C THR D 286 34.81 -2.07 23.95
N THR D 287 35.17 -1.26 22.95
CA THR D 287 36.23 -1.61 22.09
C THR D 287 37.50 -1.48 22.91
N LEU D 288 37.65 -0.41 23.68
CA LEU D 288 38.86 -0.25 24.52
C LEU D 288 38.94 -1.37 25.52
N ARG D 289 37.85 -1.63 26.22
CA ARG D 289 37.81 -2.69 27.20
C ARG D 289 38.22 -4.03 26.55
N TYR D 290 37.73 -4.32 25.33
CA TYR D 290 38.11 -5.53 24.58
C TYR D 290 39.56 -5.47 24.18
N GLY D 291 39.99 -4.33 23.66
CA GLY D 291 41.39 -4.11 23.34
C GLY D 291 42.35 -4.54 24.47
N PHE D 292 42.07 -4.10 25.70
CA PHE D 292 42.95 -4.42 26.83
C PHE D 292 42.93 -5.87 27.29
N LEU D 293 41.80 -6.56 27.12
CA LEU D 293 41.75 -8.02 27.21
C LEU D 293 42.69 -8.74 26.22
N LEU D 294 42.70 -8.30 24.98
CA LEU D 294 43.58 -8.83 23.94
C LEU D 294 45.06 -8.64 24.32
N MET D 295 45.35 -7.44 24.79
CA MET D 295 46.69 -7.07 25.16
C MET D 295 47.25 -7.75 26.43
N LEU D 296 46.39 -8.17 27.37
CA LEU D 296 46.78 -9.15 28.38
C LEU D 296 47.15 -10.48 27.73
N LYS D 297 46.38 -10.93 26.74
CA LYS D 297 46.62 -12.24 26.14
C LYS D 297 47.86 -12.28 25.26
N TYR D 298 48.25 -11.11 24.73
CA TYR D 298 49.40 -10.98 23.81
C TYR D 298 50.47 -9.95 24.25
N PRO D 299 51.19 -10.20 25.37
CA PRO D 299 52.18 -9.26 25.94
C PRO D 299 53.20 -8.79 24.92
N HIS D 300 53.56 -9.66 24.00
CA HIS D 300 54.53 -9.29 22.98
C HIS D 300 54.01 -8.17 22.10
N VAL D 301 52.70 -8.06 21.97
CA VAL D 301 52.13 -6.98 21.13
C VAL D 301 52.10 -5.67 21.89
N THR D 302 51.68 -5.72 23.16
CA THR D 302 51.82 -4.61 24.10
C THR D 302 53.22 -4.01 24.09
N GLU D 303 54.23 -4.88 24.12
CA GLU D 303 55.61 -4.43 23.95
C GLU D 303 55.92 -3.72 22.63
N ARG D 304 55.60 -4.30 21.48
CA ARG D 304 56.00 -3.65 20.23
C ARG D 304 55.28 -2.34 20.09
N VAL D 305 54.10 -2.25 20.71
CA VAL D 305 53.36 -0.98 20.78
C VAL D 305 54.06 0.01 21.73
N GLN D 306 54.47 -0.46 22.91
CA GLN D 306 55.29 0.36 23.80
C GLN D 306 56.55 0.88 23.09
N LYS D 307 57.25 0.02 22.36
CA LYS D 307 58.45 0.40 21.59
C LYS D 307 58.18 1.37 20.46
N GLU D 308 57.05 1.21 19.77
CA GLU D 308 56.74 2.15 18.69
C GLU D 308 56.37 3.52 19.25
N ILE D 309 55.72 3.54 20.41
CA ILE D 309 55.50 4.79 21.18
C ILE D 309 56.84 5.45 21.63
N GLU D 310 57.75 4.66 22.22
CA GLU D 310 59.13 5.10 22.46
C GLU D 310 59.75 5.75 21.23
N GLN D 311 59.79 5.03 20.11
CA GLN D 311 60.47 5.49 18.91
C GLN D 311 59.88 6.75 18.33
N VAL D 312 58.59 6.98 18.57
CA VAL D 312 57.89 7.99 17.79
C VAL D 312 57.45 9.16 18.62
N ILE D 313 57.03 8.90 19.85
CA ILE D 313 56.49 9.93 20.73
C ILE D 313 57.49 10.24 21.86
N GLY D 314 58.24 9.23 22.27
CA GLY D 314 59.09 9.36 23.42
C GLY D 314 58.28 9.22 24.68
N SER D 315 58.97 9.28 25.82
CA SER D 315 58.26 9.21 27.11
C SER D 315 57.96 10.62 27.62
N HIS D 316 58.16 11.60 26.76
CA HIS D 316 57.94 12.98 27.19
C HIS D 316 56.58 13.61 26.86
N ARG D 317 56.30 13.92 25.59
CA ARG D 317 54.98 14.48 25.25
C ARG D 317 53.79 13.52 25.24
N PRO D 318 52.58 14.10 25.27
CA PRO D 318 51.41 13.23 25.16
C PRO D 318 51.29 12.86 23.68
N PRO D 319 50.76 11.64 23.40
CA PRO D 319 50.48 11.28 22.00
C PRO D 319 49.47 12.25 21.44
N ALA D 320 49.70 12.56 20.17
CA ALA D 320 48.83 13.37 19.35
C ALA D 320 48.32 12.64 18.07
N LEU D 321 47.22 13.12 17.48
CA LEU D 321 46.66 12.44 16.31
C LEU D 321 47.64 12.32 15.12
N ASP D 322 48.51 13.30 14.96
CA ASP D 322 49.45 13.27 13.83
C ASP D 322 50.45 12.14 14.00
N ASP D 323 50.48 11.57 15.20
CA ASP D 323 51.37 10.45 15.51
C ASP D 323 50.94 9.18 14.78
N ARG D 324 49.64 9.06 14.51
CA ARG D 324 49.10 7.78 14.05
C ARG D 324 49.71 7.39 12.73
N ALA D 325 49.86 8.37 11.85
CA ALA D 325 50.41 8.11 10.54
C ALA D 325 51.81 7.55 10.63
N LYS D 326 52.50 7.82 11.74
CA LYS D 326 53.91 7.42 11.90
C LYS D 326 54.01 6.19 12.78
N MET D 327 52.85 5.57 13.05
CA MET D 327 52.84 4.36 13.84
C MET D 327 52.02 3.23 13.19
N PRO D 328 52.45 2.75 12.01
CA PRO D 328 51.63 1.74 11.36
C PRO D 328 51.37 0.49 12.21
N TYR D 329 52.30 0.07 13.05
CA TYR D 329 52.03 -1.12 13.86
C TYR D 329 50.93 -0.91 14.96
N THR D 330 50.89 0.29 15.53
CA THR D 330 49.86 0.55 16.51
C THR D 330 48.52 0.67 15.79
N ASP D 331 48.54 1.32 14.65
CA ASP D 331 47.35 1.47 13.83
C ASP D 331 46.81 0.06 13.41
N ALA D 332 47.66 -0.76 12.78
CA ALA D 332 47.28 -2.16 12.44
C ALA D 332 46.70 -2.89 13.66
N VAL D 333 47.34 -2.74 14.80
CA VAL D 333 46.85 -3.39 16.01
C VAL D 333 45.44 -2.93 16.41
N ILE D 334 45.13 -1.65 16.19
CA ILE D 334 43.83 -1.15 16.62
C ILE D 334 42.74 -1.62 15.60
N HIS D 335 43.07 -1.63 14.30
CA HIS D 335 42.20 -2.23 13.29
C HIS D 335 41.85 -3.64 13.75
N GLU D 336 42.88 -4.41 14.06
CA GLU D 336 42.72 -5.78 14.41
C GLU D 336 41.89 -5.96 15.69
N ILE D 337 42.05 -5.06 16.64
CA ILE D 337 41.17 -5.07 17.81
C ILE D 337 39.71 -4.84 17.43
N GLN D 338 39.41 -3.89 16.53
CA GLN D 338 38.04 -3.66 16.12
C GLN D 338 37.52 -4.87 15.28
N ARG D 339 38.37 -5.43 14.40
CA ARG D 339 37.98 -6.57 13.59
C ARG D 339 37.52 -7.80 14.41
N LEU D 340 38.33 -8.25 15.36
CA LEU D 340 37.95 -9.38 16.17
C LEU D 340 36.90 -9.06 17.20
N GLY D 341 36.85 -7.80 17.59
CA GLY D 341 35.92 -7.43 18.62
C GLY D 341 34.51 -7.56 18.04
N ASP D 342 34.37 -7.21 16.75
CA ASP D 342 33.17 -7.52 16.00
C ASP D 342 31.90 -7.18 16.83
N LEU D 343 31.83 -5.97 17.37
CA LEU D 343 30.85 -5.71 18.42
C LEU D 343 29.43 -5.56 17.85
N ILE D 344 29.32 -5.34 16.56
CA ILE D 344 28.02 -5.16 15.90
C ILE D 344 27.95 -6.15 14.77
N PRO D 345 27.80 -7.46 15.10
CA PRO D 345 28.05 -8.53 14.11
C PRO D 345 27.01 -8.59 13.00
N PHE D 346 25.79 -8.14 13.26
CA PHE D 346 24.78 -8.09 12.19
C PHE D 346 24.62 -6.71 11.59
N GLY D 347 25.61 -5.84 11.76
CA GLY D 347 25.42 -4.46 11.39
C GLY D 347 24.12 -3.94 11.97
N VAL D 348 23.55 -2.93 11.33
CA VAL D 348 22.26 -2.41 11.73
C VAL D 348 21.34 -2.69 10.55
N PRO D 349 20.23 -3.39 10.77
CA PRO D 349 19.34 -3.79 9.68
C PRO D 349 18.84 -2.55 9.01
N HIS D 350 18.71 -2.65 7.69
CA HIS D 350 18.12 -1.59 6.89
C HIS D 350 16.95 -2.11 6.08
N THR D 351 16.46 -1.24 5.25
CA THR D 351 15.27 -1.54 4.50
C THR D 351 15.54 -1.08 3.11
N VAL D 352 15.04 -1.79 2.13
CA VAL D 352 15.37 -1.43 0.74
C VAL D 352 14.34 -0.41 0.24
N THR D 353 14.82 0.66 -0.38
CA THR D 353 13.90 1.72 -0.72
C THR D 353 13.18 1.55 -2.05
N LYS D 354 13.41 0.47 -2.80
CA LYS D 354 12.75 0.38 -4.09
C LYS D 354 13.06 -0.98 -4.62
N ASP D 355 12.27 -1.49 -5.58
CA ASP D 355 12.58 -2.79 -6.14
C ASP D 355 13.99 -2.65 -6.67
N THR D 356 14.86 -3.62 -6.34
CA THR D 356 16.32 -3.50 -6.57
C THR D 356 16.87 -4.79 -7.18
N GLN D 357 17.63 -4.63 -8.26
CA GLN D 357 18.34 -5.78 -8.75
C GLN D 357 19.66 -5.95 -7.98
N PHE D 358 19.93 -7.17 -7.51
CA PHE D 358 21.14 -7.39 -6.79
C PHE D 358 21.63 -8.78 -7.07
N ARG D 359 22.82 -8.86 -7.68
CA ARG D 359 23.48 -10.16 -7.95
C ARG D 359 22.56 -11.20 -8.59
N GLY D 360 21.66 -10.73 -9.44
CA GLY D 360 20.87 -11.62 -10.24
C GLY D 360 19.59 -11.95 -9.56
N TYR D 361 19.37 -11.37 -8.40
CA TYR D 361 18.08 -11.50 -7.74
C TYR D 361 17.42 -10.15 -7.69
N VAL D 362 16.18 -10.16 -7.25
CA VAL D 362 15.43 -8.97 -6.96
C VAL D 362 15.03 -8.92 -5.51
N ILE D 363 15.29 -7.76 -4.90
CA ILE D 363 14.86 -7.50 -3.54
C ILE D 363 13.74 -6.48 -3.67
N PRO D 364 12.50 -6.86 -3.33
CA PRO D 364 11.37 -5.92 -3.48
C PRO D 364 11.46 -4.71 -2.52
N LYS D 365 10.94 -3.56 -2.91
CA LYS D 365 10.81 -2.39 -2.05
C LYS D 365 10.43 -2.71 -0.60
N ASN D 366 11.12 -2.09 0.37
CA ASN D 366 10.81 -2.24 1.81
C ASN D 366 11.24 -3.55 2.41
N THR D 367 11.83 -4.45 1.64
CA THR D 367 12.34 -5.64 2.26
C THR D 367 13.43 -5.32 3.28
N GLU D 368 13.33 -5.91 4.47
CA GLU D 368 14.41 -5.82 5.45
C GLU D 368 15.65 -6.58 5.04
N VAL D 369 16.77 -5.93 5.24
CA VAL D 369 18.10 -6.43 4.96
C VAL D 369 19.03 -6.44 6.21
N PHE D 370 19.66 -7.57 6.53
CA PHE D 370 20.85 -7.61 7.43
C PHE D 370 22.18 -7.58 6.67
N PRO D 371 22.96 -6.48 6.80
CA PRO D 371 24.33 -6.52 6.26
C PRO D 371 25.15 -7.17 7.34
N VAL D 372 25.48 -8.45 7.23
CA VAL D 372 26.18 -9.14 8.33
C VAL D 372 27.69 -8.75 8.41
N LEU D 373 28.00 -7.64 9.12
CA LEU D 373 29.34 -7.09 9.13
C LEU D 373 30.35 -8.12 9.64
N SER D 374 29.93 -8.96 10.60
CA SER D 374 30.81 -10.01 11.10
C SER D 374 31.42 -10.85 9.97
N SER D 375 30.62 -11.06 8.94
CA SER D 375 31.02 -11.90 7.81
C SER D 375 32.05 -11.23 6.87
N ALA D 376 32.12 -9.89 6.88
CA ALA D 376 33.22 -9.15 6.23
C ALA D 376 34.48 -9.19 7.10
N LEU D 377 34.31 -8.97 8.38
CA LEU D 377 35.42 -8.79 9.32
C LEU D 377 36.10 -10.14 9.52
N HIS D 378 35.36 -11.22 9.24
CA HIS D 378 35.98 -12.53 9.19
C HIS D 378 36.08 -13.14 7.78
N ASP D 379 36.08 -12.33 6.73
CA ASP D 379 36.03 -12.88 5.38
C ASP D 379 37.38 -13.50 5.01
N PRO D 380 37.44 -14.83 4.77
CA PRO D 380 38.67 -15.54 4.42
C PRO D 380 39.28 -15.09 3.12
N ARG D 381 38.49 -14.45 2.27
CA ARG D 381 39.06 -13.89 1.06
C ARG D 381 39.83 -12.61 1.32
N TYR D 382 39.71 -12.01 2.52
CA TYR D 382 40.37 -10.73 2.80
C TYR D 382 41.39 -10.80 3.97
N PHE D 383 41.22 -11.79 4.83
CA PHE D 383 42.04 -11.95 6.02
C PHE D 383 42.66 -13.34 6.15
N GLU D 384 43.97 -13.43 6.33
CA GLU D 384 44.63 -14.73 6.38
C GLU D 384 44.22 -15.63 7.53
N THR D 385 44.02 -15.08 8.72
CA THR D 385 43.58 -15.89 9.85
C THR D 385 42.37 -15.24 10.47
N PRO D 386 41.24 -15.35 9.79
CA PRO D 386 40.03 -14.61 10.16
C PRO D 386 39.71 -14.69 11.64
N ASN D 387 40.14 -15.76 12.27
CA ASN D 387 39.79 -15.92 13.68
C ASN D 387 40.93 -15.75 14.72
N THR D 388 42.08 -15.24 14.27
CA THR D 388 43.23 -15.14 15.09
C THR D 388 43.71 -13.71 15.01
N PHE D 389 43.93 -13.09 16.17
CA PHE D 389 44.63 -11.80 16.21
C PHE D 389 45.90 -11.81 15.29
N ASN D 390 46.00 -10.90 14.32
CA ASN D 390 47.11 -10.89 13.33
C ASN D 390 47.24 -9.52 12.62
N PRO D 391 47.93 -8.56 13.29
CA PRO D 391 48.13 -7.19 12.81
C PRO D 391 48.66 -7.22 11.37
N GLY D 392 49.27 -8.35 10.99
CA GLY D 392 49.70 -8.56 9.61
C GLY D 392 48.63 -8.38 8.53
N HIS D 393 47.35 -8.58 8.92
CA HIS D 393 46.19 -8.22 8.09
C HIS D 393 46.21 -6.81 7.58
N PHE D 394 46.80 -5.87 8.35
CA PHE D 394 46.86 -4.44 7.99
C PHE D 394 48.25 -3.89 7.64
N LEU D 395 49.23 -4.77 7.65
CA LEU D 395 50.60 -4.40 7.33
C LEU D 395 51.14 -5.03 6.04
N ASP D 396 51.83 -4.25 5.22
CA ASP D 396 52.48 -4.81 4.02
C ASP D 396 53.87 -5.46 4.29
N ALA D 397 54.60 -5.74 3.22
CA ALA D 397 55.94 -6.33 3.36
C ALA D 397 56.90 -5.44 4.15
N ASN D 398 56.99 -4.14 3.80
CA ASN D 398 57.87 -3.17 4.48
C ASN D 398 57.33 -2.70 5.84
N GLY D 399 56.34 -3.42 6.39
CA GLY D 399 55.67 -3.00 7.61
C GLY D 399 54.89 -1.70 7.58
N ALA D 400 54.57 -1.20 6.39
CA ALA D 400 53.66 -0.07 6.27
C ALA D 400 52.15 -0.43 6.42
N LEU D 401 51.31 0.52 6.88
CA LEU D 401 49.86 0.28 6.92
C LEU D 401 49.30 0.02 5.52
N LYS D 402 48.48 -1.03 5.37
CA LYS D 402 47.74 -1.22 4.11
C LYS D 402 46.22 -1.36 4.28
N ARG D 403 45.47 -0.83 3.32
CA ARG D 403 44.02 -0.93 3.36
C ARG D 403 43.68 -2.41 3.25
N ASN D 404 42.68 -2.81 4.03
CA ASN D 404 42.03 -4.10 3.79
C ASN D 404 40.52 -3.92 3.61
N GLU D 405 40.02 -4.30 2.42
CA GLU D 405 38.62 -4.12 2.00
C GLU D 405 37.53 -4.79 2.88
N GLY D 406 37.92 -5.82 3.62
CA GLY D 406 37.05 -6.49 4.56
C GLY D 406 36.90 -5.72 5.87
N PHE D 407 37.65 -4.63 6.04
CA PHE D 407 37.57 -3.94 7.30
C PHE D 407 36.40 -2.96 7.27
N MET D 408 35.32 -3.28 7.99
CA MET D 408 34.14 -2.39 7.94
C MET D 408 33.31 -2.43 9.21
N PRO D 409 33.96 -2.21 10.35
CA PRO D 409 33.23 -2.26 11.62
C PRO D 409 32.32 -1.03 11.82
N PHE D 410 32.57 0.08 11.12
CA PHE D 410 31.66 1.25 11.16
C PHE D 410 30.57 1.17 10.07
N SER D 411 30.60 0.05 9.35
CA SER D 411 29.73 -0.17 8.20
C SER D 411 30.25 0.68 7.04
N LEU D 412 29.39 0.89 6.06
CA LEU D 412 29.78 1.54 4.78
C LEU D 412 28.63 2.34 4.20
N GLY D 413 28.96 3.19 3.25
CA GLY D 413 27.93 3.81 2.44
C GLY D 413 27.27 5.00 3.12
N LYS D 414 26.01 5.22 2.73
CA LYS D 414 25.27 6.44 3.04
C LYS D 414 25.07 6.61 4.54
N ARG D 415 24.86 5.50 5.25
CA ARG D 415 24.75 5.60 6.69
C ARG D 415 25.95 5.08 7.51
N ILE D 416 27.15 5.16 6.96
CA ILE D 416 28.35 4.81 7.72
C ILE D 416 28.34 5.56 9.04
N CYS D 417 28.73 4.88 10.11
CA CYS D 417 28.78 5.47 11.44
C CYS D 417 29.13 6.99 11.48
N LEU D 418 28.21 7.79 12.05
CA LEU D 418 28.42 9.25 12.16
C LEU D 418 29.65 9.51 13.01
N GLY D 419 29.95 8.57 13.91
CA GLY D 419 31.04 8.76 14.85
C GLY D 419 32.36 8.16 14.46
N GLU D 420 32.49 7.72 13.22
CA GLU D 420 33.71 7.02 12.88
C GLU D 420 34.97 7.74 13.29
N GLY D 421 35.10 9.00 12.90
CA GLY D 421 36.24 9.84 13.19
C GLY D 421 36.46 10.08 14.67
N ILE D 422 35.40 10.48 15.41
CA ILE D 422 35.48 10.70 16.86
C ILE D 422 35.94 9.43 17.51
N ALA D 423 35.31 8.29 17.15
CA ALA D 423 35.70 7.00 17.72
C ALA D 423 37.12 6.53 17.40
N ARG D 424 37.52 6.61 16.14
CA ARG D 424 38.85 6.13 15.77
C ARG D 424 39.91 6.98 16.51
N THR D 425 39.60 8.25 16.70
CA THR D 425 40.48 9.18 17.38
C THR D 425 40.55 8.89 18.88
N GLU D 426 39.41 8.66 19.55
CA GLU D 426 39.39 8.20 20.92
C GLU D 426 40.20 6.95 21.10
N LEU D 427 40.17 6.02 20.14
CA LEU D 427 40.82 4.70 20.29
C LEU D 427 42.33 4.87 20.22
N PHE D 428 42.79 5.81 19.42
CA PHE D 428 44.21 5.97 19.24
C PHE D 428 44.80 6.70 20.45
N LEU D 429 44.28 7.87 20.78
CA LEU D 429 44.78 8.62 21.93
C LEU D 429 44.62 7.90 23.27
N PHE D 430 43.49 7.32 23.54
CA PHE D 430 43.39 6.61 24.78
C PHE D 430 44.30 5.41 24.78
N PHE D 431 44.40 4.72 23.67
CA PHE D 431 45.25 3.53 23.63
C PHE D 431 46.73 3.75 23.82
N THR D 432 47.30 4.69 23.10
CA THR D 432 48.70 5.00 23.29
C THR D 432 49.03 5.75 24.58
N THR D 433 48.26 6.77 24.87
CA THR D 433 48.46 7.47 26.12
C THR D 433 48.42 6.53 27.32
N ILE D 434 47.56 5.51 27.34
CA ILE D 434 47.54 4.57 28.48
C ILE D 434 48.82 3.73 28.54
N LEU D 435 49.21 3.18 27.39
CA LEU D 435 50.38 2.29 27.34
C LEU D 435 51.71 3.04 27.40
N GLN D 436 51.73 4.32 27.00
CA GLN D 436 52.89 5.20 27.18
C GLN D 436 53.22 5.38 28.67
N ASN D 437 52.19 5.35 29.52
CA ASN D 437 52.33 5.60 30.96
C ASN D 437 52.16 4.38 31.86
N PHE D 438 51.75 3.27 31.30
CA PHE D 438 51.47 2.11 32.12
C PHE D 438 51.79 0.83 31.42
N SER D 439 51.90 -0.23 32.19
CA SER D 439 51.94 -1.54 31.62
C SER D 439 50.90 -2.30 32.34
N ILE D 440 50.60 -3.51 31.88
CA ILE D 440 49.37 -4.12 32.36
C ILE D 440 49.68 -5.47 32.95
N ALA D 441 48.81 -5.99 33.81
CA ALA D 441 49.01 -7.35 34.25
C ALA D 441 47.75 -7.85 34.82
N SER D 442 47.65 -9.15 35.05
CA SER D 442 46.45 -9.73 35.63
C SER D 442 46.73 -11.13 36.21
N PRO D 443 45.87 -11.54 37.14
CA PRO D 443 45.88 -12.87 37.73
C PRO D 443 45.82 -13.97 36.68
N VAL D 444 45.35 -13.69 35.48
CA VAL D 444 45.25 -14.76 34.48
C VAL D 444 46.43 -14.77 33.54
N PRO D 445 47.03 -15.95 33.35
CA PRO D 445 48.18 -16.16 32.44
C PRO D 445 47.76 -16.01 30.96
N PRO D 446 48.53 -15.30 30.17
CA PRO D 446 48.17 -15.11 28.76
C PRO D 446 47.48 -16.33 28.12
N GLU D 447 48.10 -17.51 28.19
CA GLU D 447 47.59 -18.73 27.57
C GLU D 447 46.13 -19.01 27.95
N ASP D 448 45.71 -18.49 29.11
CA ASP D 448 44.39 -18.77 29.68
C ASP D 448 43.37 -17.62 29.57
N ILE D 449 43.76 -16.46 29.04
CA ILE D 449 42.80 -15.44 28.71
C ILE D 449 41.88 -16.01 27.63
N ASP D 450 40.57 -15.93 27.89
CA ASP D 450 39.57 -16.39 26.91
C ASP D 450 38.82 -15.20 26.28
N LEU D 451 39.06 -14.97 24.99
CA LEU D 451 38.45 -13.84 24.30
C LEU D 451 37.05 -14.10 23.77
N THR D 452 36.43 -15.23 24.12
CA THR D 452 35.09 -15.49 23.57
C THR D 452 33.99 -14.79 24.39
N PRO D 453 33.06 -14.10 23.68
CA PRO D 453 31.98 -13.24 24.19
C PRO D 453 31.09 -14.00 25.14
N ARG D 454 30.85 -13.41 26.30
CA ARG D 454 29.94 -13.97 27.28
C ARG D 454 28.51 -13.98 26.76
N GLU D 455 28.15 -12.85 26.17
CA GLU D 455 26.87 -12.67 25.56
C GLU D 455 27.04 -12.49 24.09
N SER D 456 26.48 -13.43 23.36
CA SER D 456 26.53 -13.46 21.93
C SER D 456 25.15 -13.69 21.39
N GLY D 457 24.34 -12.65 21.39
CA GLY D 457 23.06 -12.70 20.75
C GLY D 457 23.27 -11.86 19.53
N VAL D 458 22.76 -10.65 19.58
CA VAL D 458 22.92 -9.70 18.50
C VAL D 458 24.15 -8.83 18.70
N GLY D 459 24.96 -9.17 19.68
CA GLY D 459 26.14 -8.41 20.03
C GLY D 459 27.25 -9.33 20.44
N ASN D 460 28.43 -8.81 20.65
CA ASN D 460 29.54 -9.65 21.11
C ASN D 460 30.21 -9.03 22.32
N VAL D 461 29.54 -9.06 23.46
CA VAL D 461 30.06 -8.43 24.66
C VAL D 461 31.18 -9.22 25.28
N PRO D 462 32.29 -8.56 25.50
CA PRO D 462 33.51 -9.19 25.99
C PRO D 462 33.36 -9.70 27.39
N PRO D 463 33.99 -10.82 27.72
CA PRO D 463 33.84 -11.32 29.10
C PRO D 463 34.37 -10.28 30.10
N SER D 464 33.79 -10.16 31.28
CA SER D 464 34.40 -9.21 32.21
C SER D 464 35.64 -9.81 32.86
N TYR D 465 36.59 -8.96 33.20
CA TYR D 465 37.90 -9.42 33.60
C TYR D 465 38.55 -8.39 34.53
N GLN D 466 39.68 -8.75 35.14
CA GLN D 466 40.44 -7.80 35.98
C GLN D 466 41.80 -7.55 35.40
N ILE D 467 42.30 -6.36 35.72
CA ILE D 467 43.54 -5.87 35.13
C ILE D 467 44.18 -4.84 36.10
N ARG D 468 45.49 -4.65 36.02
CA ARG D 468 46.20 -3.73 36.87
C ARG D 468 47.03 -2.88 35.96
N PHE D 469 46.97 -1.57 36.24
CA PHE D 469 47.72 -0.59 35.46
C PHE D 469 48.87 -0.11 36.31
N LEU D 470 50.06 -0.58 35.98
CA LEU D 470 51.29 -0.23 36.70
C LEU D 470 52.10 0.83 35.97
N ALA D 471 52.45 1.89 36.68
CA ALA D 471 53.13 2.99 36.08
C ALA D 471 54.51 2.65 35.62
N ARG D 472 54.79 2.97 34.37
CA ARG D 472 56.12 2.87 33.84
C ARG D 472 57.00 3.92 34.46
N HIS D 473 56.45 5.11 34.58
CA HIS D 473 57.18 6.27 35.08
C HIS D 473 58.52 6.39 34.40
#